data_4LWI
# 
_entry.id   4LWI 
# 
_audit_conform.dict_name       mmcif_pdbx.dic 
_audit_conform.dict_version    5.381 
_audit_conform.dict_location   http://mmcif.pdb.org/dictionaries/ascii/mmcif_pdbx.dic 
# 
loop_
_database_2.database_id 
_database_2.database_code 
_database_2.pdbx_database_accession 
_database_2.pdbx_DOI 
PDB   4LWI         pdb_00004lwi 10.2210/pdb4lwi/pdb 
RCSB  RCSB081173   ?            ?                   
WWPDB D_1000081173 ?            ?                   
# 
_pdbx_database_status.status_code                     REL 
_pdbx_database_status.entry_id                        4LWI 
_pdbx_database_status.recvd_initial_deposition_date   2013-07-27 
_pdbx_database_status.deposit_site                    RCSB 
_pdbx_database_status.process_site                    PDBJ 
_pdbx_database_status.methods_development_category    ? 
_pdbx_database_status.status_code_sf                  REL 
_pdbx_database_status.status_code_mr                  ? 
_pdbx_database_status.SG_entry                        ? 
_pdbx_database_status.status_code_cs                  ? 
_pdbx_database_status.pdb_format_compatible           Y 
_pdbx_database_status.status_code_nmr_data            ? 
# 
loop_
_audit_author.name 
_audit_author.pdbx_ordinal 
'Li, J.'    1 
'Shi, F.'   2 
'Xiong, B.' 3 
'He, J.'    4 
# 
_citation.id                        primary 
_citation.title                     'Discovery of potent N-(isoxazol-5-yl)amides as HSP90 inhibitors.' 
_citation.journal_abbrev            Eur.J.Med.Chem. 
_citation.journal_volume            87 
_citation.page_first                765 
_citation.page_last                 781 
_citation.year                      2014 
_citation.journal_id_ASTM           EJMCA5 
_citation.country                   FR 
_citation.journal_id_ISSN           0223-5234 
_citation.journal_id_CSD            0493 
_citation.book_publisher            ? 
_citation.pdbx_database_id_PubMed   25313505 
_citation.pdbx_database_id_DOI      10.1016/j.ejmech.2014.09.065 
# 
loop_
_citation_author.citation_id 
_citation_author.name 
_citation_author.ordinal 
_citation_author.identifier_ORCID 
primary 'Chen, D.'  1  ? 
primary 'Shen, A.'  2  ? 
primary 'Li, J.'    3  ? 
primary 'Shi, F.'   4  ? 
primary 'Chen, W.'  5  ? 
primary 'Ren, J.'   6  ? 
primary 'Liu, H.'   7  ? 
primary 'Xu, Y.'    8  ? 
primary 'Wang, X.'  9  ? 
primary 'Yang, X.'  10 ? 
primary 'Sun, Y.'   11 ? 
primary 'Yang, M.'  12 ? 
primary 'He, J.'    13 ? 
primary 'Wang, Y.'  14 ? 
primary 'Zhang, L.' 15 ? 
primary 'Huang, M.' 16 ? 
primary 'Geng, M.'  17 ? 
primary 'Xiong, B.' 18 ? 
primary 'Shen, J.'  19 ? 
# 
_cell.entry_id           4LWI 
_cell.length_a           65.666 
_cell.length_b           89.256 
_cell.length_c           99.715 
_cell.angle_alpha        90.00 
_cell.angle_beta         90.00 
_cell.angle_gamma        90.00 
_cell.Z_PDB              8 
_cell.pdbx_unique_axis   ? 
_cell.length_a_esd       ? 
_cell.length_b_esd       ? 
_cell.length_c_esd       ? 
_cell.angle_alpha_esd    ? 
_cell.angle_beta_esd     ? 
_cell.angle_gamma_esd    ? 
# 
_symmetry.entry_id                         4LWI 
_symmetry.space_group_name_H-M             'I 2 2 2' 
_symmetry.pdbx_full_space_group_name_H-M   ? 
_symmetry.cell_setting                     ? 
_symmetry.Int_Tables_number                23 
_symmetry.space_group_name_Hall            ? 
# 
loop_
_entity.id 
_entity.type 
_entity.src_method 
_entity.pdbx_description 
_entity.formula_weight 
_entity.pdbx_number_of_molecules 
_entity.pdbx_ec 
_entity.pdbx_mutation 
_entity.pdbx_fragment 
_entity.details 
1 polymer     man 'Heat shock protein HSP 90-alpha'                                                                        
23263.402 1   ? ? 'UNP RESIDUES 17-224' ? 
2 non-polymer syn 'N-{3-[2,4-dihydroxy-5-(propan-2-yl)phenyl]-4-(4-methoxyphenyl)-1,2-oxazol-5-yl}cyclopropanecarboxamide' 408.447 
1   ? ? ?                     ? 
3 water       nat water                                                                                                    18.015 
110 ? ? ?                     ? 
# 
_entity_name_com.entity_id   1 
_entity_name_com.name        'Heat shock 86 kDa, HSP 86, HSP86, Renal carcinoma antigen NY-REN-38' 
# 
_entity_poly.entity_id                      1 
_entity_poly.type                           'polypeptide(L)' 
_entity_poly.nstd_linkage                   no 
_entity_poly.nstd_monomer                   no 
_entity_poly.pdbx_seq_one_letter_code       
;VETFAFQAEIAQLMSLIINTFYSNKEIFLRELISNSSDALDKIRYESLTDPSKLDSGKELHINLIPNKQDRTLTIVDTGI
GMTKADLINNLGTIAKSGTKAFMEALQAGADISMIGQFGVGFYSAYLVAEKVTVITKHNDDEQYAWESSAGGSFTVRTDT
GEPMGRGTKVILHLKEDQTEYLEERRIKEIVKKHSQFIGYPITLFVEK
;
_entity_poly.pdbx_seq_one_letter_code_can   
;VETFAFQAEIAQLMSLIINTFYSNKEIFLRELISNSSDALDKIRYESLTDPSKLDSGKELHINLIPNKQDRTLTIVDTGI
GMTKADLINNLGTIAKSGTKAFMEALQAGADISMIGQFGVGFYSAYLVAEKVTVITKHNDDEQYAWESSAGGSFTVRTDT
GEPMGRGTKVILHLKEDQTEYLEERRIKEIVKKHSQFIGYPITLFVEK
;
_entity_poly.pdbx_strand_id                 A 
_entity_poly.pdbx_target_identifier         ? 
# 
loop_
_entity_poly_seq.entity_id 
_entity_poly_seq.num 
_entity_poly_seq.mon_id 
_entity_poly_seq.hetero 
1 1   VAL n 
1 2   GLU n 
1 3   THR n 
1 4   PHE n 
1 5   ALA n 
1 6   PHE n 
1 7   GLN n 
1 8   ALA n 
1 9   GLU n 
1 10  ILE n 
1 11  ALA n 
1 12  GLN n 
1 13  LEU n 
1 14  MET n 
1 15  SER n 
1 16  LEU n 
1 17  ILE n 
1 18  ILE n 
1 19  ASN n 
1 20  THR n 
1 21  PHE n 
1 22  TYR n 
1 23  SER n 
1 24  ASN n 
1 25  LYS n 
1 26  GLU n 
1 27  ILE n 
1 28  PHE n 
1 29  LEU n 
1 30  ARG n 
1 31  GLU n 
1 32  LEU n 
1 33  ILE n 
1 34  SER n 
1 35  ASN n 
1 36  SER n 
1 37  SER n 
1 38  ASP n 
1 39  ALA n 
1 40  LEU n 
1 41  ASP n 
1 42  LYS n 
1 43  ILE n 
1 44  ARG n 
1 45  TYR n 
1 46  GLU n 
1 47  SER n 
1 48  LEU n 
1 49  THR n 
1 50  ASP n 
1 51  PRO n 
1 52  SER n 
1 53  LYS n 
1 54  LEU n 
1 55  ASP n 
1 56  SER n 
1 57  GLY n 
1 58  LYS n 
1 59  GLU n 
1 60  LEU n 
1 61  HIS n 
1 62  ILE n 
1 63  ASN n 
1 64  LEU n 
1 65  ILE n 
1 66  PRO n 
1 67  ASN n 
1 68  LYS n 
1 69  GLN n 
1 70  ASP n 
1 71  ARG n 
1 72  THR n 
1 73  LEU n 
1 74  THR n 
1 75  ILE n 
1 76  VAL n 
1 77  ASP n 
1 78  THR n 
1 79  GLY n 
1 80  ILE n 
1 81  GLY n 
1 82  MET n 
1 83  THR n 
1 84  LYS n 
1 85  ALA n 
1 86  ASP n 
1 87  LEU n 
1 88  ILE n 
1 89  ASN n 
1 90  ASN n 
1 91  LEU n 
1 92  GLY n 
1 93  THR n 
1 94  ILE n 
1 95  ALA n 
1 96  LYS n 
1 97  SER n 
1 98  GLY n 
1 99  THR n 
1 100 LYS n 
1 101 ALA n 
1 102 PHE n 
1 103 MET n 
1 104 GLU n 
1 105 ALA n 
1 106 LEU n 
1 107 GLN n 
1 108 ALA n 
1 109 GLY n 
1 110 ALA n 
1 111 ASP n 
1 112 ILE n 
1 113 SER n 
1 114 MET n 
1 115 ILE n 
1 116 GLY n 
1 117 GLN n 
1 118 PHE n 
1 119 GLY n 
1 120 VAL n 
1 121 GLY n 
1 122 PHE n 
1 123 TYR n 
1 124 SER n 
1 125 ALA n 
1 126 TYR n 
1 127 LEU n 
1 128 VAL n 
1 129 ALA n 
1 130 GLU n 
1 131 LYS n 
1 132 VAL n 
1 133 THR n 
1 134 VAL n 
1 135 ILE n 
1 136 THR n 
1 137 LYS n 
1 138 HIS n 
1 139 ASN n 
1 140 ASP n 
1 141 ASP n 
1 142 GLU n 
1 143 GLN n 
1 144 TYR n 
1 145 ALA n 
1 146 TRP n 
1 147 GLU n 
1 148 SER n 
1 149 SER n 
1 150 ALA n 
1 151 GLY n 
1 152 GLY n 
1 153 SER n 
1 154 PHE n 
1 155 THR n 
1 156 VAL n 
1 157 ARG n 
1 158 THR n 
1 159 ASP n 
1 160 THR n 
1 161 GLY n 
1 162 GLU n 
1 163 PRO n 
1 164 MET n 
1 165 GLY n 
1 166 ARG n 
1 167 GLY n 
1 168 THR n 
1 169 LYS n 
1 170 VAL n 
1 171 ILE n 
1 172 LEU n 
1 173 HIS n 
1 174 LEU n 
1 175 LYS n 
1 176 GLU n 
1 177 ASP n 
1 178 GLN n 
1 179 THR n 
1 180 GLU n 
1 181 TYR n 
1 182 LEU n 
1 183 GLU n 
1 184 GLU n 
1 185 ARG n 
1 186 ARG n 
1 187 ILE n 
1 188 LYS n 
1 189 GLU n 
1 190 ILE n 
1 191 VAL n 
1 192 LYS n 
1 193 LYS n 
1 194 HIS n 
1 195 SER n 
1 196 GLN n 
1 197 PHE n 
1 198 ILE n 
1 199 GLY n 
1 200 TYR n 
1 201 PRO n 
1 202 ILE n 
1 203 THR n 
1 204 LEU n 
1 205 PHE n 
1 206 VAL n 
1 207 GLU n 
1 208 LYS n 
# 
_entity_src_gen.entity_id                          1 
_entity_src_gen.pdbx_src_id                        1 
_entity_src_gen.pdbx_alt_source_flag               sample 
_entity_src_gen.pdbx_seq_type                      ? 
_entity_src_gen.pdbx_beg_seq_num                   ? 
_entity_src_gen.pdbx_end_seq_num                   ? 
_entity_src_gen.gene_src_common_name               human 
_entity_src_gen.gene_src_genus                     ? 
_entity_src_gen.pdbx_gene_src_gene                 'HSP90AA1, HSP90A, HSPC1, HSPCA' 
_entity_src_gen.gene_src_species                   ? 
_entity_src_gen.gene_src_strain                    ? 
_entity_src_gen.gene_src_tissue                    ? 
_entity_src_gen.gene_src_tissue_fraction           ? 
_entity_src_gen.gene_src_details                   ? 
_entity_src_gen.pdbx_gene_src_fragment             ? 
_entity_src_gen.pdbx_gene_src_scientific_name      'Homo sapiens' 
_entity_src_gen.pdbx_gene_src_ncbi_taxonomy_id     9606 
_entity_src_gen.pdbx_gene_src_variant              ? 
_entity_src_gen.pdbx_gene_src_cell_line            ? 
_entity_src_gen.pdbx_gene_src_atcc                 ? 
_entity_src_gen.pdbx_gene_src_organ                ? 
_entity_src_gen.pdbx_gene_src_organelle            ? 
_entity_src_gen.pdbx_gene_src_cell                 ? 
_entity_src_gen.pdbx_gene_src_cellular_location    ? 
_entity_src_gen.host_org_common_name               ? 
_entity_src_gen.pdbx_host_org_scientific_name      'Escherichia coli' 
_entity_src_gen.pdbx_host_org_ncbi_taxonomy_id     562 
_entity_src_gen.host_org_genus                     ? 
_entity_src_gen.pdbx_host_org_gene                 ? 
_entity_src_gen.pdbx_host_org_organ                ? 
_entity_src_gen.host_org_species                   ? 
_entity_src_gen.pdbx_host_org_tissue               ? 
_entity_src_gen.pdbx_host_org_tissue_fraction      ? 
_entity_src_gen.pdbx_host_org_strain               ? 
_entity_src_gen.pdbx_host_org_variant              ? 
_entity_src_gen.pdbx_host_org_cell_line            ? 
_entity_src_gen.pdbx_host_org_atcc                 ? 
_entity_src_gen.pdbx_host_org_culture_collection   ? 
_entity_src_gen.pdbx_host_org_cell                 ? 
_entity_src_gen.pdbx_host_org_organelle            ? 
_entity_src_gen.pdbx_host_org_cellular_location    ? 
_entity_src_gen.pdbx_host_org_vector_type          ? 
_entity_src_gen.pdbx_host_org_vector               ? 
_entity_src_gen.host_org_details                   ? 
_entity_src_gen.expression_system_id               ? 
_entity_src_gen.plasmid_name                       ? 
_entity_src_gen.plasmid_details                    ? 
_entity_src_gen.pdbx_description                   ? 
# 
_struct_ref.id                         1 
_struct_ref.db_name                    UNP 
_struct_ref.db_code                    HS90A_HUMAN 
_struct_ref.pdbx_db_accession          P07900 
_struct_ref.entity_id                  1 
_struct_ref.pdbx_seq_one_letter_code   
;VETFAFQAEIAQLMSLIINTFYSNKEIFLRELISNSSDALDKIRYESLTDPSKLDSGKELHINLIPNKQDRTLTIVDTGI
GMTKADLINNLGTIAKSGTKAFMEALQAGADISMIGQFGVGFYSAYLVAEKVTVITKHNDDEQYAWESSAGGSFTVRTDT
GEPMGRGTKVILHLKEDQTEYLEERRIKEIVKKHSQFIGYPITLFVEK
;
_struct_ref.pdbx_align_begin           17 
_struct_ref.pdbx_db_isoform            ? 
# 
_struct_ref_seq.align_id                      1 
_struct_ref_seq.ref_id                        1 
_struct_ref_seq.pdbx_PDB_id_code              4LWI 
_struct_ref_seq.pdbx_strand_id                A 
_struct_ref_seq.seq_align_beg                 1 
_struct_ref_seq.pdbx_seq_align_beg_ins_code   ? 
_struct_ref_seq.seq_align_end                 208 
_struct_ref_seq.pdbx_seq_align_end_ins_code   ? 
_struct_ref_seq.pdbx_db_accession             P07900 
_struct_ref_seq.db_align_beg                  17 
_struct_ref_seq.pdbx_db_align_beg_ins_code    ? 
_struct_ref_seq.db_align_end                  224 
_struct_ref_seq.pdbx_db_align_end_ins_code    ? 
_struct_ref_seq.pdbx_auth_seq_align_beg       17 
_struct_ref_seq.pdbx_auth_seq_align_end       224 
# 
loop_
_chem_comp.id 
_chem_comp.type 
_chem_comp.mon_nstd_flag 
_chem_comp.name 
_chem_comp.pdbx_synonyms 
_chem_comp.formula 
_chem_comp.formula_weight 
ALA 'L-peptide linking' y ALANINE                                                                                                  
? 'C3 H7 N O2'     89.093  
ARG 'L-peptide linking' y ARGININE                                                                                                 
? 'C6 H15 N4 O2 1' 175.209 
ASN 'L-peptide linking' y ASPARAGINE                                                                                               
? 'C4 H8 N2 O3'    132.118 
ASP 'L-peptide linking' y 'ASPARTIC ACID'                                                                                          
? 'C4 H7 N O4'     133.103 
FJ6 non-polymer         . 'N-{3-[2,4-dihydroxy-5-(propan-2-yl)phenyl]-4-(4-methoxyphenyl)-1,2-oxazol-5-yl}cyclopropanecarboxamide' 
? 'C23 H24 N2 O5'  408.447 
GLN 'L-peptide linking' y GLUTAMINE                                                                                                
? 'C5 H10 N2 O3'   146.144 
GLU 'L-peptide linking' y 'GLUTAMIC ACID'                                                                                          
? 'C5 H9 N O4'     147.129 
GLY 'peptide linking'   y GLYCINE                                                                                                  
? 'C2 H5 N O2'     75.067  
HIS 'L-peptide linking' y HISTIDINE                                                                                                
? 'C6 H10 N3 O2 1' 156.162 
HOH non-polymer         . WATER                                                                                                    
? 'H2 O'           18.015  
ILE 'L-peptide linking' y ISOLEUCINE                                                                                               
? 'C6 H13 N O2'    131.173 
LEU 'L-peptide linking' y LEUCINE                                                                                                  
? 'C6 H13 N O2'    131.173 
LYS 'L-peptide linking' y LYSINE                                                                                                   
? 'C6 H15 N2 O2 1' 147.195 
MET 'L-peptide linking' y METHIONINE                                                                                               
? 'C5 H11 N O2 S'  149.211 
PHE 'L-peptide linking' y PHENYLALANINE                                                                                            
? 'C9 H11 N O2'    165.189 
PRO 'L-peptide linking' y PROLINE                                                                                                  
? 'C5 H9 N O2'     115.130 
SER 'L-peptide linking' y SERINE                                                                                                   
? 'C3 H7 N O3'     105.093 
THR 'L-peptide linking' y THREONINE                                                                                                
? 'C4 H9 N O3'     119.119 
TRP 'L-peptide linking' y TRYPTOPHAN                                                                                               
? 'C11 H12 N2 O2'  204.225 
TYR 'L-peptide linking' y TYROSINE                                                                                                 
? 'C9 H11 N O3'    181.189 
VAL 'L-peptide linking' y VALINE                                                                                                   
? 'C5 H11 N O2'    117.146 
# 
_exptl.entry_id          4LWI 
_exptl.method            'X-RAY DIFFRACTION' 
_exptl.crystals_number   1 
# 
_exptl_crystal.id                    1 
_exptl_crystal.density_meas          ? 
_exptl_crystal.density_Matthews      3.14 
_exptl_crystal.density_percent_sol   60.83 
_exptl_crystal.description           ? 
_exptl_crystal.F_000                 ? 
_exptl_crystal.preparation           ? 
# 
_diffrn.id                     1 
_diffrn.ambient_temp           100 
_diffrn.ambient_temp_details   ? 
_diffrn.crystal_id             1 
# 
_diffrn_detector.diffrn_id              1 
_diffrn_detector.detector               CCD 
_diffrn_detector.type                   'ADSC QUANTUM 315r' 
_diffrn_detector.pdbx_collection_date   ? 
_diffrn_detector.details                ? 
# 
_diffrn_radiation.diffrn_id                        1 
_diffrn_radiation.wavelength_id                    1 
_diffrn_radiation.pdbx_monochromatic_or_laue_m_l   M 
_diffrn_radiation.monochromator                    0.97923 
_diffrn_radiation.pdbx_diffrn_protocol             'SINGLE WAVELENGTH' 
_diffrn_radiation.pdbx_scattering_type             x-ray 
# 
_diffrn_radiation_wavelength.id           1 
_diffrn_radiation_wavelength.wavelength   . 
_diffrn_radiation_wavelength.wt           1.0 
# 
_diffrn_source.diffrn_id                   1 
_diffrn_source.source                      SYNCHROTRON 
_diffrn_source.type                        'SSRF BEAMLINE BL17U' 
_diffrn_source.pdbx_synchrotron_site       SSRF 
_diffrn_source.pdbx_synchrotron_beamline   BL17U 
_diffrn_source.pdbx_wavelength             ? 
_diffrn_source.pdbx_wavelength_list        ? 
# 
_reflns.entry_id                     4LWI 
_reflns.observed_criterion_sigma_I   2.0 
_reflns.observed_criterion_sigma_F   2.0 
_reflns.d_resolution_low             34.615 
_reflns.d_resolution_high            1.70 
_reflns.number_obs                   32571 
_reflns.number_all                   ? 
_reflns.percent_possible_obs         99.9 
_reflns.pdbx_Rmerge_I_obs            0.076 
_reflns.pdbx_Rsym_value              0.076 
_reflns.pdbx_netI_over_sigmaI        48.273 
_reflns.B_iso_Wilson_estimate        ? 
_reflns.pdbx_redundancy              7.3 
_reflns.R_free_details               ? 
_reflns.limit_h_max                  ? 
_reflns.limit_h_min                  ? 
_reflns.limit_k_max                  ? 
_reflns.limit_k_min                  ? 
_reflns.limit_l_max                  ? 
_reflns.limit_l_min                  ? 
_reflns.observed_criterion_F_max     ? 
_reflns.observed_criterion_F_min     ? 
_reflns.pdbx_chi_squared             ? 
_reflns.pdbx_scaling_rejects         ? 
_reflns.pdbx_ordinal                 1 
_reflns.pdbx_diffrn_id               1 
# 
_refine.pdbx_refine_id                           'X-RAY DIFFRACTION' 
_refine.entry_id                                 4LWI 
_refine.pdbx_diffrn_id                           1 
_refine.pdbx_TLS_residual_ADP_flag               ? 
_refine.ls_number_reflns_obs                     31624 
_refine.ls_number_reflns_all                     ? 
_refine.pdbx_ls_sigma_I                          ? 
_refine.pdbx_ls_sigma_F                          0.21 
_refine.pdbx_data_cutoff_high_absF               ? 
_refine.pdbx_data_cutoff_low_absF                ? 
_refine.pdbx_data_cutoff_high_rms_absF           ? 
_refine.ls_d_res_low                             34.615 
_refine.ls_d_res_high                            1.700 
_refine.ls_percent_reflns_obs                    97.10 
_refine.ls_R_factor_obs                          0.1922 
_refine.ls_R_factor_all                          ? 
_refine.ls_R_factor_R_work                       0.1908 
_refine.ls_R_factor_R_free                       0.2133 
_refine.ls_R_factor_R_free_error                 ? 
_refine.ls_R_factor_R_free_error_details         ? 
_refine.ls_percent_reflns_R_free                 6.32 
_refine.ls_number_reflns_R_free                  2000 
_refine.ls_number_parameters                     ? 
_refine.ls_number_restraints                     ? 
_refine.occupancy_min                            ? 
_refine.occupancy_max                            ? 
_refine.correlation_coeff_Fo_to_Fc               ? 
_refine.correlation_coeff_Fo_to_Fc_free          ? 
_refine.B_iso_mean                               ? 
_refine.aniso_B[1][1]                            ? 
_refine.aniso_B[2][2]                            ? 
_refine.aniso_B[3][3]                            ? 
_refine.aniso_B[1][2]                            ? 
_refine.aniso_B[1][3]                            ? 
_refine.aniso_B[2][3]                            ? 
_refine.solvent_model_details                    'FLAT BULK SOLVENT MODEL' 
_refine.solvent_model_param_ksol                 ? 
_refine.solvent_model_param_bsol                 ? 
_refine.pdbx_solvent_vdw_probe_radii             1.11 
_refine.pdbx_solvent_ion_probe_radii             ? 
_refine.pdbx_solvent_shrinkage_radii             0.90 
_refine.pdbx_ls_cross_valid_method               ? 
_refine.details                                  ? 
_refine.pdbx_starting_model                      3T0Z 
_refine.pdbx_method_to_determine_struct          'MOLECULAR REPLACEMENT' 
_refine.pdbx_isotropic_thermal_model             ? 
_refine.pdbx_stereochemistry_target_values       MLHL 
_refine.pdbx_stereochem_target_val_spec_case     ? 
_refine.pdbx_R_Free_selection_details            ? 
_refine.pdbx_overall_ESU_R                       ? 
_refine.pdbx_overall_ESU_R_Free                  ? 
_refine.overall_SU_ML                            0.14 
_refine.pdbx_overall_phase_error                 19.31 
_refine.overall_SU_B                             ? 
_refine.overall_SU_R_Cruickshank_DPI             ? 
_refine.pdbx_overall_SU_R_free_Cruickshank_DPI   ? 
_refine.pdbx_overall_SU_R_Blow_DPI               ? 
_refine.pdbx_overall_SU_R_free_Blow_DPI          ? 
_refine.ls_redundancy_reflns_obs                 ? 
_refine.B_iso_min                                ? 
_refine.B_iso_max                                ? 
_refine.overall_SU_R_free                        ? 
_refine.ls_wR_factor_R_free                      ? 
_refine.ls_wR_factor_R_work                      ? 
_refine.overall_FOM_free_R_set                   ? 
_refine.overall_FOM_work_R_set                   ? 
# 
_refine_hist.pdbx_refine_id                   'X-RAY DIFFRACTION' 
_refine_hist.cycle_id                         LAST 
_refine_hist.pdbx_number_atoms_protein        1626 
_refine_hist.pdbx_number_atoms_nucleic_acid   0 
_refine_hist.pdbx_number_atoms_ligand         30 
_refine_hist.number_atoms_solvent             110 
_refine_hist.number_atoms_total               1766 
_refine_hist.d_res_high                       1.700 
_refine_hist.d_res_low                        34.615 
# 
loop_
_refine_ls_restr.type 
_refine_ls_restr.dev_ideal 
_refine_ls_restr.dev_ideal_target 
_refine_ls_restr.weight 
_refine_ls_restr.number 
_refine_ls_restr.pdbx_refine_id 
_refine_ls_restr.pdbx_restraint_function 
f_bond_d           0.006  ? ? 1685 'X-RAY DIFFRACTION' ? 
f_angle_d          1.113  ? ? 2276 'X-RAY DIFFRACTION' ? 
f_dihedral_angle_d 14.942 ? ? 630  'X-RAY DIFFRACTION' ? 
f_chiral_restr     0.075  ? ? 257  'X-RAY DIFFRACTION' ? 
f_plane_restr      0.004  ? ? 289  'X-RAY DIFFRACTION' ? 
# 
loop_
_refine_ls_shell.pdbx_refine_id 
_refine_ls_shell.pdbx_total_number_of_bins_used 
_refine_ls_shell.d_res_high 
_refine_ls_shell.d_res_low 
_refine_ls_shell.number_reflns_R_work 
_refine_ls_shell.R_factor_R_work 
_refine_ls_shell.percent_reflns_obs 
_refine_ls_shell.R_factor_R_free 
_refine_ls_shell.R_factor_R_free_error 
_refine_ls_shell.percent_reflns_R_free 
_refine_ls_shell.number_reflns_R_free 
_refine_ls_shell.number_reflns_all 
_refine_ls_shell.R_factor_all 
_refine_ls_shell.redundancy_reflns_obs 
_refine_ls_shell.number_reflns_obs 
'X-RAY DIFFRACTION' 14 1.7003 1.7429  1895 0.1934 89.00  0.2291 . . 127 . . . . 
'X-RAY DIFFRACTION' 14 1.7429 1.7900  1988 0.1901 92.00  0.2446 . . 135 . . . . 
'X-RAY DIFFRACTION' 14 1.7900 1.8426  2028 0.1892 95.00  0.2054 . . 137 . . . . 
'X-RAY DIFFRACTION' 14 1.8426 1.9021  2073 0.1849 95.00  0.1921 . . 140 . . . . 
'X-RAY DIFFRACTION' 14 1.9021 1.9701  2094 0.1851 97.00  0.2433 . . 141 . . . . 
'X-RAY DIFFRACTION' 14 1.9701 2.0490  2102 0.1879 98.00  0.2164 . . 142 . . . . 
'X-RAY DIFFRACTION' 14 2.0490 2.1422  2125 0.1949 98.00  0.1855 . . 144 . . . . 
'X-RAY DIFFRACTION' 14 2.1422 2.2551  2159 0.1858 99.00  0.2288 . . 146 . . . . 
'X-RAY DIFFRACTION' 14 2.2551 2.3964  2142 0.1998 99.00  0.2449 . . 144 . . . . 
'X-RAY DIFFRACTION' 14 2.3964 2.5814  2153 0.2127 99.00  0.2204 . . 145 . . . . 
'X-RAY DIFFRACTION' 14 2.5814 2.8410  2180 0.2175 99.00  0.2586 . . 148 . . . . 
'X-RAY DIFFRACTION' 14 2.8410 3.2519  2177 0.2131 99.00  0.2124 . . 147 . . . . 
'X-RAY DIFFRACTION' 14 3.2519 4.0960  2214 0.1786 100.00 0.2080 . . 150 . . . . 
'X-RAY DIFFRACTION' 14 4.0960 34.6224 2294 0.1692 99.00  0.1826 . . 154 . . . . 
# 
_struct.entry_id                  4LWI 
_struct.title                     'Crystal Structure of the human Hsp90-alpha N-domain bound to the hsp90 inhibitor FJ6' 
_struct.pdbx_model_details        ? 
_struct.pdbx_CASP_flag            ? 
_struct.pdbx_model_type_details   ? 
# 
_struct_keywords.entry_id        4LWI 
_struct_keywords.pdbx_keywords   CHAPERONE 
_struct_keywords.text            'Rossmann Fold, ATP Binding, molecularchaperone, CHAPERONE' 
# 
loop_
_struct_asym.id 
_struct_asym.pdbx_blank_PDB_chainid_flag 
_struct_asym.pdbx_modified 
_struct_asym.entity_id 
_struct_asym.details 
A N N 1 ? 
B N N 2 ? 
C N N 3 ? 
# 
_struct_biol.id        1 
_struct_biol.details   ? 
# 
loop_
_struct_conf.conf_type_id 
_struct_conf.id 
_struct_conf.pdbx_PDB_helix_id 
_struct_conf.beg_label_comp_id 
_struct_conf.beg_label_asym_id 
_struct_conf.beg_label_seq_id 
_struct_conf.pdbx_beg_PDB_ins_code 
_struct_conf.end_label_comp_id 
_struct_conf.end_label_asym_id 
_struct_conf.end_label_seq_id 
_struct_conf.pdbx_end_PDB_ins_code 
_struct_conf.beg_auth_comp_id 
_struct_conf.beg_auth_asym_id 
_struct_conf.beg_auth_seq_id 
_struct_conf.end_auth_comp_id 
_struct_conf.end_auth_asym_id 
_struct_conf.end_auth_seq_id 
_struct_conf.pdbx_PDB_helix_class 
_struct_conf.details 
_struct_conf.pdbx_PDB_helix_length 
HELX_P HELX_P1  1  GLN A 7   ? THR A 20  ? GLN A 23  THR A 36  1 ? 14 
HELX_P HELX_P2  2  GLU A 26  ? ASP A 50  ? GLU A 42  ASP A 66  1 ? 25 
HELX_P HELX_P3  3  PRO A 51  ? ASP A 55  ? PRO A 67  ASP A 71  5 ? 5  
HELX_P HELX_P4  4  THR A 83  ? ASN A 89  ? THR A 99  ASN A 105 1 ? 7  
HELX_P HELX_P5  5  ASN A 90  ? THR A 93  ? ASN A 106 THR A 109 5 ? 4  
HELX_P HELX_P6  6  ILE A 94  ? GLU A 104 ? ILE A 110 GLU A 120 1 ? 11 
HELX_P HELX_P7  7  ASP A 111 ? GLY A 119 ? ASP A 127 GLY A 135 5 ? 9  
HELX_P HELX_P8  8  VAL A 120 ? LEU A 127 ? VAL A 136 LEU A 143 5 ? 8  
HELX_P HELX_P9  9  GLU A 176 ? LEU A 182 ? GLU A 192 LEU A 198 5 ? 7  
HELX_P HELX_P10 10 GLU A 183 ? SER A 195 ? GLU A 199 SER A 211 1 ? 13 
# 
_struct_conf_type.id          HELX_P 
_struct_conf_type.criteria    ? 
_struct_conf_type.reference   ? 
# 
_struct_sheet.id               A 
_struct_sheet.type             ? 
_struct_sheet.number_strands   8 
_struct_sheet.details          ? 
# 
loop_
_struct_sheet_order.sheet_id 
_struct_sheet_order.range_id_1 
_struct_sheet_order.range_id_2 
_struct_sheet_order.offset 
_struct_sheet_order.sense 
A 1 2 ? anti-parallel 
A 2 3 ? anti-parallel 
A 3 4 ? anti-parallel 
A 4 5 ? anti-parallel 
A 5 6 ? anti-parallel 
A 6 7 ? anti-parallel 
A 7 8 ? parallel      
# 
loop_
_struct_sheet_range.sheet_id 
_struct_sheet_range.id 
_struct_sheet_range.beg_label_comp_id 
_struct_sheet_range.beg_label_asym_id 
_struct_sheet_range.beg_label_seq_id 
_struct_sheet_range.pdbx_beg_PDB_ins_code 
_struct_sheet_range.end_label_comp_id 
_struct_sheet_range.end_label_asym_id 
_struct_sheet_range.end_label_seq_id 
_struct_sheet_range.pdbx_end_PDB_ins_code 
_struct_sheet_range.beg_auth_comp_id 
_struct_sheet_range.beg_auth_asym_id 
_struct_sheet_range.beg_auth_seq_id 
_struct_sheet_range.end_auth_comp_id 
_struct_sheet_range.end_auth_asym_id 
_struct_sheet_range.end_auth_seq_id 
A 1 GLU A 2   ? ALA A 5   ? GLU A 18  ALA A 21  
A 2 SER A 153 ? THR A 158 ? SER A 169 THR A 174 
A 3 TYR A 144 ? SER A 148 ? TYR A 160 SER A 164 
A 4 ALA A 129 ? LYS A 137 ? ALA A 145 LYS A 153 
A 5 GLY A 167 ? LEU A 174 ? GLY A 183 LEU A 190 
A 6 THR A 72  ? ASP A 77  ? THR A 88  ASP A 93  
A 7 ILE A 62  ? ASN A 67  ? ILE A 78  ASN A 83  
A 8 ILE A 202 ? LEU A 204 ? ILE A 218 LEU A 220 
# 
loop_
_pdbx_struct_sheet_hbond.sheet_id 
_pdbx_struct_sheet_hbond.range_id_1 
_pdbx_struct_sheet_hbond.range_id_2 
_pdbx_struct_sheet_hbond.range_1_label_atom_id 
_pdbx_struct_sheet_hbond.range_1_label_comp_id 
_pdbx_struct_sheet_hbond.range_1_label_asym_id 
_pdbx_struct_sheet_hbond.range_1_label_seq_id 
_pdbx_struct_sheet_hbond.range_1_PDB_ins_code 
_pdbx_struct_sheet_hbond.range_1_auth_atom_id 
_pdbx_struct_sheet_hbond.range_1_auth_comp_id 
_pdbx_struct_sheet_hbond.range_1_auth_asym_id 
_pdbx_struct_sheet_hbond.range_1_auth_seq_id 
_pdbx_struct_sheet_hbond.range_2_label_atom_id 
_pdbx_struct_sheet_hbond.range_2_label_comp_id 
_pdbx_struct_sheet_hbond.range_2_label_asym_id 
_pdbx_struct_sheet_hbond.range_2_label_seq_id 
_pdbx_struct_sheet_hbond.range_2_PDB_ins_code 
_pdbx_struct_sheet_hbond.range_2_auth_atom_id 
_pdbx_struct_sheet_hbond.range_2_auth_comp_id 
_pdbx_struct_sheet_hbond.range_2_auth_asym_id 
_pdbx_struct_sheet_hbond.range_2_auth_seq_id 
A 1 2 N PHE A 4   ? N PHE A 20  O PHE A 154 ? O PHE A 170 
A 2 3 O ARG A 157 ? O ARG A 173 N ALA A 145 ? N ALA A 161 
A 3 4 O TRP A 146 ? O TRP A 162 N VAL A 134 ? N VAL A 150 
A 4 5 N THR A 133 ? N THR A 149 O ILE A 171 ? O ILE A 187 
A 5 6 O VAL A 170 ? O VAL A 186 N ILE A 75  ? N ILE A 91  
A 6 7 O THR A 74  ? O THR A 90  N ILE A 65  ? N ILE A 81  
A 7 8 N LEU A 64  ? N LEU A 80  O THR A 203 ? O THR A 219 
# 
_struct_site.id                   AC1 
_struct_site.pdbx_evidence_code   Software 
_struct_site.pdbx_auth_asym_id    A 
_struct_site.pdbx_auth_comp_id    FJ6 
_struct_site.pdbx_auth_seq_id     301 
_struct_site.pdbx_auth_ins_code   ? 
_struct_site.pdbx_num_residues    18 
_struct_site.details              'BINDING SITE FOR RESIDUE FJ6 A 301' 
# 
loop_
_struct_site_gen.id 
_struct_site_gen.site_id 
_struct_site_gen.pdbx_num_res 
_struct_site_gen.label_comp_id 
_struct_site_gen.label_asym_id 
_struct_site_gen.label_seq_id 
_struct_site_gen.pdbx_auth_ins_code 
_struct_site_gen.auth_comp_id 
_struct_site_gen.auth_asym_id 
_struct_site_gen.auth_seq_id 
_struct_site_gen.label_atom_id 
_struct_site_gen.label_alt_id 
_struct_site_gen.symmetry 
_struct_site_gen.details 
1  AC1 18 LEU A 32  ? LEU A 48  . ? 1_555 ? 
2  AC1 18 ASN A 35  ? ASN A 51  . ? 1_555 ? 
3  AC1 18 ASP A 38  ? ASP A 54  . ? 1_555 ? 
4  AC1 18 ALA A 39  ? ALA A 55  . ? 1_555 ? 
5  AC1 18 LYS A 42  ? LYS A 58  . ? 1_555 ? 
6  AC1 18 ASP A 77  ? ASP A 93  . ? 1_555 ? 
7  AC1 18 ILE A 80  ? ILE A 96  . ? 1_555 ? 
8  AC1 18 GLY A 81  ? GLY A 97  . ? 1_555 ? 
9  AC1 18 MET A 82  ? MET A 98  . ? 1_555 ? 
10 AC1 18 LEU A 91  ? LEU A 107 . ? 1_555 ? 
11 AC1 18 GLY A 92  ? GLY A 108 . ? 1_555 ? 
12 AC1 18 PHE A 122 ? PHE A 138 . ? 1_555 ? 
13 AC1 18 THR A 168 ? THR A 184 . ? 1_555 ? 
14 AC1 18 VAL A 170 ? VAL A 186 . ? 1_555 ? 
15 AC1 18 HOH C .   ? HOH A 402 . ? 1_555 ? 
16 AC1 18 HOH C .   ? HOH A 403 . ? 1_555 ? 
17 AC1 18 HOH C .   ? HOH A 431 . ? 1_555 ? 
18 AC1 18 HOH C .   ? HOH A 443 . ? 1_555 ? 
# 
_atom_sites.entry_id                    4LWI 
_atom_sites.fract_transf_matrix[1][1]   -0.01186134 
_atom_sites.fract_transf_matrix[1][2]   -0.00779955 
_atom_sites.fract_transf_matrix[1][3]   -0.00551345 
_atom_sites.fract_transf_matrix[2][1]   -0.00429278 
_atom_sites.fract_transf_matrix[2][2]   0.00947337 
_atom_sites.fract_transf_matrix[2][3]   -0.00416615 
_atom_sites.fract_transf_matrix[3][1]   0.00497995 
_atom_sites.fract_transf_matrix[3][2]   -0.00151342 
_atom_sites.fract_transf_matrix[3][3]   -0.00857266 
_atom_sites.fract_transf_vector[1]      0.004478 
_atom_sites.fract_transf_vector[2]      -0.340929 
_atom_sites.fract_transf_vector[3]      -0.205936 
# 
loop_
_atom_type.symbol 
C 
N 
O 
S 
# 
loop_
_atom_site.group_PDB 
_atom_site.id 
_atom_site.type_symbol 
_atom_site.label_atom_id 
_atom_site.label_alt_id 
_atom_site.label_comp_id 
_atom_site.label_asym_id 
_atom_site.label_entity_id 
_atom_site.label_seq_id 
_atom_site.pdbx_PDB_ins_code 
_atom_site.Cartn_x 
_atom_site.Cartn_y 
_atom_site.Cartn_z 
_atom_site.occupancy 
_atom_site.B_iso_or_equiv 
_atom_site.pdbx_formal_charge 
_atom_site.auth_seq_id 
_atom_site.auth_comp_id 
_atom_site.auth_asym_id 
_atom_site.auth_atom_id 
_atom_site.pdbx_PDB_model_num 
ATOM   1    N N   . VAL A 1 1   ? -7.768  17.112  11.830  1.00 25.47 ? 17  VAL A N   1 
ATOM   2    C CA  . VAL A 1 1   ? -6.658  16.561  11.053  1.00 22.00 ? 17  VAL A CA  1 
ATOM   3    C C   . VAL A 1 1   ? -5.346  16.722  11.817  1.00 23.18 ? 17  VAL A C   1 
ATOM   4    O O   . VAL A 1 1   ? -4.993  17.835  12.215  1.00 25.47 ? 17  VAL A O   1 
ATOM   5    C CB  . VAL A 1 1   ? -6.525  17.272  9.696   1.00 22.66 ? 17  VAL A CB  1 
ATOM   6    C CG1 . VAL A 1 1   ? -5.355  16.698  8.900   1.00 28.57 ? 17  VAL A CG1 1 
ATOM   7    C CG2 . VAL A 1 1   ? -7.816  17.161  8.908   1.00 31.02 ? 17  VAL A CG2 1 
ATOM   8    N N   . GLU A 1 2   ? -4.629  15.618  12.029  1.00 18.59 ? 18  GLU A N   1 
ATOM   9    C CA  . GLU A 1 2   ? -3.345  15.668  12.720  1.00 18.90 ? 18  GLU A CA  1 
ATOM   10   C C   . GLU A 1 2   ? -2.213  15.504  11.704  1.00 19.95 ? 18  GLU A C   1 
ATOM   11   O O   . GLU A 1 2   ? -2.269  14.630  10.830  1.00 16.95 ? 18  GLU A O   1 
ATOM   12   C CB  . GLU A 1 2   ? -3.255  14.567  13.782  1.00 20.58 ? 18  GLU A CB  1 
ATOM   13   C CG  . GLU A 1 2   ? -4.251  14.703  14.927  1.00 22.49 ? 18  GLU A CG  1 
ATOM   14   C CD  . GLU A 1 2   ? -4.165  13.559  15.917  1.00 25.31 ? 18  GLU A CD  1 
ATOM   15   O OE1 . GLU A 1 2   ? -4.566  12.432  15.567  1.00 29.07 ? 18  GLU A OE1 1 
ATOM   16   O OE2 . GLU A 1 2   ? -3.703  13.781  17.054  1.00 29.80 ? 18  GLU A OE2 1 
ATOM   17   N N   . THR A 1 3   ? -1.196  16.351  11.820  1.00 17.01 ? 19  THR A N   1 
ATOM   18   C CA  . THR A 1 3   ? -0.050  16.315  10.916  1.00 16.91 ? 19  THR A CA  1 
ATOM   19   C C   . THR A 1 3   ? 1.192   15.860  11.679  1.00 15.73 ? 19  THR A C   1 
ATOM   20   O O   . THR A 1 3   ? 1.477   16.357  12.766  1.00 15.87 ? 19  THR A O   1 
ATOM   21   C CB  . THR A 1 3   ? 0.204   17.709  10.295  1.00 16.97 ? 19  THR A CB  1 
ATOM   22   O OG1 . THR A 1 3   ? -0.997  18.170  9.664   1.00 17.65 ? 19  THR A OG1 1 
ATOM   23   C CG2 . THR A 1 3   ? 1.323   17.649  9.255   1.00 17.24 ? 19  THR A CG2 1 
ATOM   24   N N   . PHE A 1 4   ? 1.924   14.911  11.101  1.00 15.53 ? 20  PHE A N   1 
ATOM   25   C CA  . PHE A 1 4   ? 3.086   14.296  11.733  1.00 16.90 ? 20  PHE A CA  1 
ATOM   26   C C   . PHE A 1 4   ? 4.305   14.422  10.826  1.00 13.85 ? 20  PHE A C   1 
ATOM   27   O O   . PHE A 1 4   ? 4.181   14.441  9.600   1.00 15.88 ? 20  PHE A O   1 
ATOM   28   C CB  . PHE A 1 4   ? 2.850   12.795  11.942  1.00 15.57 ? 20  PHE A CB  1 
ATOM   29   C CG  . PHE A 1 4   ? 1.684   12.465  12.830  1.00 16.91 ? 20  PHE A CG  1 
ATOM   30   C CD1 . PHE A 1 4   ? 1.882   12.180  14.173  1.00 19.58 ? 20  PHE A CD1 1 
ATOM   31   C CD2 . PHE A 1 4   ? 0.397   12.403  12.315  1.00 18.77 ? 20  PHE A CD2 1 
ATOM   32   C CE1 . PHE A 1 4   ? 0.806   11.860  15.000  1.00 21.30 ? 20  PHE A CE1 1 
ATOM   33   C CE2 . PHE A 1 4   ? -0.688  12.085  13.138  1.00 19.99 ? 20  PHE A CE2 1 
ATOM   34   C CZ  . PHE A 1 4   ? -0.476  11.812  14.474  1.00 19.30 ? 20  PHE A CZ  1 
ATOM   35   N N   . ALA A 1 5   ? 5.491   14.481  11.423  1.00 15.53 ? 21  ALA A N   1 
ATOM   36   C CA  . ALA A 1 5   ? 6.712   14.413  10.633  1.00 15.08 ? 21  ALA A CA  1 
ATOM   37   C C   . ALA A 1 5   ? 7.151   12.957  10.472  1.00 16.22 ? 21  ALA A C   1 
ATOM   38   O O   . ALA A 1 5   ? 7.120   12.181  11.432  1.00 17.74 ? 21  ALA A O   1 
ATOM   39   C CB  . ALA A 1 5   ? 7.817   15.224  11.289  1.00 16.00 ? 21  ALA A CB  1 
ATOM   40   N N   . PHE A 1 6   ? 7.572   12.583  9.269   1.00 16.54 ? 22  PHE A N   1 
ATOM   41   C CA  . PHE A 1 6   ? 8.202   11.279  9.094   1.00 18.15 ? 22  PHE A CA  1 
ATOM   42   C C   . PHE A 1 6   ? 9.489   11.242  9.893   1.00 17.29 ? 22  PHE A C   1 
ATOM   43   O O   . PHE A 1 6   ? 10.188  12.261  10.016  1.00 19.40 ? 22  PHE A O   1 
ATOM   44   C CB  . PHE A 1 6   ? 8.561   11.031  7.628   1.00 15.78 ? 22  PHE A CB  1 
ATOM   45   C CG  . PHE A 1 6   ? 7.380   10.717  6.757   1.00 15.89 ? 22  PHE A CG  1 
ATOM   46   C CD1 . PHE A 1 6   ? 6.695   9.508   6.882   1.00 15.04 ? 22  PHE A CD1 1 
ATOM   47   C CD2 . PHE A 1 6   ? 6.966   11.625  5.801   1.00 15.37 ? 22  PHE A CD2 1 
ATOM   48   C CE1 . PHE A 1 6   ? 5.607   9.227   6.061   1.00 13.86 ? 22  PHE A CE1 1 
ATOM   49   C CE2 . PHE A 1 6   ? 5.891   11.364  4.990   1.00 12.45 ? 22  PHE A CE2 1 
ATOM   50   C CZ  . PHE A 1 6   ? 5.207   10.151  5.109   1.00 14.91 ? 22  PHE A CZ  1 
ATOM   51   N N   . GLN A 1 7   ? 9.819   10.074  10.433  1.00 18.09 ? 23  GLN A N   1 
ATOM   52   C CA  . GLN A 1 7   ? 11.169  9.852   10.944  1.00 18.93 ? 23  GLN A CA  1 
ATOM   53   C C   . GLN A 1 7   ? 12.173  10.155  9.837   1.00 20.50 ? 23  GLN A C   1 
ATOM   54   O O   . GLN A 1 7   ? 11.871  9.971   8.657   1.00 19.02 ? 23  GLN A O   1 
ATOM   55   C CB  . GLN A 1 7   ? 11.337  8.405   11.407  1.00 20.77 ? 23  GLN A CB  1 
ATOM   56   C CG  . GLN A 1 7   ? 10.740  8.119   12.755  1.00 26.05 ? 23  GLN A CG  1 
ATOM   57   C CD  . GLN A 1 7   ? 10.596  6.631   13.015  1.00 31.61 ? 23  GLN A CD  1 
ATOM   58   O OE1 . GLN A 1 7   ? 9.796   5.960   12.374  1.00 32.16 ? 23  GLN A OE1 1 
ATOM   59   N NE2 . GLN A 1 7   ? 11.377  6.110   13.954  1.00 36.15 ? 23  GLN A NE2 1 
ATOM   60   N N   . ALA A 1 8   ? 13.364  10.620  10.215  1.00 22.10 ? 24  ALA A N   1 
ATOM   61   C CA  . ALA A 1 8   ? 14.355  11.070  9.240   1.00 21.64 ? 24  ALA A CA  1 
ATOM   62   C C   . ALA A 1 8   ? 14.690  9.998   8.206   1.00 20.10 ? 24  ALA A C   1 
ATOM   63   O O   . ALA A 1 8   ? 14.825  10.297  7.019   1.00 21.15 ? 24  ALA A O   1 
ATOM   64   C CB  . ALA A 1 8   ? 15.626  11.553  9.945   1.00 24.11 ? 24  ALA A CB  1 
ATOM   65   N N   . GLU A 1 9   ? 14.810  8.756   8.670   1.00 21.58 ? 25  GLU A N   1 
ATOM   66   C CA  . GLU A 1 9   ? 15.157  7.629   7.809   1.00 24.45 ? 25  GLU A CA  1 
ATOM   67   C C   . GLU A 1 9   ? 14.086  7.393   6.747   1.00 18.79 ? 25  GLU A C   1 
ATOM   68   O O   . GLU A 1 9   ? 14.398  7.104   5.588   1.00 19.47 ? 25  GLU A O   1 
ATOM   69   C CB  . GLU A 1 9   ? 15.343  6.355   8.639   1.00 24.45 ? 25  GLU A CB  1 
ATOM   70   C CG  . GLU A 1 9   ? 16.525  6.374   9.597   1.00 30.29 ? 25  GLU A CG  1 
ATOM   71   C CD  . GLU A 1 9   ? 16.210  7.019   10.937  1.00 34.97 ? 25  GLU A CD  1 
ATOM   72   O OE1 . GLU A 1 9   ? 15.159  7.687   11.074  1.00 32.64 ? 25  GLU A OE1 1 
ATOM   73   O OE2 . GLU A 1 9   ? 17.024  6.856   11.870  1.00 42.79 ? 25  GLU A OE2 1 
ATOM   74   N N   . ILE A 1 10  ? 12.827  7.524   7.142   1.00 19.61 ? 26  ILE A N   1 
ATOM   75   C CA  . ILE A 1 10  ? 11.733  7.301   6.196   1.00 18.59 ? 26  ILE A CA  1 
ATOM   76   C C   . ILE A 1 10  ? 11.659  8.446   5.184   1.00 18.03 ? 26  ILE A C   1 
ATOM   77   O O   . ILE A 1 10  ? 11.451  8.219   3.998   1.00 18.35 ? 26  ILE A O   1 
ATOM   78   C CB  . ILE A 1 10  ? 10.370  7.102   6.902   1.00 17.61 ? 26  ILE A CB  1 
ATOM   79   C CG1 . ILE A 1 10  ? 10.291  5.711   7.540   1.00 21.29 ? 26  ILE A CG1 1 
ATOM   80   C CG2 . ILE A 1 10  ? 9.225   7.171   5.890   1.00 18.83 ? 26  ILE A CG2 1 
ATOM   81   C CD1 . ILE A 1 10  ? 11.122  5.516   8.777   1.00 26.47 ? 26  ILE A CD1 1 
ATOM   82   N N   . ALA A 1 11  ? 11.861  9.681   5.639   1.00 17.17 ? 27  ALA A N   1 
ATOM   83   C CA  . ALA A 1 11  ? 11.854  10.804  4.706   1.00 16.84 ? 27  ALA A CA  1 
ATOM   84   C C   . ALA A 1 11  ? 12.963  10.630  3.671   1.00 17.41 ? 27  ALA A C   1 
ATOM   85   O O   . ALA A 1 11  ? 12.781  10.943  2.494   1.00 19.54 ? 27  ALA A O   1 
ATOM   86   C CB  . ALA A 1 11  ? 12.013  12.138  5.445   1.00 18.77 ? 27  ALA A CB  1 
ATOM   87   N N   . GLN A 1 12  ? 14.097  10.106  4.125   1.00 20.23 ? 28  GLN A N   1 
ATOM   88   C CA  . GLN A 1 12  ? 15.223  9.837   3.244   1.00 22.70 ? 28  GLN A CA  1 
ATOM   89   C C   . GLN A 1 12  ? 14.875  8.775   2.205   1.00 19.96 ? 28  GLN A C   1 
ATOM   90   O O   . GLN A 1 12  ? 15.185  8.942   1.025   1.00 22.51 ? 28  GLN A O   1 
ATOM   91   C CB  . GLN A 1 12  ? 16.439  9.396   4.058   1.00 25.84 ? 28  GLN A CB  1 
ATOM   92   C CG  . GLN A 1 12  ? 17.716  9.260   3.241   1.00 34.60 ? 28  GLN A CG  1 
ATOM   93   C CD  . GLN A 1 12  ? 18.933  8.940   4.100   1.00 35.02 ? 28  GLN A CD  1 
ATOM   94   O OE1 . GLN A 1 12  ? 18.804  8.610   5.286   1.00 35.48 ? 28  GLN A OE1 1 
ATOM   95   N NE2 . GLN A 1 12  ? 20.121  9.041   3.506   1.00 44.20 ? 28  GLN A NE2 1 
ATOM   96   N N   . LEU A 1 13  ? 14.238  7.694   2.663   1.00 21.39 ? 29  LEU A N   1 
ATOM   97   C CA  . LEU A 1 13  ? 13.763  6.614   1.792   1.00 21.97 ? 29  LEU A CA  1 
ATOM   98   C C   . LEU A 1 13  ? 12.810  7.152   0.731   1.00 20.77 ? 29  LEU A C   1 
ATOM   99   O O   . LEU A 1 13  ? 12.925  6.817   -0.452  1.00 21.47 ? 29  LEU A O   1 
ATOM   100  C CB  . LEU A 1 13  ? 13.077  5.515   2.615   1.00 21.08 ? 29  LEU A CB  1 
ATOM   101  C CG  . LEU A 1 13  ? 12.359  4.408   1.825   1.00 22.09 ? 29  LEU A CG  1 
ATOM   102  C CD1 . LEU A 1 13  ? 13.379  3.603   1.069   1.00 26.94 ? 29  LEU A CD1 1 
ATOM   103  C CD2 . LEU A 1 13  ? 11.542  3.496   2.734   1.00 22.75 ? 29  LEU A CD2 1 
ATOM   104  N N   . MET A 1 14  ? 11.873  8.001   1.145   1.00 16.98 ? 30  MET A N   1 
ATOM   105  C CA  . MET A 1 14  ? 10.927  8.579   0.203   1.00 17.44 ? 30  MET A CA  1 
ATOM   106  C C   . MET A 1 14  ? 11.584  9.502   -0.820  1.00 19.26 ? 30  MET A C   1 
ATOM   107  O O   . MET A 1 14  ? 11.246  9.460   -2.009  1.00 19.76 ? 30  MET A O   1 
ATOM   108  C CB  . MET A 1 14  ? 9.778   9.281   0.940   1.00 16.00 ? 30  MET A CB  1 
ATOM   109  C CG  . MET A 1 14  ? 8.955   8.318   1.777   1.00 17.89 ? 30  MET A CG  1 
ATOM   110  S SD  . MET A 1 14  ? 7.709   9.119   2.810   1.00 16.76 ? 30  MET A SD  1 
ATOM   111  C CE  . MET A 1 14  ? 6.494   9.559   1.568   1.00 19.87 ? 30  MET A CE  1 
ATOM   112  N N   . SER A 1 15  ? 12.526  10.322  -0.354  1.00 21.27 ? 31  SER A N   1 
ATOM   113  C CA  . SER A 1 15  ? 13.276  11.199  -1.235  1.00 21.11 ? 31  SER A CA  1 
ATOM   114  C C   . SER A 1 15  ? 14.062  10.389  -2.272  1.00 21.08 ? 31  SER A C   1 
ATOM   115  O O   . SER A 1 15  ? 14.105  10.764  -3.452  1.00 23.35 ? 31  SER A O   1 
ATOM   116  C CB  . SER A 1 15  ? 14.212  12.091  -0.408  1.00 24.10 ? 31  SER A CB  1 
ATOM   117  O OG  . SER A 1 15  ? 14.663  13.185  -1.183  1.00 33.65 ? 31  SER A OG  1 
ATOM   118  N N   . LEU A 1 16  ? 14.655  9.275   -1.841  1.00 20.56 ? 32  LEU A N   1 
ATOM   119  C CA  . LEU A 1 16  ? 15.384  8.379   -2.751  1.00 21.50 ? 32  LEU A CA  1 
ATOM   120  C C   . LEU A 1 16  ? 14.464  7.813   -3.819  1.00 24.65 ? 32  LEU A C   1 
ATOM   121  O O   . LEU A 1 16  ? 14.804  7.779   -5.001  1.00 25.31 ? 32  LEU A O   1 
ATOM   122  C CB  . LEU A 1 16  ? 16.038  7.221   -1.978  1.00 26.10 ? 32  LEU A CB  1 
ATOM   123  C CG  . LEU A 1 16  ? 16.954  6.246   -2.745  1.00 30.83 ? 32  LEU A CG  1 
ATOM   124  C CD1 . LEU A 1 16  ? 18.011  5.660   -1.827  1.00 34.45 ? 32  LEU A CD1 1 
ATOM   125  C CD2 . LEU A 1 16  ? 16.181  5.112   -3.399  1.00 31.56 ? 32  LEU A CD2 1 
ATOM   126  N N   . ILE A 1 17  ? 13.301  7.338   -3.391  1.00 20.59 ? 33  ILE A N   1 
ATOM   127  C CA  . ILE A 1 17  ? 12.362  6.712   -4.317  1.00 21.87 ? 33  ILE A CA  1 
ATOM   128  C C   . ILE A 1 17  ? 11.853  7.714   -5.353  1.00 22.31 ? 33  ILE A C   1 
ATOM   129  O O   . ILE A 1 17  ? 11.682  7.388   -6.533  1.00 24.16 ? 33  ILE A O   1 
ATOM   130  C CB  . ILE A 1 17  ? 11.195  6.081   -3.540  1.00 18.11 ? 33  ILE A CB  1 
ATOM   131  C CG1 . ILE A 1 17  ? 11.692  4.838   -2.790  1.00 22.16 ? 33  ILE A CG1 1 
ATOM   132  C CG2 . ILE A 1 17  ? 10.043  5.750   -4.479  1.00 18.08 ? 33  ILE A CG2 1 
ATOM   133  C CD1 . ILE A 1 17  ? 10.737  4.311   -1.738  1.00 23.50 ? 33  ILE A CD1 1 
ATOM   134  N N   . ILE A 1 18  ? 11.627  8.943   -4.908  1.00 19.92 ? 34  ILE A N   1 
ATOM   135  C CA  . ILE A 1 18  ? 11.082  9.989   -5.762  1.00 23.17 ? 34  ILE A CA  1 
ATOM   136  C C   . ILE A 1 18  ? 12.135  10.523  -6.742  1.00 24.31 ? 34  ILE A C   1 
ATOM   137  O O   . ILE A 1 18  ? 11.828  10.836  -7.892  1.00 27.14 ? 34  ILE A O   1 
ATOM   138  C CB  . ILE A 1 18  ? 10.493  11.140  -4.897  1.00 23.28 ? 34  ILE A CB  1 
ATOM   139  C CG1 . ILE A 1 18  ? 9.184   10.682  -4.247  1.00 21.83 ? 34  ILE A CG1 1 
ATOM   140  C CG2 . ILE A 1 18  ? 10.240  12.386  -5.730  1.00 23.93 ? 34  ILE A CG2 1 
ATOM   141  C CD1 . ILE A 1 18  ? 8.708   11.561  -3.108  1.00 21.56 ? 34  ILE A CD1 1 
ATOM   142  N N   . ASN A 1 19  ? 13.383  10.598  -6.293  1.00 25.82 ? 35  ASN A N   1 
ATOM   143  C CA  . ASN A 1 19  ? 14.402  11.299  -7.075  1.00 26.71 ? 35  ASN A CA  1 
ATOM   144  C C   . ASN A 1 19  ? 15.374  10.420  -7.867  1.00 30.69 ? 35  ASN A C   1 
ATOM   145  O O   . ASN A 1 19  ? 16.007  10.896  -8.810  1.00 37.11 ? 35  ASN A O   1 
ATOM   146  C CB  . ASN A 1 19  ? 15.152  12.296  -6.186  1.00 29.26 ? 35  ASN A CB  1 
ATOM   147  C CG  . ASN A 1 19  ? 14.236  13.370  -5.627  1.00 30.40 ? 35  ASN A CG  1 
ATOM   148  O OD1 . ASN A 1 19  ? 13.412  13.940  -6.347  1.00 34.96 ? 35  ASN A OD1 1 
ATOM   149  N ND2 . ASN A 1 19  ? 14.360  13.636  -4.334  1.00 35.98 ? 35  ASN A ND2 1 
ATOM   150  N N   . THR A 1 20  ? 15.492  9.147   -7.501  1.00 28.31 ? 36  THR A N   1 
ATOM   151  C CA  . THR A 1 20  ? 16.398  8.241   -8.210  1.00 27.90 ? 36  THR A CA  1 
ATOM   152  C C   . THR A 1 20  ? 15.843  7.876   -9.585  1.00 29.43 ? 36  THR A C   1 
ATOM   153  O O   . THR A 1 20  ? 14.661  7.541   -9.718  1.00 29.17 ? 36  THR A O   1 
ATOM   154  C CB  . THR A 1 20  ? 16.665  6.943   -7.411  1.00 31.74 ? 36  THR A CB  1 
ATOM   155  O OG1 . THR A 1 20  ? 17.167  7.268   -6.109  1.00 31.04 ? 36  THR A OG1 1 
ATOM   156  C CG2 . THR A 1 20  ? 17.682  6.070   -8.127  1.00 32.03 ? 36  THR A CG2 1 
ATOM   157  N N   . PHE A 1 21  ? 16.685  7.952   -10.615 1.00 28.44 ? 37  PHE A N   1 
ATOM   158  C CA  . PHE A 1 21  ? 16.271  7.495   -11.933 1.00 28.79 ? 37  PHE A CA  1 
ATOM   159  C C   . PHE A 1 21  ? 16.154  5.974   -11.936 1.00 27.18 ? 37  PHE A C   1 
ATOM   160  O O   . PHE A 1 21  ? 17.128  5.260   -11.684 1.00 26.60 ? 37  PHE A O   1 
ATOM   161  C CB  . PHE A 1 21  ? 17.249  7.953   -13.015 1.00 27.01 ? 37  PHE A CB  1 
ATOM   162  C CG  . PHE A 1 21  ? 16.869  7.499   -14.395 1.00 27.33 ? 37  PHE A CG  1 
ATOM   163  C CD1 . PHE A 1 21  ? 15.908  8.180   -15.122 1.00 30.73 ? 37  PHE A CD1 1 
ATOM   164  C CD2 . PHE A 1 21  ? 17.460  6.378   -14.959 1.00 28.43 ? 37  PHE A CD2 1 
ATOM   165  C CE1 . PHE A 1 21  ? 15.547  7.757   -16.393 1.00 30.88 ? 37  PHE A CE1 1 
ATOM   166  C CE2 . PHE A 1 21  ? 17.107  5.953   -16.228 1.00 26.16 ? 37  PHE A CE2 1 
ATOM   167  C CZ  . PHE A 1 21  ? 16.148  6.642   -16.946 1.00 27.15 ? 37  PHE A CZ  1 
ATOM   168  N N   . TYR A 1 22  ? 14.951  5.481   -12.219 1.00 26.81 ? 38  TYR A N   1 
ATOM   169  C CA  . TYR A 1 22  ? 14.683  4.051   -12.165 1.00 26.15 ? 38  TYR A CA  1 
ATOM   170  C C   . TYR A 1 22  ? 13.456  3.755   -13.017 1.00 25.56 ? 38  TYR A C   1 
ATOM   171  O O   . TYR A 1 22  ? 12.345  4.143   -12.675 1.00 22.71 ? 38  TYR A O   1 
ATOM   172  C CB  . TYR A 1 22  ? 14.471  3.610   -10.710 1.00 25.99 ? 38  TYR A CB  1 
ATOM   173  C CG  . TYR A 1 22  ? 14.258  2.129   -10.550 1.00 24.43 ? 38  TYR A CG  1 
ATOM   174  C CD1 . TYR A 1 22  ? 15.323  1.251   -10.632 1.00 26.77 ? 38  TYR A CD1 1 
ATOM   175  C CD2 . TYR A 1 22  ? 12.986  1.606   -10.321 1.00 25.11 ? 38  TYR A CD2 1 
ATOM   176  C CE1 . TYR A 1 22  ? 15.142  -0.104  -10.493 1.00 29.44 ? 38  TYR A CE1 1 
ATOM   177  C CE2 . TYR A 1 22  ? 12.793  0.244   -10.175 1.00 24.96 ? 38  TYR A CE2 1 
ATOM   178  C CZ  . TYR A 1 22  ? 13.880  -0.606  -10.270 1.00 26.84 ? 38  TYR A CZ  1 
ATOM   179  O OH  . TYR A 1 22  ? 13.724  -1.965  -10.128 1.00 29.92 ? 38  TYR A OH  1 
ATOM   180  N N   . SER A 1 23  ? 13.664  3.079   -14.141 1.00 21.09 ? 39  SER A N   1 
ATOM   181  C CA  . SER A 1 23  ? 12.603  2.919   -15.127 1.00 22.33 ? 39  SER A CA  1 
ATOM   182  C C   . SER A 1 23  ? 11.579  1.837   -14.776 1.00 22.10 ? 39  SER A C   1 
ATOM   183  O O   . SER A 1 23  ? 10.446  1.897   -15.239 1.00 23.47 ? 39  SER A O   1 
ATOM   184  C CB  . SER A 1 23  ? 13.197  2.651   -16.513 1.00 22.88 ? 39  SER A CB  1 
ATOM   185  O OG  . SER A 1 23  ? 14.043  3.724   -16.903 1.00 22.31 ? 39  SER A OG  1 
ATOM   186  N N   . ASN A 1 24  ? 11.978  0.865   -13.963 1.00 23.00 ? 40  ASN A N   1 
ATOM   187  C CA  . ASN A 1 24  ? 11.152  -0.315  -13.671 1.00 22.06 ? 40  ASN A CA  1 
ATOM   188  C C   . ASN A 1 24  ? 10.085  -0.022  -12.604 1.00 21.89 ? 40  ASN A C   1 
ATOM   189  O O   . ASN A 1 24  ? 10.013  -0.705  -11.578 1.00 21.31 ? 40  ASN A O   1 
ATOM   190  C CB  . ASN A 1 24  ? 12.071  -1.460  -13.223 1.00 23.51 ? 40  ASN A CB  1 
ATOM   191  C CG  . ASN A 1 24  ? 11.346  -2.781  -13.038 1.00 21.98 ? 40  ASN A CG  1 
ATOM   192  O OD1 . ASN A 1 24  ? 10.348  -3.066  -13.704 1.00 25.51 ? 40  ASN A OD1 1 
ATOM   193  N ND2 . ASN A 1 24  ? 11.851  -3.599  -12.124 1.00 27.66 ? 40  ASN A ND2 1 
ATOM   194  N N   . LYS A 1 25  ? 9.261   0.994   -12.856 1.00 21.05 ? 41  LYS A N   1 
ATOM   195  C CA  . LYS A 1 25  ? 8.336   1.511   -11.843 1.00 18.40 ? 41  LYS A CA  1 
ATOM   196  C C   . LYS A 1 25  ? 7.190   0.566   -11.533 1.00 17.55 ? 41  LYS A C   1 
ATOM   197  O O   . LYS A 1 25  ? 6.586   0.653   -10.465 1.00 18.16 ? 41  LYS A O   1 
ATOM   198  C CB  . LYS A 1 25  ? 7.777   2.869   -12.273 1.00 18.60 ? 41  LYS A CB  1 
ATOM   199  C CG  . LYS A 1 25  ? 8.799   4.009   -12.254 1.00 18.53 ? 41  LYS A CG  1 
ATOM   200  C CD  . LYS A 1 25  ? 8.161   5.294   -12.765 1.00 19.61 ? 41  LYS A CD  1 
ATOM   201  C CE  . LYS A 1 25  ? 9.124   6.479   -12.743 1.00 25.20 ? 41  LYS A CE  1 
ATOM   202  N NZ  . LYS A 1 25  ? 9.331   7.003   -11.374 1.00 22.69 ? 41  LYS A NZ  1 
ATOM   203  N N   . GLU A 1 26  ? 6.911   -0.350  -12.448 1.00 16.93 ? 42  GLU A N   1 
ATOM   204  C CA  . GLU A 1 26  ? 5.737   -1.219  -12.312 1.00 16.91 ? 42  GLU A CA  1 
ATOM   205  C C   . GLU A 1 26  ? 5.758   -2.086  -11.053 1.00 18.29 ? 42  GLU A C   1 
ATOM   206  O O   . GLU A 1 26  ? 4.721   -2.623  -10.655 1.00 17.98 ? 42  GLU A O   1 
ATOM   207  C CB  . GLU A 1 26  ? 5.586   -2.116  -13.543 1.00 17.72 ? 42  GLU A CB  1 
ATOM   208  C CG  . GLU A 1 26  ? 6.579   -3.269  -13.590 1.00 20.17 ? 42  GLU A CG  1 
ATOM   209  C CD  . GLU A 1 26  ? 6.556   -4.016  -14.920 1.00 27.11 ? 42  GLU A CD  1 
ATOM   210  O OE1 . GLU A 1 26  ? 6.370   -3.367  -15.966 1.00 24.18 ? 42  GLU A OE1 1 
ATOM   211  O OE2 . GLU A 1 26  ? 6.740   -5.249  -14.921 1.00 32.40 ? 42  GLU A OE2 1 
ATOM   212  N N   . ILE A 1 27  ? 6.915   -2.216  -10.406 1.00 16.61 ? 43  ILE A N   1 
ATOM   213  C CA  . ILE A 1 27  ? 7.007   -3.060  -9.219  1.00 16.58 ? 43  ILE A CA  1 
ATOM   214  C C   . ILE A 1 27  ? 6.164   -2.556  -8.042  1.00 16.22 ? 43  ILE A C   1 
ATOM   215  O O   . ILE A 1 27  ? 5.876   -3.328  -7.118  1.00 17.38 ? 43  ILE A O   1 
ATOM   216  C CB  . ILE A 1 27  ? 8.468   -3.328  -8.788  1.00 21.04 ? 43  ILE A CB  1 
ATOM   217  C CG1 . ILE A 1 27  ? 9.207   -2.014  -8.544  1.00 24.89 ? 43  ILE A CG1 1 
ATOM   218  C CG2 . ILE A 1 27  ? 9.165   -4.179  -9.843  1.00 25.05 ? 43  ILE A CG2 1 
ATOM   219  C CD1 . ILE A 1 27  ? 9.146   -1.533  -7.114  1.00 25.70 ? 43  ILE A CD1 1 
ATOM   220  N N   . PHE A 1 28  ? 5.738   -1.294  -8.094  1.00 15.84 ? 44  PHE A N   1 
ATOM   221  C CA  . PHE A 1 28  ? 4.915   -0.743  -7.018  1.00 16.17 ? 44  PHE A CA  1 
ATOM   222  C C   . PHE A 1 28  ? 3.676   -1.614  -6.840  1.00 15.84 ? 44  PHE A C   1 
ATOM   223  O O   . PHE A 1 28  ? 3.232   -1.829  -5.713  1.00 15.59 ? 44  PHE A O   1 
ATOM   224  C CB  . PHE A 1 28  ? 4.491   0.717   -7.290  1.00 14.59 ? 44  PHE A CB  1 
ATOM   225  C CG  . PHE A 1 28  ? 3.325   0.834   -8.240  1.00 14.73 ? 44  PHE A CG  1 
ATOM   226  C CD1 . PHE A 1 28  ? 2.013   0.855   -7.772  1.00 16.95 ? 44  PHE A CD1 1 
ATOM   227  C CD2 . PHE A 1 28  ? 3.539   0.870   -9.608  1.00 15.87 ? 44  PHE A CD2 1 
ATOM   228  C CE1 . PHE A 1 28  ? 0.951   0.924   -8.662  1.00 15.43 ? 44  PHE A CE1 1 
ATOM   229  C CE2 . PHE A 1 28  ? 2.477   0.937   -10.492 1.00 16.31 ? 44  PHE A CE2 1 
ATOM   230  C CZ  . PHE A 1 28  ? 1.185   0.963   -10.015 1.00 16.87 ? 44  PHE A CZ  1 
ATOM   231  N N   . LEU A 1 29  ? 3.109   -2.116  -7.939  1.00 14.87 ? 45  LEU A N   1 
ATOM   232  C CA  . LEU A 1 29  ? 1.836   -2.826  -7.813  1.00 14.24 ? 45  LEU A CA  1 
ATOM   233  C C   . LEU A 1 29  ? 2.063   -4.167  -7.135  1.00 15.49 ? 45  LEU A C   1 
ATOM   234  O O   . LEU A 1 29  ? 1.267   -4.586  -6.290  1.00 14.73 ? 45  LEU A O   1 
ATOM   235  C CB  . LEU A 1 29  ? 1.149   -2.986  -9.172  1.00 14.98 ? 45  LEU A CB  1 
ATOM   236  C CG  . LEU A 1 29  ? -0.253  -3.602  -9.118  1.00 16.33 ? 45  LEU A CG  1 
ATOM   237  C CD1 . LEU A 1 29  ? -1.190  -2.725  -8.324  1.00 16.65 ? 45  LEU A CD1 1 
ATOM   238  C CD2 . LEU A 1 29  ? -0.786  -3.800  -10.526 1.00 18.69 ? 45  LEU A CD2 1 
ATOM   239  N N   . ARG A 1 30  ? 3.160   -4.831  -7.497  1.00 15.33 ? 46  ARG A N   1 
ATOM   240  C CA  . ARG A 1 30  ? 3.544   -6.080  -6.855  1.00 16.81 ? 46  ARG A CA  1 
ATOM   241  C C   . ARG A 1 30  ? 3.676   -5.888  -5.347  1.00 17.21 ? 46  ARG A C   1 
ATOM   242  O O   . ARG A 1 30  ? 3.229   -6.723  -4.557  1.00 16.63 ? 46  ARG A O   1 
ATOM   243  C CB  . ARG A 1 30  ? 4.873   -6.581  -7.425  1.00 20.98 ? 46  ARG A CB  1 
ATOM   244  C CG  . ARG A 1 30  ? 5.426   -7.814  -6.729  1.00 22.93 ? 46  ARG A CG  1 
ATOM   245  C CD  . ARG A 1 30  ? 6.822   -8.143  -7.235  1.00 24.45 ? 46  ARG A CD  1 
ATOM   246  N NE  . ARG A 1 30  ? 7.823   -7.184  -6.759  1.00 24.35 ? 46  ARG A NE  1 
ATOM   247  C CZ  . ARG A 1 30  ? 9.039   -7.060  -7.282  1.00 26.99 ? 46  ARG A CZ  1 
ATOM   248  N NH1 . ARG A 1 30  ? 9.404   -7.834  -8.296  1.00 28.64 ? 46  ARG A NH1 1 
ATOM   249  N NH2 . ARG A 1 30  ? 9.893   -6.170  -6.792  1.00 27.61 ? 46  ARG A NH2 1 
ATOM   250  N N   . GLU A 1 31  ? 4.275   -4.771  -4.954  1.00 15.46 ? 47  GLU A N   1 
ATOM   251  C CA  . GLU A 1 31  ? 4.568   -4.540  -3.542  1.00 15.33 ? 47  GLU A CA  1 
ATOM   252  C C   . GLU A 1 31  ? 3.286   -4.304  -2.762  1.00 14.99 ? 47  GLU A C   1 
ATOM   253  O O   . GLU A 1 31  ? 3.130   -4.794  -1.643  1.00 15.38 ? 47  GLU A O   1 
ATOM   254  C CB  . GLU A 1 31  ? 5.535   -3.365  -3.358  1.00 15.20 ? 47  GLU A CB  1 
ATOM   255  C CG  . GLU A 1 31  ? 6.911   -3.574  -4.001  1.00 15.58 ? 47  GLU A CG  1 
ATOM   256  C CD  . GLU A 1 31  ? 7.586   -4.862  -3.566  1.00 20.18 ? 47  GLU A CD  1 
ATOM   257  O OE1 . GLU A 1 31  ? 7.414   -5.269  -2.398  1.00 21.67 ? 47  GLU A OE1 1 
ATOM   258  O OE2 . GLU A 1 31  ? 8.292   -5.476  -4.401  1.00 21.94 ? 47  GLU A OE2 1 
ATOM   259  N N   . LEU A 1 32  ? 2.356   -3.570  -3.364  1.00 14.40 ? 48  LEU A N   1 
ATOM   260  C CA  . LEU A 1 32  ? 1.091   -3.285  -2.689  1.00 14.31 ? 48  LEU A CA  1 
ATOM   261  C C   . LEU A 1 32  ? 0.205   -4.518  -2.612  1.00 13.98 ? 48  LEU A C   1 
ATOM   262  O O   . LEU A 1 32  ? -0.444  -4.753  -1.591  1.00 14.44 ? 48  LEU A O   1 
ATOM   263  C CB  . LEU A 1 32  ? 0.350   -2.127  -3.361  1.00 14.74 ? 48  LEU A CB  1 
ATOM   264  C CG  . LEU A 1 32  ? 1.107   -0.798  -3.263  1.00 13.59 ? 48  LEU A CG  1 
ATOM   265  C CD1 . LEU A 1 32  ? 0.354   0.285   -4.048  1.00 15.86 ? 48  LEU A CD1 1 
ATOM   266  C CD2 . LEU A 1 32  ? 1.308   -0.370  -1.802  1.00 15.53 ? 48  LEU A CD2 1 
ATOM   267  N N   . ILE A 1 33  ? 0.168   -5.303  -3.691  1.00 13.71 ? 49  ILE A N   1 
ATOM   268  C CA  . ILE A 1 33  ? -0.555  -6.568  -3.662  1.00 15.07 ? 49  ILE A CA  1 
ATOM   269  C C   . ILE A 1 33  ? 0.044   -7.514  -2.629  1.00 15.24 ? 49  ILE A C   1 
ATOM   270  O O   . ILE A 1 33  ? -0.684  -8.202  -1.924  1.00 14.43 ? 49  ILE A O   1 
ATOM   271  C CB  . ILE A 1 33  ? -0.616  -7.233  -5.058  1.00 14.73 ? 49  ILE A CB  1 
ATOM   272  C CG1 . ILE A 1 33  ? -1.489  -6.384  -5.986  1.00 15.35 ? 49  ILE A CG1 1 
ATOM   273  C CG2 . ILE A 1 33  ? -1.181  -8.667  -4.956  1.00 16.18 ? 49  ILE A CG2 1 
ATOM   274  C CD1 . ILE A 1 33  ? -1.504  -6.864  -7.435  1.00 18.45 ? 49  ILE A CD1 1 
ATOM   275  N N   . SER A 1 34  ? 1.372   -7.524  -2.509  1.00 15.10 ? 50  SER A N   1 
ATOM   276  C CA  . SER A 1 34  ? 2.015   -8.349  -1.493  1.00 15.31 ? 50  SER A CA  1 
ATOM   277  C C   . SER A 1 34  ? 1.583   -7.953  -0.091  1.00 17.08 ? 50  SER A C   1 
ATOM   278  O O   . SER A 1 34  ? 1.290   -8.808  0.748   1.00 14.32 ? 50  SER A O   1 
ATOM   279  C CB  . SER A 1 34  ? 3.534   -8.272  -1.620  1.00 19.24 ? 50  SER A CB  1 
ATOM   280  O OG  . SER A 1 34  ? 4.157   -8.982  -0.570  1.00 23.08 ? 50  SER A OG  1 
ATOM   281  N N   . ASN A 1 35  ? 1.543   -6.652  0.165   1.00 15.28 ? 51  ASN A N   1 
ATOM   282  C CA  . ASN A 1 35  ? 1.096   -6.170  1.460   1.00 14.56 ? 51  ASN A CA  1 
ATOM   283  C C   . ASN A 1 35  ? -0.332  -6.600  1.763   1.00 15.35 ? 51  ASN A C   1 
ATOM   284  O O   . ASN A 1 35  ? -0.630  -7.048  2.861   1.00 15.08 ? 51  ASN A O   1 
ATOM   285  C CB  . ASN A 1 35  ? 1.214   -4.651  1.527   1.00 13.52 ? 51  ASN A CB  1 
ATOM   286  C CG  . ASN A 1 35  ? 2.644   -4.194  1.688   1.00 17.77 ? 51  ASN A CG  1 
ATOM   287  O OD1 . ASN A 1 35  ? 3.569   -5.012  1.752   1.00 16.12 ? 51  ASN A OD1 1 
ATOM   288  N ND2 . ASN A 1 35  ? 2.837   -2.881  1.764   1.00 18.85 ? 51  ASN A ND2 1 
ATOM   289  N N   . SER A 1 36  ? -1.206  -6.463  0.772   1.00 13.17 ? 52  SER A N   1 
ATOM   290  C CA  . SER A 1 36  ? -2.602  -6.873  0.915   1.00 13.47 ? 52  SER A CA  1 
ATOM   291  C C   . SER A 1 36  ? -2.691  -8.372  1.223   1.00 15.03 ? 52  SER A C   1 
ATOM   292  O O   . SER A 1 36  ? -3.430  -8.786  2.114   1.00 14.58 ? 52  SER A O   1 
ATOM   293  C CB  . SER A 1 36  ? -3.383  -6.576  -0.373  1.00 13.49 ? 52  SER A CB  1 
ATOM   294  O OG  . SER A 1 36  ? -3.559  -5.181  -0.573  1.00 13.65 ? 52  SER A OG  1 
ATOM   295  N N   . SER A 1 37  ? -1.931  -9.173  0.478   1.00 13.71 ? 53  SER A N   1 
ATOM   296  C CA  . SER A 1 37  ? -1.859  -10.609 0.744   1.00 15.80 ? 53  SER A CA  1 
ATOM   297  C C   . SER A 1 37  ? -1.418  -10.903 2.178   1.00 16.58 ? 53  SER A C   1 
ATOM   298  O O   . SER A 1 37  ? -2.003  -11.755 2.845   1.00 16.74 ? 53  SER A O   1 
ATOM   299  C CB  . SER A 1 37  ? -0.920  -11.302 -0.249  1.00 17.88 ? 53  SER A CB  1 
ATOM   300  O OG  . SER A 1 37  ? -0.846  -12.695 0.032   1.00 18.74 ? 53  SER A OG  1 
ATOM   301  N N   . ASP A 1 38  ? -0.382  -10.208 2.652   1.00 15.36 ? 54  ASP A N   1 
ATOM   302  C CA  . ASP A 1 38  ? 0.070   -10.375 4.032   1.00 17.16 ? 54  ASP A CA  1 
ATOM   303  C C   . ASP A 1 38  ? -1.024  -10.063 5.053   1.00 15.92 ? 54  ASP A C   1 
ATOM   304  O O   . ASP A 1 38  ? -1.207  -10.807 6.016   1.00 15.62 ? 54  ASP A O   1 
ATOM   305  C CB  . ASP A 1 38  ? 1.293   -9.500  4.312   1.00 15.76 ? 54  ASP A CB  1 
ATOM   306  C CG  . ASP A 1 38  ? 2.528   -9.944  3.552   1.00 19.62 ? 54  ASP A CG  1 
ATOM   307  O OD1 . ASP A 1 38  ? 2.520   -11.038 2.941   1.00 20.27 ? 54  ASP A OD1 1 
ATOM   308  O OD2 . ASP A 1 38  ? 3.512   -9.169  3.550   1.00 18.70 ? 54  ASP A OD2 1 
ATOM   309  N N   . ALA A 1 39  ? -1.756  -8.968  4.833   1.00 15.37 ? 55  ALA A N   1 
ATOM   310  C CA  . ALA A 1 39  ? -2.874  -8.589  5.697   1.00 16.10 ? 55  ALA A CA  1 
ATOM   311  C C   . ALA A 1 39  ? -4.033  -9.578  5.637   1.00 15.44 ? 55  ALA A C   1 
ATOM   312  O O   . ALA A 1 39  ? -4.726  -9.787  6.631   1.00 15.71 ? 55  ALA A O   1 
ATOM   313  C CB  . ALA A 1 39  ? -3.383  -7.205  5.350   1.00 14.58 ? 55  ALA A CB  1 
ATOM   314  N N   . LEU A 1 40  ? -4.254  -10.155 4.459   1.00 14.05 ? 56  LEU A N   1 
ATOM   315  C CA  . LEU A 1 40  ? -5.303  -11.160 4.289   1.00 12.82 ? 56  LEU A CA  1 
ATOM   316  C C   . LEU A 1 40  ? -4.903  -12.454 5.000   1.00 15.26 ? 56  LEU A C   1 
ATOM   317  O O   . LEU A 1 40  ? -5.747  -13.086 5.649   1.00 16.95 ? 56  LEU A O   1 
ATOM   318  C CB  . LEU A 1 40  ? -5.591  -11.384 2.807   1.00 14.81 ? 56  LEU A CB  1 
ATOM   319  C CG  . LEU A 1 40  ? -6.354  -10.223 2.154   1.00 15.90 ? 56  LEU A CG  1 
ATOM   320  C CD1 . LEU A 1 40  ? -6.186  -10.235 0.637   1.00 15.86 ? 56  LEU A CD1 1 
ATOM   321  C CD2 . LEU A 1 40  ? -7.840  -10.335 2.512   1.00 15.29 ? 56  LEU A CD2 1 
ATOM   322  N N   . ASP A 1 41  ? -3.626  -12.836 4.892   1.00 15.01 ? 57  ASP A N   1 
ATOM   323  C CA  . ASP A 1 41  ? -3.111  -14.012 5.613   1.00 16.06 ? 57  ASP A CA  1 
ATOM   324  C C   . ASP A 1 41  ? -3.389  -13.850 7.104   1.00 18.21 ? 57  ASP A C   1 
ATOM   325  O O   . ASP A 1 41  ? -3.755  -14.811 7.779   1.00 17.56 ? 57  ASP A O   1 
ATOM   326  C CB  . ASP A 1 41  ? -1.591  -14.188 5.442   1.00 16.59 ? 57  ASP A CB  1 
ATOM   327  C CG  . ASP A 1 41  ? -1.172  -14.670 4.055   1.00 18.18 ? 57  ASP A CG  1 
ATOM   328  O OD1 . ASP A 1 41  ? -2.014  -15.089 3.232   1.00 21.72 ? 57  ASP A OD1 1 
ATOM   329  O OD2 . ASP A 1 41  ? 0.057   -14.637 3.798   1.00 22.04 ? 57  ASP A OD2 1 
ATOM   330  N N   . LYS A 1 42  ? -3.206  -12.631 7.620   1.00 14.86 ? 58  LYS A N   1 
ATOM   331  C CA  . LYS A 1 42  ? -3.307  -12.411 9.062   1.00 16.91 ? 58  LYS A CA  1 
ATOM   332  C C   . LYS A 1 42  ? -4.734  -12.556 9.580   1.00 18.65 ? 58  LYS A C   1 
ATOM   333  O O   . LYS A 1 42  ? -4.965  -13.235 10.583  1.00 19.62 ? 58  LYS A O   1 
ATOM   334  C CB  . LYS A 1 42  ? -2.689  -11.070 9.483   1.00 18.63 ? 58  LYS A CB  1 
ATOM   335  C CG  . LYS A 1 42  ? -2.592  -10.921 11.006  1.00 20.72 ? 58  LYS A CG  1 
ATOM   336  C CD  . LYS A 1 42  ? -1.595  -9.842  11.429  1.00 26.88 ? 58  LYS A CD  1 
ATOM   337  C CE  . LYS A 1 42  ? -1.461  -9.793  12.958  1.00 30.17 ? 58  LYS A CE  1 
ATOM   338  N NZ  . LYS A 1 42  ? -0.579  -8.677  13.421  1.00 32.94 ? 58  LYS A NZ  1 
ATOM   339  N N   . ILE A 1 43  ? -5.697  -11.942 8.895   1.00 16.64 ? 59  ILE A N   1 
ATOM   340  C CA  . ILE A 1 43  ? -7.093  -12.098 9.294   1.00 18.06 ? 59  ILE A CA  1 
ATOM   341  C C   . ILE A 1 43  ? -7.557  -13.545 9.074   1.00 17.28 ? 59  ILE A C   1 
ATOM   342  O O   . ILE A 1 43  ? -8.356  -14.071 9.850   1.00 19.48 ? 59  ILE A O   1 
ATOM   343  C CB  . ILE A 1 43  ? -8.052  -11.077 8.599   1.00 17.31 ? 59  ILE A CB  1 
ATOM   344  C CG1 . ILE A 1 43  ? -9.471  -11.198 9.167   1.00 19.73 ? 59  ILE A CG1 1 
ATOM   345  C CG2 . ILE A 1 43  ? -8.054  -11.240 7.083   1.00 16.22 ? 59  ILE A CG2 1 
ATOM   346  C CD1 . ILE A 1 43  ? -9.557  -10.876 10.651  1.00 23.29 ? 59  ILE A CD1 1 
ATOM   347  N N   . ARG A 1 44  ? -7.044  -14.200 8.038   1.00 18.36 ? 60  ARG A N   1 
ATOM   348  C CA  . ARG A 1 44  ? -7.386  -15.607 7.854   1.00 20.42 ? 60  ARG A CA  1 
ATOM   349  C C   . ARG A 1 44  ? -6.902  -16.443 9.041   1.00 21.51 ? 60  ARG A C   1 
ATOM   350  O O   . ARG A 1 44  ? -7.673  -17.228 9.610   1.00 20.95 ? 60  ARG A O   1 
ATOM   351  C CB  . ARG A 1 44  ? -6.822  -16.160 6.550   1.00 22.32 ? 60  ARG A CB  1 
ATOM   352  C CG  . ARG A 1 44  ? -6.893  -17.683 6.490   1.00 27.91 ? 60  ARG A CG  1 
ATOM   353  C CD  . ARG A 1 44  ? -7.049  -18.178 5.083   1.00 33.35 ? 60  ARG A CD  1 
ATOM   354  N NE  . ARG A 1 44  ? -8.432  -18.078 4.629   1.00 38.88 ? 60  ARG A NE  1 
ATOM   355  C CZ  . ARG A 1 44  ? -8.807  -18.063 3.352   1.00 39.89 ? 60  ARG A CZ  1 
ATOM   356  N NH1 . ARG A 1 44  ? -7.905  -18.118 2.381   1.00 35.22 ? 60  ARG A NH1 1 
ATOM   357  N NH2 . ARG A 1 44  ? -10.093 -17.970 3.046   1.00 43.91 ? 60  ARG A NH2 1 
ATOM   358  N N   . TYR A 1 45  ? -5.642  -16.263 9.428   1.00 19.12 ? 61  TYR A N   1 
ATOM   359  C CA  . TYR A 1 45  ? -5.097  -17.029 10.543  1.00 19.42 ? 61  TYR A CA  1 
ATOM   360  C C   . TYR A 1 45  ? -5.856  -16.757 11.839  1.00 21.13 ? 61  TYR A C   1 
ATOM   361  O O   . TYR A 1 45  ? -6.220  -17.697 12.552  1.00 20.72 ? 61  TYR A O   1 
ATOM   362  C CB  . TYR A 1 45  ? -3.606  -16.761 10.733  1.00 18.55 ? 61  TYR A CB  1 
ATOM   363  C CG  . TYR A 1 45  ? -3.030  -17.603 11.848  1.00 20.11 ? 61  TYR A CG  1 
ATOM   364  C CD1 . TYR A 1 45  ? -2.710  -18.940 11.643  1.00 20.59 ? 61  TYR A CD1 1 
ATOM   365  C CD2 . TYR A 1 45  ? -2.825  -17.061 13.104  1.00 21.46 ? 61  TYR A CD2 1 
ATOM   366  C CE1 . TYR A 1 45  ? -2.190  -19.711 12.677  1.00 21.70 ? 61  TYR A CE1 1 
ATOM   367  C CE2 . TYR A 1 45  ? -2.320  -17.813 14.129  1.00 23.64 ? 61  TYR A CE2 1 
ATOM   368  C CZ  . TYR A 1 45  ? -2.005  -19.130 13.916  1.00 21.48 ? 61  TYR A CZ  1 
ATOM   369  O OH  . TYR A 1 45  ? -1.496  -19.852 14.973  1.00 24.81 ? 61  TYR A OH  1 
ATOM   370  N N   . GLU A 1 46  ? -6.098  -15.482 12.142  1.00 18.04 ? 62  GLU A N   1 
ATOM   371  C CA  . GLU A 1 46  ? -6.810  -15.121 13.373  1.00 21.39 ? 62  GLU A CA  1 
ATOM   372  C C   . GLU A 1 46  ? -8.225  -15.685 13.410  1.00 24.01 ? 62  GLU A C   1 
ATOM   373  O O   . GLU A 1 46  ? -8.713  -16.065 14.473  1.00 26.47 ? 62  GLU A O   1 
ATOM   374  C CB  . GLU A 1 46  ? -6.843  -13.602 13.593  1.00 23.05 ? 62  GLU A CB  1 
ATOM   375  C CG  . GLU A 1 46  ? -5.480  -12.987 13.838  1.00 24.91 ? 62  GLU A CG  1 
ATOM   376  C CD  . GLU A 1 46  ? -5.540  -11.600 14.474  1.00 33.26 ? 62  GLU A CD  1 
ATOM   377  O OE1 . GLU A 1 46  ? -6.648  -11.114 14.799  1.00 32.82 ? 62  GLU A OE1 1 
ATOM   378  O OE2 . GLU A 1 46  ? -4.459  -10.997 14.654  1.00 38.05 ? 62  GLU A OE2 1 
ATOM   379  N N   . SER A 1 47  ? -8.866  -15.763 12.248  1.00 21.37 ? 63  SER A N   1 
ATOM   380  C CA  . SER A 1 47  ? -10.237 -16.260 12.160  1.00 23.29 ? 63  SER A CA  1 
ATOM   381  C C   . SER A 1 47  ? -10.311 -17.774 12.336  1.00 24.34 ? 63  SER A C   1 
ATOM   382  O O   . SER A 1 47  ? -11.399 -18.329 12.511  1.00 26.40 ? 63  SER A O   1 
ATOM   383  C CB  . SER A 1 47  ? -10.872 -15.865 10.826  1.00 23.92 ? 63  SER A CB  1 
ATOM   384  O OG  . SER A 1 47  ? -10.358 -16.652 9.764   1.00 26.12 ? 63  SER A OG  1 
ATOM   385  N N   . LEU A 1 48  ? -9.165  -18.447 12.292  1.00 21.71 ? 64  LEU A N   1 
ATOM   386  C CA  . LEU A 1 48  ? -9.160  -19.903 12.460  1.00 25.54 ? 64  LEU A CA  1 
ATOM   387  C C   . LEU A 1 48  ? -9.575  -20.286 13.880  1.00 26.85 ? 64  LEU A C   1 
ATOM   388  O O   . LEU A 1 48  ? -10.246 -21.297 14.090  1.00 32.69 ? 64  LEU A O   1 
ATOM   389  C CB  . LEU A 1 48  ? -7.789  -20.498 12.121  1.00 25.73 ? 64  LEU A CB  1 
ATOM   390  C CG  . LEU A 1 48  ? -7.358  -20.418 10.652  1.00 23.32 ? 64  LEU A CG  1 
ATOM   391  C CD1 . LEU A 1 48  ? -5.974  -21.033 10.447  1.00 21.68 ? 64  LEU A CD1 1 
ATOM   392  C CD2 . LEU A 1 48  ? -8.374  -21.093 9.754   1.00 23.28 ? 64  LEU A CD2 1 
ATOM   393  N N   . THR A 1 49  ? -9.194  -19.454 14.842  1.00 27.66 ? 65  THR A N   1 
ATOM   394  C CA  . THR A 1 49  ? -9.488  -19.711 16.249  1.00 29.95 ? 65  THR A CA  1 
ATOM   395  C C   . THR A 1 49  ? -10.653 -18.852 16.761  1.00 35.53 ? 65  THR A C   1 
ATOM   396  O O   . THR A 1 49  ? -11.340 -19.227 17.713  1.00 35.10 ? 65  THR A O   1 
ATOM   397  C CB  . THR A 1 49  ? -8.245  -19.484 17.140  1.00 33.37 ? 65  THR A CB  1 
ATOM   398  O OG1 . THR A 1 49  ? -7.789  -18.132 17.004  1.00 35.85 ? 65  THR A OG1 1 
ATOM   399  C CG2 . THR A 1 49  ? -7.117  -20.443 16.766  1.00 29.50 ? 65  THR A CG2 1 
ATOM   400  N N   . ASP A 1 50  ? -10.866 -17.698 16.128  1.00 30.44 ? 66  ASP A N   1 
ATOM   401  C CA  . ASP A 1 50  ? -11.980 -16.813 16.471  1.00 29.89 ? 66  ASP A CA  1 
ATOM   402  C C   . ASP A 1 50  ? -12.722 -16.357 15.210  1.00 28.33 ? 66  ASP A C   1 
ATOM   403  O O   . ASP A 1 50  ? -12.395 -15.317 14.624  1.00 28.45 ? 66  ASP A O   1 
ATOM   404  C CB  . ASP A 1 50  ? -11.470 -15.602 17.256  1.00 30.05 ? 66  ASP A CB  1 
ATOM   405  C CG  . ASP A 1 50  ? -12.594 -14.715 17.768  1.00 31.11 ? 66  ASP A CG  1 
ATOM   406  O OD1 . ASP A 1 50  ? -13.774 -14.982 17.454  1.00 35.93 ? 66  ASP A OD1 1 
ATOM   407  O OD2 . ASP A 1 50  ? -12.292 -13.740 18.487  1.00 33.15 ? 66  ASP A OD2 1 
ATOM   408  N N   . PRO A 1 51  ? -13.744 -17.118 14.799  1.00 30.18 ? 67  PRO A N   1 
ATOM   409  C CA  . PRO A 1 51  ? -14.448 -16.825 13.547  1.00 27.31 ? 67  PRO A CA  1 
ATOM   410  C C   . PRO A 1 51  ? -15.232 -15.515 13.592  1.00 25.51 ? 67  PRO A C   1 
ATOM   411  O O   . PRO A 1 51  ? -15.606 -15.007 12.533  1.00 27.56 ? 67  PRO A O   1 
ATOM   412  C CB  . PRO A 1 51  ? -15.404 -18.017 13.394  1.00 29.92 ? 67  PRO A CB  1 
ATOM   413  C CG  . PRO A 1 51  ? -14.848 -19.076 14.299  1.00 32.67 ? 67  PRO A CG  1 
ATOM   414  C CD  . PRO A 1 51  ? -14.261 -18.333 15.446  1.00 31.99 ? 67  PRO A CD  1 
ATOM   415  N N   . SER A 1 52  ? -15.465 -14.974 14.788  1.00 28.74 ? 68  SER A N   1 
ATOM   416  C CA  . SER A 1 52  ? -16.215 -13.726 14.927  1.00 28.71 ? 68  SER A CA  1 
ATOM   417  C C   . SER A 1 52  ? -15.425 -12.543 14.364  1.00 27.52 ? 68  SER A C   1 
ATOM   418  O O   . SER A 1 52  ? -15.982 -11.478 14.094  1.00 24.17 ? 68  SER A O   1 
ATOM   419  C CB  . SER A 1 52  ? -16.589 -13.459 16.388  1.00 28.22 ? 68  SER A CB  1 
ATOM   420  O OG  . SER A 1 52  ? -15.454 -13.169 17.179  1.00 30.07 ? 68  SER A OG  1 
ATOM   421  N N   . LYS A 1 53  ? -14.124 -12.729 14.183  1.00 25.91 ? 69  LYS A N   1 
ATOM   422  C CA  . LYS A 1 53  ? -13.319 -11.674 13.578  1.00 24.75 ? 69  LYS A CA  1 
ATOM   423  C C   . LYS A 1 53  ? -13.698 -11.445 12.116  1.00 24.31 ? 69  LYS A C   1 
ATOM   424  O O   . LYS A 1 53  ? -13.299 -10.442 11.518  1.00 22.02 ? 69  LYS A O   1 
ATOM   425  C CB  . LYS A 1 53  ? -11.834 -11.991 13.724  1.00 23.15 ? 69  LYS A CB  1 
ATOM   426  C CG  . LYS A 1 53  ? -11.352 -11.793 15.145  1.00 28.26 ? 69  LYS A CG  1 
ATOM   427  C CD  . LYS A 1 53  ? -9.890  -12.140 15.308  1.00 25.55 ? 69  LYS A CD  1 
ATOM   428  C CE  . LYS A 1 53  ? -9.440  -11.825 16.720  1.00 29.52 ? 69  LYS A CE  1 
ATOM   429  N NZ  . LYS A 1 53  ? -7.991  -12.062 16.913  1.00 32.63 ? 69  LYS A NZ  1 
ATOM   430  N N   . LEU A 1 54  ? -14.461 -12.374 11.545  1.00 22.85 ? 70  LEU A N   1 
ATOM   431  C CA  . LEU A 1 54  ? -14.951 -12.227 10.179  1.00 20.74 ? 70  LEU A CA  1 
ATOM   432  C C   . LEU A 1 54  ? -16.360 -11.631 10.121  1.00 21.04 ? 70  LEU A C   1 
ATOM   433  O O   . LEU A 1 54  ? -16.957 -11.559 9.048   1.00 22.39 ? 70  LEU A O   1 
ATOM   434  C CB  . LEU A 1 54  ? -14.907 -13.558 9.424   1.00 24.20 ? 70  LEU A CB  1 
ATOM   435  C CG  . LEU A 1 54  ? -13.520 -14.132 9.126   1.00 23.83 ? 70  LEU A CG  1 
ATOM   436  C CD1 . LEU A 1 54  ? -13.613 -15.425 8.330   1.00 25.19 ? 70  LEU A CD1 1 
ATOM   437  C CD2 . LEU A 1 54  ? -12.646 -13.109 8.410   1.00 23.78 ? 70  LEU A CD2 1 
ATOM   438  N N   . ASP A 1 55  ? -16.871 -11.188 11.266  1.00 23.20 ? 71  ASP A N   1 
ATOM   439  C CA  . ASP A 1 55  ? -18.191 -10.561 11.308  1.00 26.14 ? 71  ASP A CA  1 
ATOM   440  C C   . ASP A 1 55  ? -18.197 -9.274  10.490  1.00 25.06 ? 71  ASP A C   1 
ATOM   441  O O   . ASP A 1 55  ? -19.232 -8.851  9.988   1.00 25.70 ? 71  ASP A O   1 
ATOM   442  C CB  . ASP A 1 55  ? -18.617 -10.279 12.752  1.00 24.59 ? 71  ASP A CB  1 
ATOM   443  C CG  . ASP A 1 55  ? -19.034 -11.537 13.500  1.00 29.84 ? 71  ASP A CG  1 
ATOM   444  O OD1 . ASP A 1 55  ? -19.182 -12.593 12.856  1.00 33.19 ? 71  ASP A OD1 1 
ATOM   445  O OD2 . ASP A 1 55  ? -19.221 -11.465 14.731  1.00 33.07 ? 71  ASP A OD2 1 
ATOM   446  N N   . SER A 1 56  ? -17.021 -8.672  10.356  1.00 23.83 ? 72  SER A N   1 
ATOM   447  C CA  . SER A 1 56  ? -16.830 -7.466  9.562   1.00 22.35 ? 72  SER A CA  1 
ATOM   448  C C   . SER A 1 56  ? -16.639 -7.751  8.068   1.00 25.44 ? 72  SER A C   1 
ATOM   449  O O   . SER A 1 56  ? -16.357 -6.841  7.286   1.00 25.58 ? 72  SER A O   1 
ATOM   450  C CB  . SER A 1 56  ? -15.619 -6.707  10.099  1.00 21.53 ? 72  SER A CB  1 
ATOM   451  O OG  . SER A 1 56  ? -14.542 -7.603  10.307  1.00 20.03 ? 72  SER A OG  1 
ATOM   452  N N   . GLY A 1 57  ? -16.796 -9.013  7.669   1.00 20.26 ? 73  GLY A N   1 
ATOM   453  C CA  . GLY A 1 57  ? -16.701 -9.391  6.271   1.00 23.32 ? 73  GLY A CA  1 
ATOM   454  C C   . GLY A 1 57  ? -16.000 -10.722 6.081   1.00 22.75 ? 73  GLY A C   1 
ATOM   455  O O   . GLY A 1 57  ? -14.841 -10.871 6.445   1.00 21.97 ? 73  GLY A O   1 
ATOM   456  N N   . LYS A 1 58  ? -16.702 -11.702 5.516   1.00 23.07 ? 74  LYS A N   1 
ATOM   457  C CA  . LYS A 1 58  ? -16.121 -13.032 5.346   1.00 21.85 ? 74  LYS A CA  1 
ATOM   458  C C   . LYS A 1 58  ? -15.236 -13.180 4.108   1.00 22.31 ? 74  LYS A C   1 
ATOM   459  O O   . LYS A 1 58  ? -14.371 -14.056 4.066   1.00 22.89 ? 74  LYS A O   1 
ATOM   460  C CB  . LYS A 1 58  ? -17.219 -14.107 5.355   1.00 28.27 ? 74  LYS A CB  1 
ATOM   461  C CG  . LYS A 1 58  ? -17.819 -14.340 6.734   1.00 29.41 ? 74  LYS A CG  1 
ATOM   462  C CD  . LYS A 1 58  ? -18.932 -15.377 6.693   1.00 34.49 ? 74  LYS A CD  1 
ATOM   463  C CE  . LYS A 1 58  ? -19.521 -15.612 8.076   1.00 39.23 ? 74  LYS A CE  1 
ATOM   464  N NZ  . LYS A 1 58  ? -20.770 -16.431 8.008   1.00 44.89 ? 74  LYS A NZ  1 
ATOM   465  N N   . GLU A 1 59  ? -15.436 -12.318 3.114   1.00 19.13 ? 75  GLU A N   1 
ATOM   466  C CA  . GLU A 1 59  ? -14.731 -12.443 1.846   1.00 21.00 ? 75  GLU A CA  1 
ATOM   467  C C   . GLU A 1 59  ? -13.313 -11.898 1.963   1.00 19.68 ? 75  GLU A C   1 
ATOM   468  O O   . GLU A 1 59  ? -13.102 -10.808 2.493   1.00 23.05 ? 75  GLU A O   1 
ATOM   469  C CB  . GLU A 1 59  ? -15.469 -11.699 0.726   1.00 25.91 ? 75  GLU A CB  1 
ATOM   470  C CG  . GLU A 1 59  ? -16.796 -12.323 0.303   1.00 29.22 ? 75  GLU A CG  1 
ATOM   471  C CD  . GLU A 1 59  ? -17.911 -12.097 1.310   1.00 38.25 ? 75  GLU A CD  1 
ATOM   472  O OE1 . GLU A 1 59  ? -17.875 -11.076 2.032   1.00 40.16 ? 75  GLU A OE1 1 
ATOM   473  O OE2 . GLU A 1 59  ? -18.830 -12.945 1.381   1.00 44.39 ? 75  GLU A OE2 1 
ATOM   474  N N   . LEU A 1 60  ? -12.354 -12.669 1.466   1.00 18.26 ? 76  LEU A N   1 
ATOM   475  C CA  . LEU A 1 60  ? -10.944 -12.297 1.530   1.00 17.24 ? 76  LEU A CA  1 
ATOM   476  C C   . LEU A 1 60  ? -10.477 -12.089 0.105   1.00 17.82 ? 76  LEU A C   1 
ATOM   477  O O   . LEU A 1 60  ? -10.286 -13.051 -0.646  1.00 18.76 ? 76  LEU A O   1 
ATOM   478  C CB  . LEU A 1 60  ? -10.144 -13.414 2.202   1.00 18.11 ? 76  LEU A CB  1 
ATOM   479  C CG  . LEU A 1 60  ? -10.599 -13.743 3.623   1.00 20.72 ? 76  LEU A CG  1 
ATOM   480  C CD1 . LEU A 1 60  ? -9.660  -14.756 4.268   1.00 24.34 ? 76  LEU A CD1 1 
ATOM   481  C CD2 . LEU A 1 60  ? -10.684 -12.480 4.461   1.00 20.51 ? 76  LEU A CD2 1 
ATOM   482  N N   . HIS A 1 61  ? -10.335 -10.830 -0.298  1.00 15.80 ? 77  HIS A N   1 
ATOM   483  C CA  . HIS A 1 61  ? -10.034 -10.551 -1.694  1.00 15.75 ? 77  HIS A CA  1 
ATOM   484  C C   . HIS A 1 61  ? -9.289  -9.248  -1.886  1.00 13.44 ? 77  HIS A C   1 
ATOM   485  O O   . HIS A 1 61  ? -9.155  -8.459  -0.955  1.00 14.69 ? 77  HIS A O   1 
ATOM   486  C CB  . HIS A 1 61  ? -11.328 -10.494 -2.510  1.00 16.87 ? 77  HIS A CB  1 
ATOM   487  C CG  . HIS A 1 61  ? -12.268 -9.413  -2.071  1.00 18.68 ? 77  HIS A CG  1 
ATOM   488  N ND1 . HIS A 1 61  ? -13.520 -9.680  -1.565  1.00 25.71 ? 77  HIS A ND1 1 
ATOM   489  C CD2 . HIS A 1 61  ? -12.135 -8.065  -2.052  1.00 22.16 ? 77  HIS A CD2 1 
ATOM   490  C CE1 . HIS A 1 61  ? -14.124 -8.545  -1.262  1.00 20.99 ? 77  HIS A CE1 1 
ATOM   491  N NE2 . HIS A 1 61  ? -13.301 -7.550  -1.543  1.00 23.88 ? 77  HIS A NE2 1 
ATOM   492  N N   . ILE A 1 62  ? -8.847  -9.029  -3.117  1.00 14.25 ? 78  ILE A N   1 
ATOM   493  C CA  . ILE A 1 62  ? -8.159  -7.802  -3.499  1.00 14.36 ? 78  ILE A CA  1 
ATOM   494  C C   . ILE A 1 62  ? -8.824  -7.252  -4.758  1.00 15.77 ? 78  ILE A C   1 
ATOM   495  O O   . ILE A 1 62  ? -9.013  -7.981  -5.716  1.00 15.70 ? 78  ILE A O   1 
ATOM   496  C CB  . ILE A 1 62  ? -6.683  -8.086  -3.818  1.00 14.44 ? 78  ILE A CB  1 
ATOM   497  C CG1 . ILE A 1 62  ? -5.969  -8.654  -2.590  1.00 14.75 ? 78  ILE A CG1 1 
ATOM   498  C CG2 . ILE A 1 62  ? -5.975  -6.825  -4.312  1.00 16.09 ? 78  ILE A CG2 1 
ATOM   499  C CD1 . ILE A 1 62  ? -4.572  -9.167  -2.894  1.00 17.90 ? 78  ILE A CD1 1 
ATOM   500  N N   . ASN A 1 63  ? -9.172  -5.968  -4.750  1.00 14.65 ? 79  ASN A N   1 
ATOM   501  C CA  . ASN A 1 63  ? -9.731  -5.314  -5.930  1.00 13.48 ? 79  ASN A CA  1 
ATOM   502  C C   . ASN A 1 63  ? -8.812  -4.216  -6.418  1.00 14.39 ? 79  ASN A C   1 
ATOM   503  O O   . ASN A 1 63  ? -8.257  -3.464  -5.614  1.00 15.36 ? 79  ASN A O   1 
ATOM   504  C CB  . ASN A 1 63  ? -11.089 -4.688  -5.619  1.00 14.01 ? 79  ASN A CB  1 
ATOM   505  C CG  . ASN A 1 63  ? -12.131 -5.712  -5.241  1.00 17.05 ? 79  ASN A CG  1 
ATOM   506  O OD1 . ASN A 1 63  ? -12.088 -6.854  -5.697  1.00 17.58 ? 79  ASN A OD1 1 
ATOM   507  N ND2 . ASN A 1 63  ? -13.087 -5.299  -4.420  1.00 18.70 ? 79  ASN A ND2 1 
ATOM   508  N N   . LEU A 1 64  ? -8.671  -4.107  -7.736  1.00 13.50 ? 80  LEU A N   1 
ATOM   509  C CA  . LEU A 1 64  ? -7.859  -3.053  -8.333  1.00 13.38 ? 80  LEU A CA  1 
ATOM   510  C C   . LEU A 1 64  ? -8.807  -2.147  -9.102  1.00 16.28 ? 80  LEU A C   1 
ATOM   511  O O   . LEU A 1 64  ? -9.518  -2.600  -10.003 1.00 15.60 ? 80  LEU A O   1 
ATOM   512  C CB  . LEU A 1 64  ? -6.822  -3.653  -9.285  1.00 15.72 ? 80  LEU A CB  1 
ATOM   513  C CG  . LEU A 1 64  ? -5.939  -4.739  -8.678  1.00 13.49 ? 80  LEU A CG  1 
ATOM   514  C CD1 . LEU A 1 64  ? -4.986  -5.285  -9.728  1.00 15.93 ? 80  LEU A CD1 1 
ATOM   515  C CD2 . LEU A 1 64  ? -5.171  -4.186  -7.469  1.00 13.92 ? 80  LEU A CD2 1 
ATOM   516  N N   . ILE A 1 65  ? -8.844  -0.872  -8.736  1.00 13.85 ? 81  ILE A N   1 
ATOM   517  C CA  . ILE A 1 65  ? -9.842  0.026   -9.305  1.00 14.66 ? 81  ILE A CA  1 
ATOM   518  C C   . ILE A 1 65  ? -9.192  1.258   -9.943  1.00 14.23 ? 81  ILE A C   1 
ATOM   519  O O   . ILE A 1 65  ? -8.798  2.194   -9.246  1.00 15.57 ? 81  ILE A O   1 
ATOM   520  C CB  . ILE A 1 65  ? -10.869 0.461   -8.244  1.00 16.05 ? 81  ILE A CB  1 
ATOM   521  C CG1 . ILE A 1 65  ? -11.388 -0.754  -7.467  1.00 15.26 ? 81  ILE A CG1 1 
ATOM   522  C CG2 . ILE A 1 65  ? -12.029 1.201   -8.897  1.00 15.78 ? 81  ILE A CG2 1 
ATOM   523  C CD1 . ILE A 1 65  ? -12.235 -0.414  -6.273  1.00 18.04 ? 81  ILE A CD1 1 
ATOM   524  N N   . PRO A 1 66  ? -9.069  1.250   -11.273 1.00 17.17 ? 82  PRO A N   1 
ATOM   525  C CA  . PRO A 1 66  ? -8.552  2.438   -11.957 1.00 16.96 ? 82  PRO A CA  1 
ATOM   526  C C   . PRO A 1 66  ? -9.685  3.431   -12.178 1.00 19.26 ? 82  PRO A C   1 
ATOM   527  O O   . PRO A 1 66  ? -10.819 3.020   -12.422 1.00 19.53 ? 82  PRO A O   1 
ATOM   528  C CB  . PRO A 1 66  ? -8.072  1.886   -13.297 1.00 18.46 ? 82  PRO A CB  1 
ATOM   529  C CG  . PRO A 1 66  ? -8.964  0.695   -13.553 1.00 20.15 ? 82  PRO A CG  1 
ATOM   530  C CD  . PRO A 1 66  ? -9.327  0.132   -12.201 1.00 19.01 ? 82  PRO A CD  1 
ATOM   531  N N   . ASN A 1 67  ? -9.370  4.718   -12.083 1.00 18.46 ? 83  ASN A N   1 
ATOM   532  C CA  . ASN A 1 67  ? -10.309 5.790   -12.387 1.00 20.58 ? 83  ASN A CA  1 
ATOM   533  C C   . ASN A 1 67  ? -9.569  6.841   -13.205 1.00 22.83 ? 83  ASN A C   1 
ATOM   534  O O   . ASN A 1 67  ? -8.773  7.604   -12.667 1.00 21.76 ? 83  ASN A O   1 
ATOM   535  C CB  . ASN A 1 67  ? -10.870 6.401   -11.097 1.00 19.64 ? 83  ASN A CB  1 
ATOM   536  C CG  . ASN A 1 67  ? -12.016 7.376   -11.352 1.00 28.35 ? 83  ASN A CG  1 
ATOM   537  O OD1 . ASN A 1 67  ? -11.890 8.311   -12.146 1.00 25.71 ? 83  ASN A OD1 1 
ATOM   538  N ND2 . ASN A 1 67  ? -13.148 7.151   -10.687 1.00 28.80 ? 83  ASN A ND2 1 
ATOM   539  N N   . LYS A 1 68  ? -9.817  6.867   -14.509 1.00 25.52 ? 84  LYS A N   1 
ATOM   540  C CA  . LYS A 1 68  ? -9.095  7.785   -15.392 1.00 26.09 ? 84  LYS A CA  1 
ATOM   541  C C   . LYS A 1 68  ? -9.506  9.241   -15.194 1.00 29.03 ? 84  LYS A C   1 
ATOM   542  O O   . LYS A 1 68  ? -8.721  10.152  -15.442 1.00 28.26 ? 84  LYS A O   1 
ATOM   543  C CB  . LYS A 1 68  ? -9.257  7.370   -16.854 1.00 27.39 ? 84  LYS A CB  1 
ATOM   544  C CG  . LYS A 1 68  ? -8.446  6.144   -17.222 1.00 28.12 ? 84  LYS A CG  1 
ATOM   545  C CD  . LYS A 1 68  ? -8.670  5.747   -18.670 1.00 30.34 ? 84  LYS A CD  1 
ATOM   546  C CE  . LYS A 1 68  ? -7.877  4.501   -19.022 1.00 32.83 ? 84  LYS A CE  1 
ATOM   547  N NZ  . LYS A 1 68  ? -8.198  4.023   -20.396 1.00 38.72 ? 84  LYS A NZ  1 
ATOM   548  N N   . GLN A 1 69  ? -10.729 9.450   -14.727 1.00 26.91 ? 85  GLN A N   1 
ATOM   549  C CA  . GLN A 1 69  ? -11.249 10.793  -14.492 1.00 30.98 ? 85  GLN A CA  1 
ATOM   550  C C   . GLN A 1 69  ? -10.561 11.454  -13.305 1.00 31.12 ? 85  GLN A C   1 
ATOM   551  O O   . GLN A 1 69  ? -10.259 12.649  -13.338 1.00 29.61 ? 85  GLN A O   1 
ATOM   552  C CB  . GLN A 1 69  ? -12.764 10.751  -14.273 1.00 33.29 ? 85  GLN A CB  1 
ATOM   553  C CG  . GLN A 1 69  ? -13.583 10.419  -15.529 1.00 37.91 ? 85  GLN A CG  1 
ATOM   554  C CD  . GLN A 1 69  ? -13.324 9.018   -16.082 1.00 41.77 ? 85  GLN A CD  1 
ATOM   555  O OE1 . GLN A 1 69  ? -13.288 8.030   -15.337 1.00 41.10 ? 85  GLN A OE1 1 
ATOM   556  N NE2 . GLN A 1 69  ? -13.129 8.932   -17.396 1.00 42.13 ? 85  GLN A NE2 1 
ATOM   557  N N   . ASP A 1 70  ? -10.306 10.672  -12.260 1.00 26.16 ? 86  ASP A N   1 
ATOM   558  C CA  . ASP A 1 70  ? -9.649  11.188  -11.061 1.00 26.24 ? 86  ASP A CA  1 
ATOM   559  C C   . ASP A 1 70  ? -8.134  10.995  -11.121 1.00 23.60 ? 86  ASP A C   1 
ATOM   560  O O   . ASP A 1 70  ? -7.402  11.527  -10.288 1.00 22.98 ? 86  ASP A O   1 
ATOM   561  C CB  . ASP A 1 70  ? -10.202 10.503  -9.807  1.00 28.51 ? 86  ASP A CB  1 
ATOM   562  C CG  . ASP A 1 70  ? -11.667 10.795  -9.576  1.00 32.87 ? 86  ASP A CG  1 
ATOM   563  O OD1 . ASP A 1 70  ? -12.181 11.772  -10.158 1.00 34.77 ? 86  ASP A OD1 1 
ATOM   564  O OD2 . ASP A 1 70  ? -12.300 10.054  -8.799  1.00 34.15 ? 86  ASP A OD2 1 
ATOM   565  N N   . ARG A 1 71  ? -7.676  10.243  -12.121 1.00 22.95 ? 87  ARG A N   1 
ATOM   566  C CA  . ARG A 1 71  ? -6.272  9.842   -12.245 1.00 20.79 ? 87  ARG A CA  1 
ATOM   567  C C   . ARG A 1 71  ? -5.798  9.131   -10.976 1.00 19.58 ? 87  ARG A C   1 
ATOM   568  O O   . ARG A 1 71  ? -4.748  9.452   -10.404 1.00 20.71 ? 87  ARG A O   1 
ATOM   569  C CB  . ARG A 1 71  ? -5.363  11.022  -12.591 1.00 21.67 ? 87  ARG A CB  1 
ATOM   570  C CG  . ARG A 1 71  ? -4.131  10.625  -13.375 1.00 23.79 ? 87  ARG A CG  1 
ATOM   571  C CD  . ARG A 1 71  ? -3.470  11.849  -13.982 1.00 31.96 ? 87  ARG A CD  1 
ATOM   572  N NE  . ARG A 1 71  ? -2.570  12.496  -13.043 1.00 33.95 ? 87  ARG A NE  1 
ATOM   573  C CZ  . ARG A 1 71  ? -2.218  13.775  -13.108 1.00 33.08 ? 87  ARG A CZ  1 
ATOM   574  N NH1 . ARG A 1 71  ? -2.700  14.551  -14.069 1.00 37.56 ? 87  ARG A NH1 1 
ATOM   575  N NH2 . ARG A 1 71  ? -1.387  14.273  -12.210 1.00 35.35 ? 87  ARG A NH2 1 
ATOM   576  N N   . THR A 1 72  ? -6.591  8.154   -10.548 1.00 18.44 ? 88  THR A N   1 
ATOM   577  C CA  . THR A 1 72  ? -6.258  7.359   -9.376  1.00 16.66 ? 88  THR A CA  1 
ATOM   578  C C   . THR A 1 72  ? -6.290  5.868   -9.674  1.00 17.16 ? 88  THR A C   1 
ATOM   579  O O   . THR A 1 72  ? -7.117  5.398   -10.445 1.00 17.81 ? 88  THR A O   1 
ATOM   580  C CB  . THR A 1 72  ? -7.198  7.645   -8.187  1.00 17.38 ? 88  THR A CB  1 
ATOM   581  O OG1 . THR A 1 72  ? -8.559  7.365   -8.558  1.00 18.37 ? 88  THR A OG1 1 
ATOM   582  C CG2 . THR A 1 72  ? -7.063  9.091   -7.738  1.00 20.39 ? 88  THR A CG2 1 
ATOM   583  N N   . LEU A 1 73  ? -5.368  5.135   -9.058  1.00 15.37 ? 89  LEU A N   1 
ATOM   584  C CA  . LEU A 1 73  ? -5.450  3.679   -9.022  1.00 15.98 ? 89  LEU A CA  1 
ATOM   585  C C   . LEU A 1 73  ? -5.618  3.280   -7.565  1.00 15.12 ? 89  LEU A C   1 
ATOM   586  O O   . LEU A 1 73  ? -4.801  3.645   -6.717  1.00 14.96 ? 89  LEU A O   1 
ATOM   587  C CB  . LEU A 1 73  ? -4.179  3.045   -9.596  1.00 16.04 ? 89  LEU A CB  1 
ATOM   588  C CG  . LEU A 1 73  ? -4.114  1.515   -9.560  1.00 15.57 ? 89  LEU A CG  1 
ATOM   589  C CD1 . LEU A 1 73  ? -5.245  0.907   -10.367 1.00 16.41 ? 89  LEU A CD1 1 
ATOM   590  C CD2 . LEU A 1 73  ? -2.769  1.027   -10.097 1.00 17.44 ? 89  LEU A CD2 1 
ATOM   591  N N   . THR A 1 74  ? -6.684  2.541   -7.271  1.00 14.38 ? 90  THR A N   1 
ATOM   592  C CA  . THR A 1 74  ? -6.985  2.170   -5.894  1.00 14.08 ? 90  THR A CA  1 
ATOM   593  C C   . THR A 1 74  ? -6.844  0.663   -5.715  1.00 14.50 ? 90  THR A C   1 
ATOM   594  O O   . THR A 1 74  ? -7.336  -0.121  -6.532  1.00 14.16 ? 90  THR A O   1 
ATOM   595  C CB  . THR A 1 74  ? -8.410  2.615   -5.505  1.00 16.45 ? 90  THR A CB  1 
ATOM   596  O OG1 . THR A 1 74  ? -8.513  4.041   -5.624  1.00 16.76 ? 90  THR A OG1 1 
ATOM   597  C CG2 . THR A 1 74  ? -8.736  2.216   -4.086  1.00 16.74 ? 90  THR A CG2 1 
ATOM   598  N N   . ILE A 1 75  ? -6.149  0.269   -4.653  1.00 14.32 ? 91  ILE A N   1 
ATOM   599  C CA  . ILE A 1 75  ? -5.996  -1.143  -4.313  1.00 13.78 ? 91  ILE A CA  1 
ATOM   600  C C   . ILE A 1 75  ? -6.745  -1.380  -3.012  1.00 14.66 ? 91  ILE A C   1 
ATOM   601  O O   . ILE A 1 75  ? -6.421  -0.780  -1.989  1.00 15.26 ? 91  ILE A O   1 
ATOM   602  C CB  . ILE A 1 75  ? -4.506  -1.540  -4.164  1.00 14.79 ? 91  ILE A CB  1 
ATOM   603  C CG1 . ILE A 1 75  ? -3.749  -1.308  -5.483  1.00 17.74 ? 91  ILE A CG1 1 
ATOM   604  C CG2 . ILE A 1 75  ? -4.379  -2.996  -3.748  1.00 15.16 ? 91  ILE A CG2 1 
ATOM   605  C CD1 . ILE A 1 75  ? -3.112  0.074   -5.610  1.00 21.78 ? 91  ILE A CD1 1 
ATOM   606  N N   . VAL A 1 76  ? -7.772  -2.225  -3.063  1.00 14.82 ? 92  VAL A N   1 
ATOM   607  C CA  . VAL A 1 76  ? -8.592  -2.479  -1.891  1.00 13.90 ? 92  VAL A CA  1 
ATOM   608  C C   . VAL A 1 76  ? -8.424  -3.916  -1.464  1.00 14.51 ? 92  VAL A C   1 
ATOM   609  O O   . VAL A 1 76  ? -8.469  -4.817  -2.298  1.00 15.18 ? 92  VAL A O   1 
ATOM   610  C CB  . VAL A 1 76  ? -10.091 -2.233  -2.189  1.00 15.02 ? 92  VAL A CB  1 
ATOM   611  C CG1 . VAL A 1 76  ? -10.925 -2.421  -0.925  1.00 18.42 ? 92  VAL A CG1 1 
ATOM   612  C CG2 . VAL A 1 76  ? -10.300 -0.845  -2.773  1.00 19.47 ? 92  VAL A CG2 1 
ATOM   613  N N   . ASP A 1 77  ? -8.222  -4.136  -0.169  1.00 13.51 ? 93  ASP A N   1 
ATOM   614  C CA  . ASP A 1 77  ? -8.230  -5.497  0.346   1.00 13.17 ? 93  ASP A CA  1 
ATOM   615  C C   . ASP A 1 77  ? -9.113  -5.616  1.582   1.00 15.48 ? 93  ASP A C   1 
ATOM   616  O O   . ASP A 1 77  ? -9.432  -4.630  2.236   1.00 14.00 ? 93  ASP A O   1 
ATOM   617  C CB  . ASP A 1 77  ? -6.809  -6.013  0.635   1.00 13.44 ? 93  ASP A CB  1 
ATOM   618  C CG  . ASP A 1 77  ? -6.147  -5.307  1.809   1.00 15.05 ? 93  ASP A CG  1 
ATOM   619  O OD1 . ASP A 1 77  ? -6.626  -5.448  2.956   1.00 14.21 ? 93  ASP A OD1 1 
ATOM   620  O OD2 . ASP A 1 77  ? -5.112  -4.632  1.585   1.00 13.99 ? 93  ASP A OD2 1 
ATOM   621  N N   . THR A 1 78  ? -9.519  -6.841  1.891   1.00 14.54 ? 94  THR A N   1 
ATOM   622  C CA  . THR A 1 78  ? -10.309 -7.080  3.085   1.00 12.81 ? 94  THR A CA  1 
ATOM   623  C C   . THR A 1 78  ? -9.472  -7.818  4.126   1.00 15.63 ? 94  THR A C   1 
ATOM   624  O O   . THR A 1 78  ? -9.957  -8.708  4.827   1.00 14.60 ? 94  THR A O   1 
ATOM   625  C CB  . THR A 1 78  ? -11.579 -7.853  2.757   1.00 15.99 ? 94  THR A CB  1 
ATOM   626  O OG1 . THR A 1 78  ? -11.237 -8.966  1.929   1.00 17.38 ? 94  THR A OG1 1 
ATOM   627  C CG2 . THR A 1 78  ? -12.553 -6.949  2.002   1.00 17.08 ? 94  THR A CG2 1 
ATOM   628  N N   . GLY A 1 79  ? -8.207  -7.421  4.245   1.00 15.21 ? 95  GLY A N   1 
ATOM   629  C CA  . GLY A 1 79  ? -7.340  -8.008  5.245   1.00 14.20 ? 95  GLY A CA  1 
ATOM   630  C C   . GLY A 1 79  ? -7.610  -7.497  6.651   1.00 14.14 ? 95  GLY A C   1 
ATOM   631  O O   . GLY A 1 79  ? -8.664  -6.919  6.940   1.00 14.74 ? 95  GLY A O   1 
ATOM   632  N N   . ILE A 1 80  ? -6.627  -7.680  7.527   1.00 14.48 ? 96  ILE A N   1 
ATOM   633  C CA  . ILE A 1 80  ? -6.780  -7.401  8.948   1.00 16.44 ? 96  ILE A CA  1 
ATOM   634  C C   . ILE A 1 80  ? -7.035  -5.917  9.250   1.00 16.26 ? 96  ILE A C   1 
ATOM   635  O O   . ILE A 1 80  ? -7.682  -5.576  10.247  1.00 16.65 ? 96  ILE A O   1 
ATOM   636  C CB  . ILE A 1 80  ? -5.554  -7.931  9.745   1.00 16.84 ? 96  ILE A CB  1 
ATOM   637  C CG1 . ILE A 1 80  ? -5.794  -7.873  11.258  1.00 21.73 ? 96  ILE A CG1 1 
ATOM   638  C CG2 . ILE A 1 80  ? -4.285  -7.185  9.357   1.00 17.57 ? 96  ILE A CG2 1 
ATOM   639  C CD1 . ILE A 1 80  ? -6.618  -9.000  11.767  1.00 27.19 ? 96  ILE A CD1 1 
ATOM   640  N N   . GLY A 1 81  ? -6.565  -5.034  8.374   1.00 15.39 ? 97  GLY A N   1 
ATOM   641  C CA  . GLY A 1 81  ? -6.698  -3.608  8.618   1.00 15.07 ? 97  GLY A CA  1 
ATOM   642  C C   . GLY A 1 81  ? -5.697  -3.110  9.648   1.00 15.16 ? 97  GLY A C   1 
ATOM   643  O O   . GLY A 1 81  ? -5.062  -3.899  10.354  1.00 16.94 ? 97  GLY A O   1 
ATOM   644  N N   . MET A 1 82  ? -5.549  -1.794  9.733   1.00 16.25 ? 98  MET A N   1 
ATOM   645  C CA  . MET A 1 82  ? -4.604  -1.188  10.667  1.00 17.86 ? 98  MET A CA  1 
ATOM   646  C C   . MET A 1 82  ? -5.320  -0.265  11.639  1.00 17.05 ? 98  MET A C   1 
ATOM   647  O O   . MET A 1 82  ? -6.311  0.376   11.298  1.00 18.52 ? 98  MET A O   1 
ATOM   648  C CB  . MET A 1 82  ? -3.547  -0.387  9.900   1.00 17.59 ? 98  MET A CB  1 
ATOM   649  C CG  . MET A 1 82  ? -2.554  -1.236  9.137   1.00 19.54 ? 98  MET A CG  1 
ATOM   650  S SD  . MET A 1 82  ? -1.511  -0.250  8.026   1.00 20.50 ? 98  MET A SD  1 
ATOM   651  C CE  . MET A 1 82  ? -2.678  0.104   6.723   1.00 22.25 ? 98  MET A CE  1 
ATOM   652  N N   . THR A 1 83  ? -4.815  -0.214  12.865  1.00 17.42 ? 99  THR A N   1 
ATOM   653  C CA  . THR A 1 83  ? -5.320  0.722   13.857  1.00 16.78 ? 99  THR A CA  1 
ATOM   654  C C   . THR A 1 83  ? -4.705  2.100   13.613  1.00 19.54 ? 99  THR A C   1 
ATOM   655  O O   . THR A 1 83  ? -3.734  2.228   12.866  1.00 18.75 ? 99  THR A O   1 
ATOM   656  C CB  . THR A 1 83  ? -4.926  0.269   15.271  1.00 18.47 ? 99  THR A CB  1 
ATOM   657  O OG1 . THR A 1 83  ? -3.496  0.273   15.388  1.00 21.71 ? 99  THR A OG1 1 
ATOM   658  C CG2 . THR A 1 83  ? -5.452  -1.130  15.535  1.00 20.26 ? 99  THR A CG2 1 
ATOM   659  N N   . LYS A 1 84  ? -5.262  3.122   14.257  1.00 17.27 ? 100 LYS A N   1 
ATOM   660  C CA  . LYS A 1 84  ? -4.685  4.459   14.174  1.00 19.11 ? 100 LYS A CA  1 
ATOM   661  C C   . LYS A 1 84  ? -3.217  4.427   14.580  1.00 18.20 ? 100 LYS A C   1 
ATOM   662  O O   . LYS A 1 84  ? -2.375  5.066   13.937  1.00 17.72 ? 100 LYS A O   1 
ATOM   663  C CB  . LYS A 1 84  ? -5.445  5.439   15.074  1.00 22.03 ? 100 LYS A CB  1 
ATOM   664  C CG  . LYS A 1 84  ? -4.963  6.875   14.931  1.00 23.12 ? 100 LYS A CG  1 
ATOM   665  C CD  . LYS A 1 84  ? -5.654  7.836   15.907  1.00 21.03 ? 100 LYS A CD  1 
ATOM   666  C CE  . LYS A 1 84  ? -5.138  9.255   15.694  1.00 25.83 ? 100 LYS A CE  1 
ATOM   667  N NZ  . LYS A 1 84  ? -5.738  10.237  16.630  1.00 26.49 ? 100 LYS A NZ  1 
ATOM   668  N N   . ALA A 1 85  ? -2.915  3.678   15.643  1.00 18.30 ? 101 ALA A N   1 
ATOM   669  C CA  . ALA A 1 85  ? -1.547  3.558   16.141  1.00 19.13 ? 101 ALA A CA  1 
ATOM   670  C C   . ALA A 1 85  ? -0.624  2.954   15.089  1.00 19.88 ? 101 ALA A C   1 
ATOM   671  O O   . ALA A 1 85  ? 0.509   3.409   14.928  1.00 19.91 ? 101 ALA A O   1 
ATOM   672  C CB  . ALA A 1 85  ? -1.505  2.740   17.420  1.00 22.76 ? 101 ALA A CB  1 
ATOM   673  N N   . ASP A 1 86  ? -1.115  1.939   14.381  1.00 19.58 ? 102 ASP A N   1 
ATOM   674  C CA  . ASP A 1 86  ? -0.364  1.333   13.274  1.00 21.34 ? 102 ASP A CA  1 
ATOM   675  C C   . ASP A 1 86  ? -0.033  2.365   12.196  1.00 18.80 ? 102 ASP A C   1 
ATOM   676  O O   . ASP A 1 86  ? 1.106   2.440   11.726  1.00 18.08 ? 102 ASP A O   1 
ATOM   677  C CB  . ASP A 1 86  ? -1.152  0.189   12.617  1.00 22.00 ? 102 ASP A CB  1 
ATOM   678  C CG  . ASP A 1 86  ? -1.303  -1.034  13.516  1.00 27.15 ? 102 ASP A CG  1 
ATOM   679  O OD1 . ASP A 1 86  ? -0.380  -1.325  14.308  1.00 27.14 ? 102 ASP A OD1 1 
ATOM   680  O OD2 . ASP A 1 86  ? -2.354  -1.717  13.404  1.00 27.44 ? 102 ASP A OD2 1 
ATOM   681  N N   . LEU A 1 87  ? -1.034  3.141   11.786  1.00 19.92 ? 103 LEU A N   1 
ATOM   682  C CA  . LEU A 1 87  ? -0.838  4.129   10.728  1.00 19.33 ? 103 LEU A CA  1 
ATOM   683  C C   . LEU A 1 87  ? 0.276   5.092   11.076  1.00 19.36 ? 103 LEU A C   1 
ATOM   684  O O   . LEU A 1 87  ? 1.157   5.363   10.259  1.00 18.85 ? 103 LEU A O   1 
ATOM   685  C CB  . LEU A 1 87  ? -2.109  4.935   10.493  1.00 19.08 ? 103 LEU A CB  1 
ATOM   686  C CG  . LEU A 1 87  ? -3.226  4.247   9.736   1.00 17.77 ? 103 LEU A CG  1 
ATOM   687  C CD1 . LEU A 1 87  ? -4.415  5.202   9.658   1.00 17.25 ? 103 LEU A CD1 1 
ATOM   688  C CD2 . LEU A 1 87  ? -2.765  3.842   8.331   1.00 15.94 ? 103 LEU A CD2 1 
ATOM   689  N N   . ILE A 1 88  ? 0.228   5.612   12.296  1.00 18.31 ? 104 ILE A N   1 
ATOM   690  C CA  . ILE A 1 88  ? 1.216   6.581   12.742  1.00 18.89 ? 104 ILE A CA  1 
ATOM   691  C C   . ILE A 1 88  ? 2.592   5.930   12.830  1.00 19.14 ? 104 ILE A C   1 
ATOM   692  O O   . ILE A 1 88  ? 3.606   6.541   12.475  1.00 18.60 ? 104 ILE A O   1 
ATOM   693  C CB  . ILE A 1 88  ? 0.803   7.196   14.092  1.00 19.56 ? 104 ILE A CB  1 
ATOM   694  C CG1 . ILE A 1 88  ? -0.499  7.989   13.909  1.00 20.70 ? 104 ILE A CG1 1 
ATOM   695  C CG2 . ILE A 1 88  ? 1.922   8.062   14.649  1.00 19.64 ? 104 ILE A CG2 1 
ATOM   696  C CD1 . ILE A 1 88  ? -1.209  8.389   15.201  1.00 23.21 ? 104 ILE A CD1 1 
ATOM   697  N N   . ASN A 1 89  ? 2.609   4.676   13.274  1.00 16.91 ? 105 ASN A N   1 
ATOM   698  C CA  . ASN A 1 89  ? 3.836   3.906   13.403  1.00 17.84 ? 105 ASN A CA  1 
ATOM   699  C C   . ASN A 1 89  ? 4.207   3.304   12.052  1.00 19.39 ? 105 ASN A C   1 
ATOM   700  O O   . ASN A 1 89  ? 4.303   2.084   11.913  1.00 18.71 ? 105 ASN A O   1 
ATOM   701  C CB  . ASN A 1 89  ? 3.656   2.802   14.458  1.00 20.61 ? 105 ASN A CB  1 
ATOM   702  C CG  . ASN A 1 89  ? 4.964   2.131   14.855  1.00 24.38 ? 105 ASN A CG  1 
ATOM   703  O OD1 . ASN A 1 89  ? 6.063   2.563   14.469  1.00 24.61 ? 105 ASN A OD1 1 
ATOM   704  N ND2 . ASN A 1 89  ? 4.853   1.073   15.648  1.00 27.56 ? 105 ASN A ND2 1 
ATOM   705  N N   . ASN A 1 90  ? 4.392   4.176   11.063  1.00 19.39 ? 106 ASN A N   1 
ATOM   706  C CA  . ASN A 1 90  ? 4.824   3.780   9.724   1.00 18.44 ? 106 ASN A CA  1 
ATOM   707  C C   . ASN A 1 90  ? 3.996   2.687   9.064   1.00 17.89 ? 106 ASN A C   1 
ATOM   708  O O   . ASN A 1 90  ? 4.546   1.770   8.456   1.00 17.79 ? 106 ASN A O   1 
ATOM   709  C CB  . ASN A 1 90  ? 6.305   3.399   9.738   1.00 16.86 ? 106 ASN A CB  1 
ATOM   710  C CG  . ASN A 1 90  ? 7.185   4.542   10.209  1.00 18.63 ? 106 ASN A CG  1 
ATOM   711  O OD1 . ASN A 1 90  ? 7.086   5.662   9.701   1.00 19.51 ? 106 ASN A OD1 1 
ATOM   712  N ND2 . ASN A 1 90  ? 8.035   4.271   11.196  1.00 21.25 ? 106 ASN A ND2 1 
ATOM   713  N N   . LEU A 1 91  ? 2.676   2.819   9.165   1.00 18.07 ? 107 LEU A N   1 
ATOM   714  C CA  . LEU A 1 91  ? 1.726   1.918   8.502   1.00 17.29 ? 107 LEU A CA  1 
ATOM   715  C C   . LEU A 1 91  ? 1.959   0.437   8.836   1.00 18.98 ? 107 LEU A C   1 
ATOM   716  O O   . LEU A 1 91  ? 1.857   -0.437  7.973   1.00 18.79 ? 107 LEU A O   1 
ATOM   717  C CB  . LEU A 1 91  ? 1.691   2.171   6.985   1.00 18.89 ? 107 LEU A CB  1 
ATOM   718  C CG  . LEU A 1 91  ? 1.490   3.671   6.693   1.00 20.15 ? 107 LEU A CG  1 
ATOM   719  C CD1 . LEU A 1 91  ? 2.751   4.306   6.127   1.00 24.83 ? 107 LEU A CD1 1 
ATOM   720  C CD2 . LEU A 1 91  ? 0.314   3.952   5.797   1.00 21.98 ? 107 LEU A CD2 1 
ATOM   721  N N   . GLY A 1 92  ? 2.268   0.164   10.099  1.00 17.51 ? 108 GLY A N   1 
ATOM   722  C CA  . GLY A 1 92  ? 2.464   -1.200  10.556  1.00 17.32 ? 108 GLY A CA  1 
ATOM   723  C C   . GLY A 1 92  ? 3.752   -1.855  10.090  1.00 18.61 ? 108 GLY A C   1 
ATOM   724  O O   . GLY A 1 92  ? 3.924   -3.065  10.251  1.00 20.47 ? 108 GLY A O   1 
ATOM   725  N N   . THR A 1 93  ? 4.646   -1.064  9.501   1.00 18.98 ? 109 THR A N   1 
ATOM   726  C CA  . THR A 1 93  ? 5.917   -1.576  8.996   1.00 20.19 ? 109 THR A CA  1 
ATOM   727  C C   . THR A 1 93  ? 7.061   -1.301  9.967   1.00 21.14 ? 109 THR A C   1 
ATOM   728  O O   . THR A 1 93  ? 6.969   -0.425  10.829  1.00 19.37 ? 109 THR A O   1 
ATOM   729  C CB  . THR A 1 93  ? 6.295   -0.982  7.616   1.00 18.64 ? 109 THR A CB  1 
ATOM   730  O OG1 . THR A 1 93  ? 6.697   0.393   7.764   1.00 21.25 ? 109 THR A OG1 1 
ATOM   731  C CG2 . THR A 1 93  ? 5.130   -1.079  6.638   1.00 19.04 ? 109 THR A CG2 1 
ATOM   732  N N   . ILE A 1 94  ? 8.144   -2.055  9.810   1.00 19.74 ? 110 ILE A N   1 
ATOM   733  C CA  . ILE A 1 94  ? 9.365   -1.810  10.571  1.00 18.73 ? 110 ILE A CA  1 
ATOM   734  C C   . ILE A 1 94  ? 10.267  -0.853  9.793   1.00 21.34 ? 110 ILE A C   1 
ATOM   735  O O   . ILE A 1 94  ? 11.424  -1.161  9.482   1.00 19.99 ? 110 ILE A O   1 
ATOM   736  C CB  . ILE A 1 94  ? 10.112  -3.123  10.859  1.00 21.08 ? 110 ILE A CB  1 
ATOM   737  C CG1 . ILE A 1 94  ? 10.249  -3.956  9.583   1.00 26.49 ? 110 ILE A CG1 1 
ATOM   738  C CG2 . ILE A 1 94  ? 9.374   -3.916  11.946  1.00 21.32 ? 110 ILE A CG2 1 
ATOM   739  C CD1 . ILE A 1 94  ? 11.409  -4.933  9.616   1.00 27.17 ? 110 ILE A CD1 1 
ATOM   740  N N   . ALA A 1 95  ? 9.734   0.326   9.495   1.00 20.63 ? 111 ALA A N   1 
ATOM   741  C CA  . ALA A 1 95  ? 10.315  1.168   8.461   1.00 19.25 ? 111 ALA A CA  1 
ATOM   742  C C   . ALA A 1 95  ? 11.715  1.690   8.784   1.00 19.59 ? 111 ALA A C   1 
ATOM   743  O O   . ALA A 1 95  ? 12.556  1.791   7.897   1.00 20.77 ? 111 ALA A O   1 
ATOM   744  C CB  . ALA A 1 95  ? 9.367   2.308   8.105   1.00 20.58 ? 111 ALA A CB  1 
ATOM   745  N N   . LYS A 1 96  ? 11.978  1.993   10.047  1.00 18.34 ? 112 LYS A N   1 
ATOM   746  C CA  . LYS A 1 96  ? 13.299  2.522   10.392  1.00 20.27 ? 112 LYS A CA  1 
ATOM   747  C C   . LYS A 1 96  ? 14.407  1.484   10.175  1.00 21.55 ? 112 LYS A C   1 
ATOM   748  O O   . LYS A 1 96  ? 15.362  1.745   9.451   1.00 21.21 ? 112 LYS A O   1 
ATOM   749  C CB  . LYS A 1 96  ? 13.324  3.054   11.823  1.00 21.13 ? 112 LYS A CB  1 
ATOM   750  C CG  . LYS A 1 96  ? 14.673  3.621   12.220  1.00 27.56 ? 112 LYS A CG  1 
ATOM   751  C CD  . LYS A 1 96  ? 14.690  4.024   13.680  1.00 31.09 ? 112 LYS A CD  1 
ATOM   752  C CE  . LYS A 1 96  ? 16.056  4.542   14.072  1.00 39.30 ? 112 LYS A CE  1 
ATOM   753  N NZ  . LYS A 1 96  ? 15.992  5.343   15.326  1.00 42.07 ? 112 LYS A NZ  1 
ATOM   754  N N   . SER A 1 97  ? 14.263  0.311   10.787  1.00 21.14 ? 113 SER A N   1 
ATOM   755  C CA  . SER A 1 97  ? 15.236  -0.769  10.624  1.00 21.14 ? 113 SER A CA  1 
ATOM   756  C C   . SER A 1 97  ? 15.251  -1.295  9.184   1.00 23.58 ? 113 SER A C   1 
ATOM   757  O O   . SER A 1 97  ? 16.314  -1.576  8.628   1.00 25.17 ? 113 SER A O   1 
ATOM   758  C CB  . SER A 1 97  ? 14.982  -1.909  11.628  1.00 25.65 ? 113 SER A CB  1 
ATOM   759  O OG  . SER A 1 97  ? 13.703  -2.512  11.477  1.00 27.86 ? 113 SER A OG  1 
ATOM   760  N N   . GLY A 1 98  ? 14.070  -1.403  8.582   1.00 23.02 ? 114 GLY A N   1 
ATOM   761  C CA  . GLY A 1 98  ? 13.954  -1.861  7.206   1.00 22.52 ? 114 GLY A CA  1 
ATOM   762  C C   . GLY A 1 98  ? 14.654  -0.945  6.226   1.00 22.76 ? 114 GLY A C   1 
ATOM   763  O O   . GLY A 1 98  ? 15.359  -1.395  5.328   1.00 23.99 ? 114 GLY A O   1 
ATOM   764  N N   . THR A 1 99  ? 14.459  0.358   6.397   1.00 21.94 ? 115 THR A N   1 
ATOM   765  C CA  . THR A 1 99  ? 15.123  1.334   5.549   1.00 23.61 ? 115 THR A CA  1 
ATOM   766  C C   . THR A 1 99  ? 16.641  1.210   5.680   1.00 25.77 ? 115 THR A C   1 
ATOM   767  O O   . THR A 1 99  ? 17.351  1.255   4.679   1.00 27.05 ? 115 THR A O   1 
ATOM   768  C CB  . THR A 1 99  ? 14.662  2.763   5.865   1.00 24.28 ? 115 THR A CB  1 
ATOM   769  O OG1 . THR A 1 99  ? 13.263  2.864   5.577   1.00 24.09 ? 115 THR A OG1 1 
ATOM   770  C CG2 . THR A 1 99  ? 15.410  3.771   5.019   1.00 23.63 ? 115 THR A CG2 1 
ATOM   771  N N   . LYS A 1 100 ? 17.122  1.019   6.909   1.00 27.00 ? 116 LYS A N   1 
ATOM   772  C CA  . LYS A 1 100 ? 18.551  0.815   7.153   1.00 28.52 ? 116 LYS A CA  1 
ATOM   773  C C   . LYS A 1 100 ? 19.074  -0.395  6.380   1.00 28.43 ? 116 LYS A C   1 
ATOM   774  O O   . LYS A 1 100 ? 20.090  -0.314  5.688   1.00 33.28 ? 116 LYS A O   1 
ATOM   775  C CB  . LYS A 1 100 ? 18.816  0.632   8.652   1.00 28.68 ? 116 LYS A CB  1 
ATOM   776  C CG  . LYS A 1 100 ? 20.248  0.202   8.992   1.00 37.61 ? 116 LYS A CG  1 
ATOM   777  C CD  . LYS A 1 100 ? 20.403  -0.087  10.485  1.00 37.03 ? 116 LYS A CD  1 
ATOM   778  C CE  . LYS A 1 100 ? 21.848  -0.403  10.849  1.00 44.30 ? 116 LYS A CE  1 
ATOM   779  N NZ  . LYS A 1 100 ? 22.724  0.779   10.654  1.00 47.46 ? 116 LYS A NZ  1 
ATOM   780  N N   . ALA A 1 101 ? 18.369  -1.515  6.503   1.00 27.73 ? 117 ALA A N   1 
ATOM   781  C CA  . ALA A 1 101 ? 18.763  -2.752  5.833   1.00 30.45 ? 117 ALA A CA  1 
ATOM   782  C C   . ALA A 1 101 ? 18.688  -2.640  4.307   1.00 35.41 ? 117 ALA A C   1 
ATOM   783  O O   . ALA A 1 101 ? 19.520  -3.208  3.602   1.00 34.84 ? 117 ALA A O   1 
ATOM   784  C CB  . ALA A 1 101 ? 17.919  -3.920  6.333   1.00 31.95 ? 117 ALA A CB  1 
ATOM   785  N N   . PHE A 1 102 ? 17.689  -1.911  3.809   1.00 31.19 ? 118 PHE A N   1 
ATOM   786  C CA  . PHE A 1 102 ? 17.531  -1.649  2.376   1.00 31.28 ? 118 PHE A CA  1 
ATOM   787  C C   . PHE A 1 102 ? 18.648  -0.750  1.867   1.00 32.17 ? 118 PHE A C   1 
ATOM   788  O O   . PHE A 1 102 ? 19.277  -1.044  0.847   1.00 34.10 ? 118 PHE A O   1 
ATOM   789  C CB  . PHE A 1 102 ? 16.166  -0.989  2.123   1.00 25.19 ? 118 PHE A CB  1 
ATOM   790  C CG  . PHE A 1 102 ? 15.859  -0.692  0.667   1.00 25.40 ? 118 PHE A CG  1 
ATOM   791  C CD1 . PHE A 1 102 ? 16.139  -1.610  -0.337  1.00 23.98 ? 118 PHE A CD1 1 
ATOM   792  C CD2 . PHE A 1 102 ? 15.221  0.488   0.318   1.00 24.50 ? 118 PHE A CD2 1 
ATOM   793  C CE1 . PHE A 1 102 ? 15.820  -1.335  -1.663  1.00 23.62 ? 118 PHE A CE1 1 
ATOM   794  C CE2 . PHE A 1 102 ? 14.899  0.766   -1.003  1.00 24.68 ? 118 PHE A CE2 1 
ATOM   795  C CZ  . PHE A 1 102 ? 15.201  -0.151  -1.996  1.00 23.07 ? 118 PHE A CZ  1 
ATOM   796  N N   . MET A 1 103 ? 18.898  0.333   2.601   1.00 33.56 ? 119 MET A N   1 
ATOM   797  C CA  . MET A 1 103 ? 19.826  1.392   2.191   1.00 42.14 ? 119 MET A CA  1 
ATOM   798  C C   . MET A 1 103 ? 21.223  0.915   1.842   1.00 45.28 ? 119 MET A C   1 
ATOM   799  O O   . MET A 1 103 ? 21.855  1.437   0.917   1.00 48.74 ? 119 MET A O   1 
ATOM   800  C CB  . MET A 1 103 ? 19.948  2.450   3.285   1.00 38.15 ? 119 MET A CB  1 
ATOM   801  C CG  . MET A 1 103 ? 18.895  3.518   3.221   1.00 36.52 ? 119 MET A CG  1 
ATOM   802  S SD  . MET A 1 103 ? 18.730  4.173   1.560   1.00 41.59 ? 119 MET A SD  1 
ATOM   803  C CE  . MET A 1 103 ? 17.759  5.656   1.903   1.00 35.35 ? 119 MET A CE  1 
ATOM   804  N N   . GLU A 1 104 ? 21.713  -0.061  2.595   1.00 41.49 ? 120 GLU A N   1 
ATOM   805  C CA  . GLU A 1 104 ? 23.058  -0.561  2.363   1.00 48.66 ? 120 GLU A CA  1 
ATOM   806  C C   . GLU A 1 104 ? 23.054  -2.006  1.884   1.00 47.89 ? 120 GLU A C   1 
ATOM   807  O O   . GLU A 1 104 ? 24.092  -2.663  1.838   1.00 49.86 ? 120 GLU A O   1 
ATOM   808  C CB  . GLU A 1 104 ? 23.937  -0.366  3.600   1.00 50.34 ? 120 GLU A CB  1 
ATOM   809  C CG  . GLU A 1 104 ? 25.344  0.175   3.287   1.00 54.64 ? 120 GLU A CG  1 
ATOM   810  C CD  . GLU A 1 104 ? 25.373  1.660   2.898   1.00 58.35 ? 120 GLU A CD  1 
ATOM   811  O OE1 . GLU A 1 104 ? 24.356  2.201   2.404   1.00 60.33 ? 120 GLU A OE1 1 
ATOM   812  O OE2 . GLU A 1 104 ? 26.432  2.295   3.092   1.00 62.06 ? 120 GLU A OE2 1 
ATOM   813  N N   . ALA A 1 105 ? 21.872  -2.498  1.537   1.00 41.82 ? 121 ALA A N   1 
ATOM   814  C CA  . ALA A 1 105 ? 21.787  -3.655  0.669   1.00 43.07 ? 121 ALA A CA  1 
ATOM   815  C C   . ALA A 1 105 ? 21.982  -3.072  -0.714  1.00 44.00 ? 121 ALA A C   1 
ATOM   816  O O   . ALA A 1 105 ? 22.587  -3.697  -1.585  1.00 45.41 ? 121 ALA A O   1 
ATOM   817  C CB  . ALA A 1 105 ? 20.446  -4.318  0.784   1.00 40.71 ? 121 ALA A CB  1 
ATOM   818  N N   . LEU A 1 106 ? 21.480  -1.848  -0.894  1.00 41.09 ? 122 LEU A N   1 
ATOM   819  C CA  . LEU A 1 106 ? 21.653  -1.103  -2.138  1.00 41.88 ? 122 LEU A CA  1 
ATOM   820  C C   . LEU A 1 106 ? 23.126  -0.853  -2.420  1.00 46.74 ? 122 LEU A C   1 
ATOM   821  O O   . LEU A 1 106 ? 23.562  -0.896  -3.568  1.00 47.10 ? 122 LEU A O   1 
ATOM   822  C CB  . LEU A 1 106 ? 20.904  0.235   -2.098  1.00 37.95 ? 122 LEU A CB  1 
ATOM   823  C CG  . LEU A 1 106 ? 19.376  0.200   -2.232  1.00 35.24 ? 122 LEU A CG  1 
ATOM   824  C CD1 . LEU A 1 106 ? 18.797  1.601   -2.319  1.00 32.21 ? 122 LEU A CD1 1 
ATOM   825  C CD2 . LEU A 1 106 ? 18.956  -0.610  -3.444  1.00 31.08 ? 122 LEU A CD2 1 
ATOM   826  N N   . GLN A 1 107 ? 23.889  -0.581  -1.369  1.00 50.35 ? 123 GLN A N   1 
ATOM   827  C CA  . GLN A 1 107 ? 25.320  -0.358  -1.533  1.00 50.98 ? 123 GLN A CA  1 
ATOM   828  C C   . GLN A 1 107 ? 26.077  -1.656  -1.787  1.00 49.85 ? 123 GLN A C   1 
ATOM   829  O O   . GLN A 1 107 ? 27.156  -1.645  -2.373  1.00 54.18 ? 123 GLN A O   1 
ATOM   830  C CB  . GLN A 1 107 ? 25.898  0.403   -0.339  1.00 54.89 ? 123 GLN A CB  1 
ATOM   831  C CG  . GLN A 1 107 ? 25.761  1.920   -0.466  1.00 58.76 ? 123 GLN A CG  1 
ATOM   832  C CD  . GLN A 1 107 ? 26.758  2.533   -1.442  1.00 63.07 ? 123 GLN A CD  1 
ATOM   833  O OE1 . GLN A 1 107 ? 26.812  2.164   -2.619  1.00 60.75 ? 123 GLN A OE1 1 
ATOM   834  N NE2 . GLN A 1 107 ? 27.557  3.476   -0.950  1.00 62.85 ? 123 GLN A NE2 1 
ATOM   835  N N   . ALA A 1 108 ? 25.496  -2.773  -1.356  1.00 48.77 ? 124 ALA A N   1 
ATOM   836  C CA  . ALA A 1 108 ? 26.017  -4.093  -1.700  1.00 51.60 ? 124 ALA A CA  1 
ATOM   837  C C   . ALA A 1 108 ? 25.427  -4.582  -3.026  1.00 51.51 ? 124 ALA A C   1 
ATOM   838  O O   . ALA A 1 108 ? 25.252  -5.784  -3.239  1.00 54.65 ? 124 ALA A O   1 
ATOM   839  C CB  . ALA A 1 108 ? 25.740  -5.092  -0.584  1.00 46.10 ? 124 ALA A CB  1 
ATOM   840  N N   . GLY A 1 109 ? 25.105  -3.637  -3.909  1.00 52.29 ? 125 GLY A N   1 
ATOM   841  C CA  . GLY A 1 109 ? 24.738  -3.953  -5.278  1.00 48.67 ? 125 GLY A CA  1 
ATOM   842  C C   . GLY A 1 109 ? 23.262  -4.109  -5.609  1.00 50.54 ? 125 GLY A C   1 
ATOM   843  O O   . GLY A 1 109 ? 22.904  -4.176  -6.785  1.00 48.94 ? 125 GLY A O   1 
ATOM   844  N N   . ALA A 1 110 ? 22.405  -4.177  -4.594  1.00 47.66 ? 126 ALA A N   1 
ATOM   845  C CA  . ALA A 1 110 ? 20.971  -4.367  -4.820  1.00 42.68 ? 126 ALA A CA  1 
ATOM   846  C C   . ALA A 1 110 ? 20.337  -3.215  -5.604  1.00 37.83 ? 126 ALA A C   1 
ATOM   847  O O   . ALA A 1 110 ? 20.895  -2.125  -5.688  1.00 35.05 ? 126 ALA A O   1 
ATOM   848  C CB  . ALA A 1 110 ? 20.241  -4.578  -3.501  1.00 40.74 ? 126 ALA A CB  1 
ATOM   849  N N   . ASP A 1 111 ? 19.176  -3.466  -6.202  1.00 34.31 ? 127 ASP A N   1 
ATOM   850  C CA  . ASP A 1 111 ? 18.433  -2.394  -6.849  1.00 32.57 ? 127 ASP A CA  1 
ATOM   851  C C   . ASP A 1 111 ? 17.062  -2.224  -6.207  1.00 27.85 ? 127 ASP A C   1 
ATOM   852  O O   . ASP A 1 111 ? 16.642  -3.038  -5.387  1.00 29.44 ? 127 ASP A O   1 
ATOM   853  C CB  . ASP A 1 111 ? 18.311  -2.600  -8.367  1.00 38.07 ? 127 ASP A CB  1 
ATOM   854  C CG  . ASP A 1 111 ? 17.336  -3.696  -8.733  1.00 36.54 ? 127 ASP A CG  1 
ATOM   855  O OD1 . ASP A 1 111 ? 17.728  -4.876  -8.672  1.00 44.90 ? 127 ASP A OD1 1 
ATOM   856  O OD2 . ASP A 1 111 ? 16.181  -3.383  -9.091  1.00 34.58 ? 127 ASP A OD2 1 
ATOM   857  N N   . ILE A 1 112 ? 16.389  -1.151  -6.597  1.00 27.61 ? 128 ILE A N   1 
ATOM   858  C CA  . ILE A 1 112 ? 15.143  -0.722  -5.978  1.00 28.33 ? 128 ILE A CA  1 
ATOM   859  C C   . ILE A 1 112 ? 14.070  -1.814  -5.932  1.00 28.69 ? 128 ILE A C   1 
ATOM   860  O O   . ILE A 1 112 ? 13.247  -1.838  -5.021  1.00 26.89 ? 128 ILE A O   1 
ATOM   861  C CB  . ILE A 1 112 ? 14.636  0.570   -6.658  1.00 26.70 ? 128 ILE A CB  1 
ATOM   862  C CG1 . ILE A 1 112 ? 15.626  1.713   -6.380  1.00 33.51 ? 128 ILE A CG1 1 
ATOM   863  C CG2 . ILE A 1 112 ? 13.241  0.950   -6.195  1.00 28.75 ? 128 ILE A CG2 1 
ATOM   864  C CD1 . ILE A 1 112 ? 15.196  3.066   -6.920  1.00 33.39 ? 128 ILE A CD1 1 
ATOM   865  N N   . SER A 1 113 ? 14.104  -2.748  -6.880  1.00 27.93 ? 129 SER A N   1 
ATOM   866  C CA  . SER A 1 113 ? 13.067  -3.779  -6.949  1.00 26.20 ? 129 SER A CA  1 
ATOM   867  C C   . SER A 1 113 ? 13.091  -4.769  -5.780  1.00 23.85 ? 129 SER A C   1 
ATOM   868  O O   . SER A 1 113 ? 12.144  -5.532  -5.594  1.00 26.67 ? 129 SER A O   1 
ATOM   869  C CB  . SER A 1 113 ? 13.144  -4.542  -8.274  1.00 28.45 ? 129 SER A CB  1 
ATOM   870  O OG  . SER A 1 113 ? 14.325  -5.317  -8.332  1.00 29.09 ? 129 SER A OG  1 
ATOM   871  N N   . MET A 1 114 ? 14.172  -4.767  -5.000  1.00 26.55 ? 130 MET A N   1 
ATOM   872  C CA  . MET A 1 114 ? 14.278  -5.668  -3.851  1.00 25.26 ? 130 MET A CA  1 
ATOM   873  C C   . MET A 1 114 ? 13.689  -5.067  -2.580  1.00 24.62 ? 130 MET A C   1 
ATOM   874  O O   . MET A 1 114 ? 13.746  -5.677  -1.510  1.00 25.23 ? 130 MET A O   1 
ATOM   875  C CB  . MET A 1 114 ? 15.735  -6.081  -3.624  1.00 29.12 ? 130 MET A CB  1 
ATOM   876  C CG  . MET A 1 114 ? 16.198  -7.203  -4.538  1.00 35.22 ? 130 MET A CG  1 
ATOM   877  S SD  . MET A 1 114 ? 17.993  -7.386  -4.527  1.00 48.05 ? 130 MET A SD  1 
ATOM   878  C CE  . MET A 1 114 ? 18.391  -6.495  -6.022  1.00 40.24 ? 130 MET A CE  1 
ATOM   879  N N   . ILE A 1 115 ? 13.095  -3.884  -2.718  1.00 22.56 ? 131 ILE A N   1 
ATOM   880  C CA  . ILE A 1 115 ? 12.566  -3.127  -1.579  1.00 20.34 ? 131 ILE A CA  1 
ATOM   881  C C   . ILE A 1 115 ? 11.672  -3.923  -0.618  1.00 22.09 ? 131 ILE A C   1 
ATOM   882  O O   . ILE A 1 115 ? 11.738  -3.729  0.593   1.00 21.55 ? 131 ILE A O   1 
ATOM   883  C CB  . ILE A 1 115 ? 11.840  -1.837  -2.063  1.00 19.84 ? 131 ILE A CB  1 
ATOM   884  C CG1 . ILE A 1 115 ? 11.456  -0.951  -0.873  1.00 17.83 ? 131 ILE A CG1 1 
ATOM   885  C CG2 . ILE A 1 115 ? 10.623  -2.192  -2.954  1.00 19.83 ? 131 ILE A CG2 1 
ATOM   886  C CD1 . ILE A 1 115 ? 11.022  0.467   -1.259  1.00 19.94 ? 131 ILE A CD1 1 
ATOM   887  N N   . GLY A 1 116 ? 10.857  -4.830  -1.157  1.00 20.58 ? 132 GLY A N   1 
ATOM   888  C CA  . GLY A 1 116 ? 9.940   -5.620  -0.351  1.00 21.36 ? 132 GLY A CA  1 
ATOM   889  C C   . GLY A 1 116 ? 10.629  -6.550  0.639   1.00 23.66 ? 132 GLY A C   1 
ATOM   890  O O   . GLY A 1 116 ? 10.069  -6.889  1.684   1.00 26.03 ? 132 GLY A O   1 
ATOM   891  N N   . GLN A 1 117 ? 11.850  -6.953  0.313   1.00 26.03 ? 133 GLN A N   1 
ATOM   892  C CA  . GLN A 1 117 ? 12.621  -7.837  1.176   1.00 28.14 ? 133 GLN A CA  1 
ATOM   893  C C   . GLN A 1 117 ? 12.984  -7.163  2.493   1.00 30.78 ? 133 GLN A C   1 
ATOM   894  O O   . GLN A 1 117 ? 13.446  -7.818  3.426   1.00 32.24 ? 133 GLN A O   1 
ATOM   895  C CB  . GLN A 1 117 ? 13.891  -8.291  0.456   1.00 31.21 ? 133 GLN A CB  1 
ATOM   896  C CG  . GLN A 1 117 ? 13.621  -9.034  -0.844  1.00 36.02 ? 133 GLN A CG  1 
ATOM   897  C CD  . GLN A 1 117 ? 14.889  -9.571  -1.480  1.00 38.32 ? 133 GLN A CD  1 
ATOM   898  O OE1 . GLN A 1 117 ? 15.825  -9.979  -0.789  1.00 38.39 ? 133 GLN A OE1 1 
ATOM   899  N NE2 . GLN A 1 117 ? 14.926  -9.571  -2.805  1.00 39.77 ? 133 GLN A NE2 1 
ATOM   900  N N   . PHE A 1 118 ? 12.761  -5.855  2.567   1.00 25.69 ? 134 PHE A N   1 
ATOM   901  C CA  . PHE A 1 118 ? 13.146  -5.086  3.748   1.00 25.51 ? 134 PHE A CA  1 
ATOM   902  C C   . PHE A 1 118 ? 11.941  -4.462  4.428   1.00 27.36 ? 134 PHE A C   1 
ATOM   903  O O   . PHE A 1 118 ? 12.078  -3.592  5.289   1.00 26.01 ? 134 PHE A O   1 
ATOM   904  C CB  . PHE A 1 118 ? 14.189  -4.043  3.368   1.00 25.62 ? 134 PHE A CB  1 
ATOM   905  C CG  . PHE A 1 118 ? 15.332  -4.618  2.596   1.00 29.15 ? 134 PHE A CG  1 
ATOM   906  C CD1 . PHE A 1 118 ? 16.259  -5.441  3.223   1.00 37.35 ? 134 PHE A CD1 1 
ATOM   907  C CD2 . PHE A 1 118 ? 15.459  -4.379  1.240   1.00 27.41 ? 134 PHE A CD2 1 
ATOM   908  C CE1 . PHE A 1 118 ? 17.306  -5.993  2.508   1.00 35.41 ? 134 PHE A CE1 1 
ATOM   909  C CE2 . PHE A 1 118 ? 16.498  -4.925  0.519   1.00 33.35 ? 134 PHE A CE2 1 
ATOM   910  C CZ  . PHE A 1 118 ? 17.424  -5.734  1.154   1.00 37.04 ? 134 PHE A CZ  1 
ATOM   911  N N   . GLY A 1 119 ? 10.761  -4.920  4.026   1.00 22.46 ? 135 GLY A N   1 
ATOM   912  C CA  . GLY A 1 119 ? 9.535   -4.609  4.731   1.00 22.29 ? 135 GLY A CA  1 
ATOM   913  C C   . GLY A 1 119 ? 8.979   -3.228  4.447   1.00 21.08 ? 135 GLY A C   1 
ATOM   914  O O   . GLY A 1 119 ? 7.998   -2.825  5.077   1.00 21.51 ? 135 GLY A O   1 
ATOM   915  N N   . VAL A 1 120 ? 9.580   -2.520  3.492   1.00 18.84 ? 136 VAL A N   1 
ATOM   916  C CA  . VAL A 1 120 ? 9.164   -1.151  3.190   1.00 15.11 ? 136 VAL A CA  1 
ATOM   917  C C   . VAL A 1 120 ? 8.704   -0.975  1.734   1.00 16.81 ? 136 VAL A C   1 
ATOM   918  O O   . VAL A 1 120 ? 8.760   0.130   1.173   1.00 16.01 ? 136 VAL A O   1 
ATOM   919  C CB  . VAL A 1 120 ? 10.269  -0.123  3.557   1.00 16.92 ? 136 VAL A CB  1 
ATOM   920  C CG1 . VAL A 1 120 ? 10.430  -0.044  5.072   1.00 18.48 ? 136 VAL A CG1 1 
ATOM   921  C CG2 . VAL A 1 120 ? 11.590  -0.493  2.903   1.00 16.95 ? 136 VAL A CG2 1 
ATOM   922  N N   . GLY A 1 121 ? 8.216   -2.064  1.140   1.00 15.72 ? 137 GLY A N   1 
ATOM   923  C CA  . GLY A 1 121 ? 7.693   -2.015  -0.214  1.00 15.82 ? 137 GLY A CA  1 
ATOM   924  C C   . GLY A 1 121 ? 6.600   -0.981  -0.442  1.00 14.11 ? 137 GLY A C   1 
ATOM   925  O O   . GLY A 1 121 ? 6.459   -0.476  -1.554  1.00 16.31 ? 137 GLY A O   1 
ATOM   926  N N   . PHE A 1 122 ? 5.836   -0.660  0.599   1.00 14.44 ? 138 PHE A N   1 
ATOM   927  C CA  . PHE A 1 122 ? 4.772   0.337   0.474   1.00 15.82 ? 138 PHE A CA  1 
ATOM   928  C C   . PHE A 1 122 ? 5.270   1.619   -0.177  1.00 14.79 ? 138 PHE A C   1 
ATOM   929  O O   . PHE A 1 122 ? 4.605   2.196   -1.037  1.00 15.69 ? 138 PHE A O   1 
ATOM   930  C CB  . PHE A 1 122 ? 4.173   0.692   1.841   1.00 14.29 ? 138 PHE A CB  1 
ATOM   931  C CG  . PHE A 1 122 ? 3.331   1.943   1.812   1.00 14.65 ? 138 PHE A CG  1 
ATOM   932  C CD1 . PHE A 1 122 ? 2.104   1.945   1.168   1.00 13.89 ? 138 PHE A CD1 1 
ATOM   933  C CD2 . PHE A 1 122 ? 3.779   3.122   2.394   1.00 15.35 ? 138 PHE A CD2 1 
ATOM   934  C CE1 . PHE A 1 122 ? 1.323   3.107   1.115   1.00 13.15 ? 138 PHE A CE1 1 
ATOM   935  C CE2 . PHE A 1 122 ? 3.012   4.283   2.340   1.00 17.19 ? 138 PHE A CE2 1 
ATOM   936  C CZ  . PHE A 1 122 ? 1.783   4.275   1.707   1.00 14.54 ? 138 PHE A CZ  1 
ATOM   937  N N   . TYR A 1 123 ? 6.448   2.069   0.246   1.00 15.15 ? 139 TYR A N   1 
ATOM   938  C CA  . TYR A 1 123 ? 6.929   3.382   -0.165  1.00 14.67 ? 139 TYR A CA  1 
ATOM   939  C C   . TYR A 1 123 ? 7.270   3.452   -1.659  1.00 15.38 ? 139 TYR A C   1 
ATOM   940  O O   . TYR A 1 123 ? 7.416   4.539   -2.211  1.00 14.92 ? 139 TYR A O   1 
ATOM   941  C CB  . TYR A 1 123 ? 8.085   3.834   0.742   1.00 17.24 ? 139 TYR A CB  1 
ATOM   942  C CG  . TYR A 1 123 ? 7.658   3.934   2.191   1.00 16.46 ? 139 TYR A CG  1 
ATOM   943  C CD1 . TYR A 1 123 ? 7.023   5.073   2.676   1.00 14.69 ? 139 TYR A CD1 1 
ATOM   944  C CD2 . TYR A 1 123 ? 7.847   2.871   3.065   1.00 17.53 ? 139 TYR A CD2 1 
ATOM   945  C CE1 . TYR A 1 123 ? 6.610   5.162   4.000   1.00 15.62 ? 139 TYR A CE1 1 
ATOM   946  C CE2 . TYR A 1 123 ? 7.440   2.945   4.384   1.00 19.84 ? 139 TYR A CE2 1 
ATOM   947  C CZ  . TYR A 1 123 ? 6.823   4.094   4.848   1.00 18.78 ? 139 TYR A CZ  1 
ATOM   948  O OH  . TYR A 1 123 ? 6.419   4.166   6.156   1.00 18.56 ? 139 TYR A OH  1 
ATOM   949  N N   . SER A 1 124 ? 7.368   2.293   -2.311  1.00 14.04 ? 140 SER A N   1 
ATOM   950  C CA  . SER A 1 124 ? 7.527   2.248   -3.770  1.00 15.85 ? 140 SER A CA  1 
ATOM   951  C C   . SER A 1 124 ? 6.339   2.878   -4.498  1.00 14.42 ? 140 SER A C   1 
ATOM   952  O O   . SER A 1 124 ? 6.428   3.193   -5.683  1.00 15.82 ? 140 SER A O   1 
ATOM   953  C CB  . SER A 1 124 ? 7.774   0.812   -4.277  1.00 16.66 ? 140 SER A CB  1 
ATOM   954  O OG  . SER A 1 124 ? 6.614   -0.002  -4.207  1.00 16.06 ? 140 SER A OG  1 
ATOM   955  N N   . ALA A 1 125 ? 5.223   3.063   -3.790  1.00 13.77 ? 141 ALA A N   1 
ATOM   956  C CA  . ALA A 1 125 ? 4.074   3.780   -4.349  1.00 14.12 ? 141 ALA A CA  1 
ATOM   957  C C   . ALA A 1 125 ? 4.487   5.127   -4.919  1.00 13.95 ? 141 ALA A C   1 
ATOM   958  O O   . ALA A 1 125 ? 3.891   5.606   -5.888  1.00 14.97 ? 141 ALA A O   1 
ATOM   959  C CB  . ALA A 1 125 ? 2.992   3.992   -3.284  1.00 14.96 ? 141 ALA A CB  1 
ATOM   960  N N   . TYR A 1 126 ? 5.495   5.740   -4.299  1.00 14.63 ? 142 TYR A N   1 
ATOM   961  C CA  . TYR A 1 126 ? 5.957   7.058   -4.719  1.00 16.49 ? 142 TYR A CA  1 
ATOM   962  C C   . TYR A 1 126 ? 6.773   7.049   -6.020  1.00 18.30 ? 142 TYR A C   1 
ATOM   963  O O   . TYR A 1 126 ? 7.149   8.109   -6.521  1.00 18.80 ? 142 TYR A O   1 
ATOM   964  C CB  . TYR A 1 126 ? 6.639   7.797   -3.549  1.00 13.97 ? 142 TYR A CB  1 
ATOM   965  C CG  . TYR A 1 126 ? 5.609   8.156   -2.497  1.00 13.59 ? 142 TYR A CG  1 
ATOM   966  C CD1 . TYR A 1 126 ? 4.864   9.323   -2.596  1.00 14.42 ? 142 TYR A CD1 1 
ATOM   967  C CD2 . TYR A 1 126 ? 5.336   7.294   -1.445  1.00 15.22 ? 142 TYR A CD2 1 
ATOM   968  C CE1 . TYR A 1 126 ? 3.882   9.641   -1.644  1.00 16.54 ? 142 TYR A CE1 1 
ATOM   969  C CE2 . TYR A 1 126 ? 4.351   7.597   -0.499  1.00 14.75 ? 142 TYR A CE2 1 
ATOM   970  C CZ  . TYR A 1 126 ? 3.638   8.768   -0.599  1.00 15.41 ? 142 TYR A CZ  1 
ATOM   971  O OH  . TYR A 1 126 ? 2.669   9.061   0.349   1.00 14.08 ? 142 TYR A OH  1 
ATOM   972  N N   . LEU A 1 127 ? 7.015   5.862   -6.579  1.00 16.75 ? 143 LEU A N   1 
ATOM   973  C CA  . LEU A 1 127 ? 7.537   5.765   -7.945  1.00 17.81 ? 143 LEU A CA  1 
ATOM   974  C C   . LEU A 1 127 ? 6.534   6.314   -8.955  1.00 20.44 ? 143 LEU A C   1 
ATOM   975  O O   . LEU A 1 127 ? 6.916   6.888   -9.981  1.00 21.31 ? 143 LEU A O   1 
ATOM   976  C CB  . LEU A 1 127 ? 7.865   4.317   -8.310  1.00 17.52 ? 143 LEU A CB  1 
ATOM   977  C CG  . LEU A 1 127 ? 8.999   3.681   -7.508  1.00 17.06 ? 143 LEU A CG  1 
ATOM   978  C CD1 . LEU A 1 127 ? 9.058   2.186   -7.744  1.00 18.53 ? 143 LEU A CD1 1 
ATOM   979  C CD2 . LEU A 1 127 ? 10.324  4.346   -7.852  1.00 18.81 ? 143 LEU A CD2 1 
ATOM   980  N N   . VAL A 1 128 ? 5.248   6.148   -8.660  1.00 18.22 ? 144 VAL A N   1 
ATOM   981  C CA  . VAL A 1 128 ? 4.204   6.493   -9.625  1.00 17.95 ? 144 VAL A CA  1 
ATOM   982  C C   . VAL A 1 128 ? 3.199   7.525   -9.118  1.00 19.11 ? 144 VAL A C   1 
ATOM   983  O O   . VAL A 1 128 ? 2.517   8.165   -9.910  1.00 19.87 ? 144 VAL A O   1 
ATOM   984  C CB  . VAL A 1 128 ? 3.452   5.234   -10.148 1.00 18.01 ? 144 VAL A CB  1 
ATOM   985  C CG1 . VAL A 1 128 ? 4.422   4.277   -10.830 1.00 18.73 ? 144 VAL A CG1 1 
ATOM   986  C CG2 . VAL A 1 128 ? 2.703   4.528   -9.011  1.00 17.76 ? 144 VAL A CG2 1 
ATOM   987  N N   . ALA A 1 129 ? 3.124   7.705   -7.803  1.00 17.28 ? 145 ALA A N   1 
ATOM   988  C CA  . ALA A 1 129 ? 2.100   8.569   -7.218  1.00 17.75 ? 145 ALA A CA  1 
ATOM   989  C C   . ALA A 1 129 ? 2.699   9.840   -6.639  1.00 18.10 ? 145 ALA A C   1 
ATOM   990  O O   . ALA A 1 129 ? 3.751   9.797   -6.001  1.00 17.95 ? 145 ALA A O   1 
ATOM   991  C CB  . ALA A 1 129 ? 1.341   7.822   -6.128  1.00 16.53 ? 145 ALA A CB  1 
ATOM   992  N N   . GLU A 1 130 ? 2.020   10.963  -6.856  1.00 18.32 ? 146 GLU A N   1 
ATOM   993  C CA  . GLU A 1 130 ? 2.416   12.225  -6.236  1.00 19.30 ? 146 GLU A CA  1 
ATOM   994  C C   . GLU A 1 130 ? 1.803   12.344  -4.840  1.00 18.83 ? 146 GLU A C   1 
ATOM   995  O O   . GLU A 1 130 ? 2.291   13.095  -3.996  1.00 20.26 ? 146 GLU A O   1 
ATOM   996  C CB  . GLU A 1 130 ? 2.004   13.412  -7.113  1.00 23.01 ? 146 GLU A CB  1 
ATOM   997  C CG  . GLU A 1 130 ? 0.517   13.506  -7.357  1.00 24.89 ? 146 GLU A CG  1 
ATOM   998  C CD  . GLU A 1 130 ? 0.142   14.606  -8.337  1.00 33.59 ? 146 GLU A CD  1 
ATOM   999  O OE1 . GLU A 1 130 ? 1.035   15.103  -9.056  1.00 38.54 ? 146 GLU A OE1 1 
ATOM   1000 O OE2 . GLU A 1 130 ? -1.053  14.967  -8.391  1.00 38.74 ? 146 GLU A OE2 1 
ATOM   1001 N N   . LYS A 1 131 ? 0.725   11.599  -4.608  1.00 18.17 ? 147 LYS A N   1 
ATOM   1002 C CA  . LYS A 1 131 ? 0.063   11.588  -3.308  1.00 16.64 ? 147 LYS A CA  1 
ATOM   1003 C C   . LYS A 1 131 ? -0.483  10.190  -3.099  1.00 14.97 ? 147 LYS A C   1 
ATOM   1004 O O   . LYS A 1 131 ? -0.888  9.542   -4.057  1.00 14.09 ? 147 LYS A O   1 
ATOM   1005 C CB  . LYS A 1 131 ? -1.084  12.601  -3.272  1.00 16.81 ? 147 LYS A CB  1 
ATOM   1006 C CG  . LYS A 1 131 ? -1.781  12.679  -1.923  1.00 17.28 ? 147 LYS A CG  1 
ATOM   1007 C CD  . LYS A 1 131 ? -2.720  13.883  -1.820  1.00 19.73 ? 147 LYS A CD  1 
ATOM   1008 C CE  . LYS A 1 131 ? -3.930  13.750  -2.710  1.00 23.09 ? 147 LYS A CE  1 
ATOM   1009 N NZ  . LYS A 1 131 ? -4.883  14.883  -2.497  1.00 28.56 ? 147 LYS A NZ  1 
ATOM   1010 N N   . VAL A 1 132 ? -0.439  9.713   -1.861  1.00 14.09 ? 148 VAL A N   1 
ATOM   1011 C CA  . VAL A 1 132 ? -1.030  8.426   -1.517  1.00 14.02 ? 148 VAL A CA  1 
ATOM   1012 C C   . VAL A 1 132 ? -1.953  8.610   -0.327  1.00 13.40 ? 148 VAL A C   1 
ATOM   1013 O O   . VAL A 1 132 ? -1.595  9.271   0.658   1.00 13.58 ? 148 VAL A O   1 
ATOM   1014 C CB  . VAL A 1 132 ? 0.056   7.385   -1.176  1.00 12.99 ? 148 VAL A CB  1 
ATOM   1015 C CG1 . VAL A 1 132 ? -0.591  6.039   -0.766  1.00 14.13 ? 148 VAL A CG1 1 
ATOM   1016 C CG2 . VAL A 1 132 ? 1.001   7.182   -2.369  1.00 14.44 ? 148 VAL A CG2 1 
ATOM   1017 N N   . THR A 1 133 ? -3.150  8.033   -0.426  1.00 13.54 ? 149 THR A N   1 
ATOM   1018 C CA  . THR A 1 133 ? -4.098  8.038   0.675   1.00 15.16 ? 149 THR A CA  1 
ATOM   1019 C C   . THR A 1 133 ? -4.294  6.595   1.101   1.00 14.54 ? 149 THR A C   1 
ATOM   1020 O O   . THR A 1 133 ? -4.455  5.716   0.258   1.00 16.01 ? 149 THR A O   1 
ATOM   1021 C CB  . THR A 1 133 ? -5.460  8.618   0.250   1.00 15.37 ? 149 THR A CB  1 
ATOM   1022 O OG1 . THR A 1 133 ? -5.259  9.899   -0.370  1.00 16.38 ? 149 THR A OG1 1 
ATOM   1023 C CG2 . THR A 1 133 ? -6.366  8.771   1.463   1.00 17.22 ? 149 THR A CG2 1 
ATOM   1024 N N   . VAL A 1 134 ? -4.239  6.347   2.403   1.00 14.12 ? 150 VAL A N   1 
ATOM   1025 C CA  . VAL A 1 134 ? -4.457  5.005   2.920   1.00 13.88 ? 150 VAL A CA  1 
ATOM   1026 C C   . VAL A 1 134 ? -5.629  5.059   3.889   1.00 15.07 ? 150 VAL A C   1 
ATOM   1027 O O   . VAL A 1 134 ? -5.536  5.679   4.959   1.00 16.00 ? 150 VAL A O   1 
ATOM   1028 C CB  . VAL A 1 134 ? -3.206  4.456   3.641   1.00 14.72 ? 150 VAL A CB  1 
ATOM   1029 C CG1 . VAL A 1 134 ? -3.502  3.077   4.251   1.00 16.52 ? 150 VAL A CG1 1 
ATOM   1030 C CG2 . VAL A 1 134 ? -2.004  4.390   2.683   1.00 14.48 ? 150 VAL A CG2 1 
ATOM   1031 N N   . ILE A 1 135 ? -6.726  4.409   3.513   1.00 14.60 ? 151 ILE A N   1 
ATOM   1032 C CA  . ILE A 1 135 ? -7.906  4.353   4.366   1.00 16.00 ? 151 ILE A CA  1 
ATOM   1033 C C   . ILE A 1 135 ? -8.006  2.936   4.924   1.00 15.31 ? 151 ILE A C   1 
ATOM   1034 O O   . ILE A 1 135 ? -7.873  1.972   4.180   1.00 14.33 ? 151 ILE A O   1 
ATOM   1035 C CB  . ILE A 1 135 ? -9.165  4.743   3.571   1.00 18.12 ? 151 ILE A CB  1 
ATOM   1036 C CG1 . ILE A 1 135 ? -8.974  6.159   3.011   1.00 23.49 ? 151 ILE A CG1 1 
ATOM   1037 C CG2 . ILE A 1 135 ? -10.398 4.680   4.457   1.00 19.17 ? 151 ILE A CG2 1 
ATOM   1038 C CD1 . ILE A 1 135 ? -10.011 6.586   2.020   1.00 27.44 ? 151 ILE A CD1 1 
ATOM   1039 N N   . THR A 1 136 ? -8.197  2.801   6.233   1.00 14.58 ? 152 THR A N   1 
ATOM   1040 C CA  . THR A 1 136 ? -8.086  1.475   6.846   1.00 16.89 ? 152 THR A CA  1 
ATOM   1041 C C   . THR A 1 136 ? -9.055  1.290   8.013   1.00 19.07 ? 152 THR A C   1 
ATOM   1042 O O   . THR A 1 136 ? -9.409  2.246   8.695   1.00 17.84 ? 152 THR A O   1 
ATOM   1043 C CB  . THR A 1 136 ? -6.622  1.196   7.276   1.00 16.56 ? 152 THR A CB  1 
ATOM   1044 O OG1 . THR A 1 136 ? -6.434  -0.196  7.584   1.00 16.66 ? 152 THR A OG1 1 
ATOM   1045 C CG2 . THR A 1 136 ? -6.239  2.051   8.480   1.00 14.04 ? 152 THR A CG2 1 
ATOM   1046 N N   . LYS A 1 137 ? -9.482  0.049   8.228   1.00 15.79 ? 153 LYS A N   1 
ATOM   1047 C CA  . LYS A 1 137 ? -10.393 -0.267  9.324   1.00 17.29 ? 153 LYS A CA  1 
ATOM   1048 C C   . LYS A 1 137 ? -10.003 -1.611  9.909   1.00 15.87 ? 153 LYS A C   1 
ATOM   1049 O O   . LYS A 1 137 ? -10.051 -2.621  9.214   1.00 17.17 ? 153 LYS A O   1 
ATOM   1050 C CB  . LYS A 1 137 ? -11.834 -0.338  8.809   1.00 18.50 ? 153 LYS A CB  1 
ATOM   1051 C CG  . LYS A 1 137 ? -12.868 -0.787  9.857   1.00 19.55 ? 153 LYS A CG  1 
ATOM   1052 C CD  . LYS A 1 137 ? -13.032 0.242   10.970  1.00 21.37 ? 153 LYS A CD  1 
ATOM   1053 C CE  . LYS A 1 137 ? -14.159 -0.142  11.938  1.00 21.92 ? 153 LYS A CE  1 
ATOM   1054 N NZ  . LYS A 1 137 ? -13.836 -1.338  12.768  1.00 21.84 ? 153 LYS A NZ  1 
ATOM   1055 N N   . HIS A 1 138 ? -9.608  -1.605  11.179  1.00 17.37 ? 154 HIS A N   1 
ATOM   1056 C CA  . HIS A 1 138 ? -9.262  -2.815  11.918  1.00 17.79 ? 154 HIS A CA  1 
ATOM   1057 C C   . HIS A 1 138 ? -10.440 -3.095  12.844  1.00 19.24 ? 154 HIS A C   1 
ATOM   1058 O O   . HIS A 1 138 ? -11.119 -2.159  13.259  1.00 19.95 ? 154 HIS A O   1 
ATOM   1059 C CB  . HIS A 1 138 ? -7.989  -2.568  12.737  1.00 18.56 ? 154 HIS A CB  1 
ATOM   1060 C CG  . HIS A 1 138 ? -7.484  -3.768  13.481  1.00 19.27 ? 154 HIS A CG  1 
ATOM   1061 N ND1 . HIS A 1 138 ? -8.036  -4.205  14.666  1.00 19.28 ? 154 HIS A ND1 1 
ATOM   1062 C CD2 . HIS A 1 138 ? -6.457  -4.613  13.213  1.00 19.12 ? 154 HIS A CD2 1 
ATOM   1063 C CE1 . HIS A 1 138 ? -7.379  -5.271  15.093  1.00 22.54 ? 154 HIS A CE1 1 
ATOM   1064 N NE2 . HIS A 1 138 ? -6.415  -5.536  14.228  1.00 20.76 ? 154 HIS A NE2 1 
ATOM   1065 N N   . ASN A 1 139 ? -10.685 -4.365  13.158  1.00 19.66 ? 155 ASN A N   1 
ATOM   1066 C CA  . ASN A 1 139 ? -11.799 -4.716  14.044  1.00 20.68 ? 155 ASN A CA  1 
ATOM   1067 C C   . ASN A 1 139 ? -11.800 -3.965  15.385  1.00 23.37 ? 155 ASN A C   1 
ATOM   1068 O O   . ASN A 1 139 ? -12.870 -3.694  15.940  1.00 24.36 ? 155 ASN A O   1 
ATOM   1069 C CB  . ASN A 1 139 ? -11.844 -6.232  14.301  1.00 20.46 ? 155 ASN A CB  1 
ATOM   1070 C CG  . ASN A 1 139 ? -12.416 -7.018  13.135  1.00 20.95 ? 155 ASN A CG  1 
ATOM   1071 O OD1 . ASN A 1 139 ? -13.188 -6.495  12.330  1.00 23.07 ? 155 ASN A OD1 1 
ATOM   1072 N ND2 . ASN A 1 139 ? -12.041 -8.296  13.043  1.00 21.65 ? 155 ASN A ND2 1 
ATOM   1073 N N   . ASP A 1 140 ? -10.612 -3.629  15.892  1.00 21.81 ? 156 ASP A N   1 
ATOM   1074 C CA  . ASP A 1 140 ? -10.459 -3.006  17.213  1.00 23.84 ? 156 ASP A CA  1 
ATOM   1075 C C   . ASP A 1 140 ? -10.408 -1.469  17.218  1.00 25.17 ? 156 ASP A C   1 
ATOM   1076 O O   . ASP A 1 140 ? -10.174 -0.867  18.265  1.00 27.18 ? 156 ASP A O   1 
ATOM   1077 C CB  . ASP A 1 140 ? -9.188  -3.507  17.911  1.00 25.56 ? 156 ASP A CB  1 
ATOM   1078 C CG  . ASP A 1 140 ? -9.188  -5.002  18.165  1.00 26.79 ? 156 ASP A CG  1 
ATOM   1079 O OD1 . ASP A 1 140 ? -10.266 -5.619  18.186  1.00 30.59 ? 156 ASP A OD1 1 
ATOM   1080 O OD2 . ASP A 1 140 ? -8.086  -5.556  18.351  1.00 32.28 ? 156 ASP A OD2 1 
ATOM   1081 N N   . ASP A 1 141 ? -10.598 -0.832  16.067  1.00 22.36 ? 157 ASP A N   1 
ATOM   1082 C CA  . ASP A 1 141 ? -10.474 0.627   15.991  1.00 21.35 ? 157 ASP A CA  1 
ATOM   1083 C C   . ASP A 1 141 ? -11.458 1.211   14.976  1.00 23.11 ? 157 ASP A C   1 
ATOM   1084 O O   . ASP A 1 141 ? -12.183 0.473   14.304  1.00 22.56 ? 157 ASP A O   1 
ATOM   1085 C CB  . ASP A 1 141 ? -9.015  1.026   15.654  1.00 22.19 ? 157 ASP A CB  1 
ATOM   1086 C CG  . ASP A 1 141 ? -8.616  2.394   16.209  1.00 24.95 ? 157 ASP A CG  1 
ATOM   1087 O OD1 . ASP A 1 141 ? -9.491  3.156   16.673  1.00 24.56 ? 157 ASP A OD1 1 
ATOM   1088 O OD2 . ASP A 1 141 ? -7.407  2.722   16.170  1.00 24.44 ? 157 ASP A OD2 1 
ATOM   1089 N N   . GLU A 1 142 ? -11.496 2.536   14.881  1.00 20.46 ? 158 GLU A N   1 
ATOM   1090 C CA  . GLU A 1 142 ? -12.352 3.216   13.918  1.00 21.60 ? 158 GLU A CA  1 
ATOM   1091 C C   . GLU A 1 142 ? -11.658 3.340   12.561  1.00 20.34 ? 158 GLU A C   1 
ATOM   1092 O O   . GLU A 1 142 ? -10.475 3.007   12.429  1.00 21.22 ? 158 GLU A O   1 
ATOM   1093 C CB  . GLU A 1 142 ? -12.764 4.592   14.445  1.00 27.03 ? 158 GLU A CB  1 
ATOM   1094 C CG  . GLU A 1 142 ? -13.477 4.548   15.802  1.00 28.60 ? 158 GLU A CG  1 
ATOM   1095 C CD  . GLU A 1 142 ? -14.579 3.499   15.869  1.00 37.55 ? 158 GLU A CD  1 
ATOM   1096 O OE1 . GLU A 1 142 ? -15.381 3.392   14.917  1.00 44.89 ? 158 GLU A OE1 1 
ATOM   1097 O OE2 . GLU A 1 142 ? -14.651 2.774   16.886  1.00 45.08 ? 158 GLU A OE2 1 
ATOM   1098 N N   . GLN A 1 143 ? -12.400 3.796   11.559  1.00 20.91 ? 159 GLN A N   1 
ATOM   1099 C CA  . GLN A 1 143 ? -11.859 3.930   10.209  1.00 19.84 ? 159 GLN A CA  1 
ATOM   1100 C C   . GLN A 1 143 ? -11.068 5.228   10.080  1.00 19.57 ? 159 GLN A C   1 
ATOM   1101 O O   . GLN A 1 143 ? -11.588 6.308   10.359  1.00 19.86 ? 159 GLN A O   1 
ATOM   1102 C CB  . GLN A 1 143 ? -12.986 3.898   9.187   1.00 20.75 ? 159 GLN A CB  1 
ATOM   1103 C CG  . GLN A 1 143 ? -12.527 3.883   7.740   1.00 20.84 ? 159 GLN A CG  1 
ATOM   1104 C CD  . GLN A 1 143 ? -13.636 3.453   6.817   1.00 22.69 ? 159 GLN A CD  1 
ATOM   1105 O OE1 . GLN A 1 143 ? -14.242 2.400   7.017   1.00 24.10 ? 159 GLN A OE1 1 
ATOM   1106 N NE2 . GLN A 1 143 ? -13.923 4.267   5.810   1.00 22.27 ? 159 GLN A NE2 1 
ATOM   1107 N N   . TYR A 1 144 ? -9.813  5.121   9.652   1.00 16.56 ? 160 TYR A N   1 
ATOM   1108 C CA  . TYR A 1 144 ? -8.925  6.277   9.576   1.00 18.73 ? 160 TYR A CA  1 
ATOM   1109 C C   . TYR A 1 144 ? -8.369  6.468   8.168   1.00 17.69 ? 160 TYR A C   1 
ATOM   1110 O O   . TYR A 1 144 ? -8.281  5.509   7.400   1.00 17.04 ? 160 TYR A O   1 
ATOM   1111 C CB  . TYR A 1 144 ? -7.770  6.123   10.571  1.00 17.58 ? 160 TYR A CB  1 
ATOM   1112 C CG  . TYR A 1 144 ? -8.168  6.447   11.993  1.00 21.62 ? 160 TYR A CG  1 
ATOM   1113 C CD1 . TYR A 1 144 ? -8.192  7.757   12.437  1.00 23.36 ? 160 TYR A CD1 1 
ATOM   1114 C CD2 . TYR A 1 144 ? -8.539  5.445   12.882  1.00 21.70 ? 160 TYR A CD2 1 
ATOM   1115 C CE1 . TYR A 1 144 ? -8.558  8.063   13.735  1.00 25.62 ? 160 TYR A CE1 1 
ATOM   1116 C CE2 . TYR A 1 144 ? -8.913  5.748   14.183  1.00 22.94 ? 160 TYR A CE2 1 
ATOM   1117 C CZ  . TYR A 1 144 ? -8.923  7.057   14.596  1.00 26.42 ? 160 TYR A CZ  1 
ATOM   1118 O OH  . TYR A 1 144 ? -9.291  7.373   15.882  1.00 27.97 ? 160 TYR A OH  1 
ATOM   1119 N N   . ALA A 1 145 ? -8.010  7.709   7.838   1.00 15.73 ? 161 ALA A N   1 
ATOM   1120 C CA  . ALA A 1 145 ? -7.353  8.021   6.575   1.00 16.17 ? 161 ALA A CA  1 
ATOM   1121 C C   . ALA A 1 145 ? -5.982  8.628   6.843   1.00 14.73 ? 161 ALA A C   1 
ATOM   1122 O O   . ALA A 1 145 ? -5.875  9.636   7.546   1.00 16.28 ? 161 ALA A O   1 
ATOM   1123 C CB  . ALA A 1 145 ? -8.199  8.983   5.746   1.00 17.58 ? 161 ALA A CB  1 
ATOM   1124 N N   . TRP A 1 146 ? -4.951  7.996   6.284   1.00 14.92 ? 162 TRP A N   1 
ATOM   1125 C CA  . TRP A 1 146 ? -3.566  8.487   6.296   1.00 14.20 ? 162 TRP A CA  1 
ATOM   1126 C C   . TRP A 1 146 ? -3.315  9.087   4.930   1.00 14.69 ? 162 TRP A C   1 
ATOM   1127 O O   . TRP A 1 146 ? -3.832  8.595   3.927   1.00 14.69 ? 162 TRP A O   1 
ATOM   1128 C CB  . TRP A 1 146 ? -2.625  7.293   6.520   1.00 14.70 ? 162 TRP A CB  1 
ATOM   1129 C CG  . TRP A 1 146 ? -1.099  7.521   6.469   1.00 14.75 ? 162 TRP A CG  1 
ATOM   1130 C CD1 . TRP A 1 146 ? -0.253  7.576   7.533   1.00 13.90 ? 162 TRP A CD1 1 
ATOM   1131 C CD2 . TRP A 1 146 ? -0.267  7.607   5.293   1.00 12.76 ? 162 TRP A CD2 1 
ATOM   1132 N NE1 . TRP A 1 146 ? 1.049   7.720   7.103   1.00 14.76 ? 162 TRP A NE1 1 
ATOM   1133 C CE2 . TRP A 1 146 ? 1.065   7.745   5.737   1.00 13.81 ? 162 TRP A CE2 1 
ATOM   1134 C CE3 . TRP A 1 146 ? -0.523  7.596   3.918   1.00 12.48 ? 162 TRP A CE3 1 
ATOM   1135 C CZ2 . TRP A 1 146 ? 2.138   7.879   4.847   1.00 15.42 ? 162 TRP A CZ2 1 
ATOM   1136 C CZ3 . TRP A 1 146 ? 0.541   7.712   3.039   1.00 13.55 ? 162 TRP A CZ3 1 
ATOM   1137 C CH2 . TRP A 1 146 ? 1.855   7.855   3.508   1.00 13.45 ? 162 TRP A CH2 1 
ATOM   1138 N N   . GLU A 1 147 ? -2.534  10.156  4.860   1.00 13.74 ? 163 GLU A N   1 
ATOM   1139 C CA  . GLU A 1 147 ? -2.225  10.722  3.561   1.00 15.10 ? 163 GLU A CA  1 
ATOM   1140 C C   . GLU A 1 147 ? -0.872  11.412  3.562   1.00 15.22 ? 163 GLU A C   1 
ATOM   1141 O O   . GLU A 1 147 ? -0.471  12.030  4.549   1.00 13.74 ? 163 GLU A O   1 
ATOM   1142 C CB  . GLU A 1 147 ? -3.308  11.720  3.160   1.00 18.85 ? 163 GLU A CB  1 
ATOM   1143 C CG  . GLU A 1 147 ? -3.293  12.134  1.708   1.00 18.95 ? 163 GLU A CG  1 
ATOM   1144 C CD  . GLU A 1 147 ? -4.541  12.911  1.349   1.00 24.43 ? 163 GLU A CD  1 
ATOM   1145 O OE1 . GLU A 1 147 ? -4.707  14.038  1.877   1.00 27.50 ? 163 GLU A OE1 1 
ATOM   1146 O OE2 . GLU A 1 147 ? -5.374  12.376  0.571   1.00 24.06 ? 163 GLU A OE2 1 
ATOM   1147 N N   . SER A 1 148 ? -0.162  11.297  2.451   1.00 14.41 ? 164 SER A N   1 
ATOM   1148 C CA  . SER A 1 148 ? 1.092   12.029  2.310   1.00 12.06 ? 164 SER A CA  1 
ATOM   1149 C C   . SER A 1 148 ? 1.412   12.302  0.855   1.00 13.94 ? 164 SER A C   1 
ATOM   1150 O O   . SER A 1 148 ? 1.230   11.436  -0.008  1.00 13.47 ? 164 SER A O   1 
ATOM   1151 C CB  . SER A 1 148 ? 2.250   11.273  2.953   1.00 12.77 ? 164 SER A CB  1 
ATOM   1152 O OG  . SER A 1 148 ? 3.457   12.020  2.806   1.00 14.66 ? 164 SER A OG  1 
ATOM   1153 N N   . SER A 1 149 ? 1.898   13.516  0.597   1.00 14.63 ? 165 SER A N   1 
ATOM   1154 C CA  . SER A 1 149 ? 2.466   13.869  -0.701  1.00 17.54 ? 165 SER A CA  1 
ATOM   1155 C C   . SER A 1 149 ? 3.975   13.991  -0.557  1.00 17.19 ? 165 SER A C   1 
ATOM   1156 O O   . SER A 1 149 ? 4.625   14.748  -1.302  1.00 19.31 ? 165 SER A O   1 
ATOM   1157 C CB  . SER A 1 149 ? 1.892   15.190  -1.216  1.00 19.46 ? 165 SER A CB  1 
ATOM   1158 O OG  . SER A 1 149 ? 0.500   15.083  -1.475  1.00 18.74 ? 165 SER A OG  1 
ATOM   1159 N N   . ALA A 1 150 ? 4.521   13.244  0.406   1.00 15.80 ? 166 ALA A N   1 
ATOM   1160 C CA  . ALA A 1 150 ? 5.939   13.273  0.755   1.00 16.64 ? 166 ALA A CA  1 
ATOM   1161 C C   . ALA A 1 150 ? 6.305   14.652  1.306   1.00 17.52 ? 166 ALA A C   1 
ATOM   1162 O O   . ALA A 1 150 ? 5.497   15.266  1.995   1.00 21.23 ? 166 ALA A O   1 
ATOM   1163 C CB  . ALA A 1 150 ? 6.807   12.877  -0.428  1.00 21.88 ? 166 ALA A CB  1 
ATOM   1164 N N   . GLY A 1 151 ? 7.508   15.137  1.038   1.00 21.38 ? 167 GLY A N   1 
ATOM   1165 C CA  . GLY A 1 151 ? 7.898   16.422  1.599   1.00 22.17 ? 167 GLY A CA  1 
ATOM   1166 C C   . GLY A 1 151 ? 8.029   16.442  3.117   1.00 21.62 ? 167 GLY A C   1 
ATOM   1167 O O   . GLY A 1 151 ? 8.029   17.511  3.731   1.00 24.06 ? 167 GLY A O   1 
ATOM   1168 N N   . GLY A 1 152 ? 8.124   15.266  3.729   1.00 15.59 ? 168 GLY A N   1 
ATOM   1169 C CA  . GLY A 1 152 ? 8.486   15.163  5.126   1.00 15.34 ? 168 GLY A CA  1 
ATOM   1170 C C   . GLY A 1 152 ? 7.366   15.006  6.139   1.00 16.63 ? 168 GLY A C   1 
ATOM   1171 O O   . GLY A 1 152 ? 7.640   14.838  7.328   1.00 16.51 ? 168 GLY A O   1 
ATOM   1172 N N   . SER A 1 153 ? 6.120   15.055  5.686   1.00 16.38 ? 169 SER A N   1 
ATOM   1173 C CA  . SER A 1 153 ? 4.986   14.970  6.605   1.00 14.10 ? 169 SER A CA  1 
ATOM   1174 C C   . SER A 1 153 ? 3.867   14.099  6.079   1.00 14.15 ? 169 SER A C   1 
ATOM   1175 O O   . SER A 1 153 ? 3.753   13.860  4.864   1.00 14.94 ? 169 SER A O   1 
ATOM   1176 C CB  . SER A 1 153 ? 4.436   16.361  6.940   1.00 16.87 ? 169 SER A CB  1 
ATOM   1177 O OG  . SER A 1 153 ? 3.835   16.973  5.815   1.00 16.91 ? 169 SER A OG  1 
ATOM   1178 N N   . PHE A 1 154 ? 3.046   13.633  7.015   1.00 12.70 ? 170 PHE A N   1 
ATOM   1179 C CA  . PHE A 1 154 ? 1.822   12.920  6.670   1.00 14.34 ? 170 PHE A CA  1 
ATOM   1180 C C   . PHE A 1 154 ? 0.692   13.374  7.588   1.00 15.30 ? 170 PHE A C   1 
ATOM   1181 O O   . PHE A 1 154 ? 0.937   13.937  8.651   1.00 15.31 ? 170 PHE A O   1 
ATOM   1182 C CB  . PHE A 1 154 ? 2.030   11.393  6.734   1.00 14.52 ? 170 PHE A CB  1 
ATOM   1183 C CG  . PHE A 1 154 ? 2.350   10.854  8.107   1.00 13.23 ? 170 PHE A CG  1 
ATOM   1184 C CD1 . PHE A 1 154 ? 1.336   10.445  8.961   1.00 14.38 ? 170 PHE A CD1 1 
ATOM   1185 C CD2 . PHE A 1 154 ? 3.666   10.701  8.520   1.00 15.00 ? 170 PHE A CD2 1 
ATOM   1186 C CE1 . PHE A 1 154 ? 1.618   9.931   10.205  1.00 14.90 ? 170 PHE A CE1 1 
ATOM   1187 C CE2 . PHE A 1 154 ? 3.958   10.181  9.778   1.00 16.69 ? 170 PHE A CE2 1 
ATOM   1188 C CZ  . PHE A 1 154 ? 2.927   9.789   10.617  1.00 15.81 ? 170 PHE A CZ  1 
ATOM   1189 N N   . THR A 1 155 ? -0.545  13.148  7.162   1.00 15.64 ? 171 THR A N   1 
ATOM   1190 C CA  . THR A 1 155 ? -1.698  13.479  8.000   1.00 15.64 ? 171 THR A CA  1 
ATOM   1191 C C   . THR A 1 155 ? -2.474  12.228  8.353   1.00 15.60 ? 171 THR A C   1 
ATOM   1192 O O   . THR A 1 155 ? -2.454  11.249  7.614   1.00 14.70 ? 171 THR A O   1 
ATOM   1193 C CB  . THR A 1 155 ? -2.657  14.507  7.344   1.00 17.71 ? 171 THR A CB  1 
ATOM   1194 O OG1 . THR A 1 155 ? -3.206  13.967  6.137   1.00 18.04 ? 171 THR A OG1 1 
ATOM   1195 C CG2 . THR A 1 155 ? -1.926  15.814  7.031   1.00 17.87 ? 171 THR A CG2 1 
ATOM   1196 N N   . VAL A 1 156 ? -3.145  12.263  9.500   1.00 15.46 ? 172 VAL A N   1 
ATOM   1197 C CA  . VAL A 1 156 ? -4.087  11.210  9.864   1.00 15.50 ? 172 VAL A CA  1 
ATOM   1198 C C   . VAL A 1 156 ? -5.378  11.874  10.326  1.00 17.68 ? 172 VAL A C   1 
ATOM   1199 O O   . VAL A 1 156 ? -5.347  12.836  11.098  1.00 18.10 ? 172 VAL A O   1 
ATOM   1200 C CB  . VAL A 1 156 ? -3.521  10.271  10.965  1.00 16.05 ? 172 VAL A CB  1 
ATOM   1201 C CG1 . VAL A 1 156 ? -4.566  9.212   11.366  1.00 17.41 ? 172 VAL A CG1 1 
ATOM   1202 C CG2 . VAL A 1 156 ? -2.244  9.590   10.481  1.00 15.06 ? 172 VAL A CG2 1 
ATOM   1203 N N   . ARG A 1 157 ? -6.509  11.373  9.838   1.00 18.42 ? 173 ARG A N   1 
ATOM   1204 C CA  . ARG A 1 157 ? -7.808  11.890  10.257  1.00 20.03 ? 173 ARG A CA  1 
ATOM   1205 C C   . ARG A 1 157 ? -8.831  10.763  10.308  1.00 20.86 ? 173 ARG A C   1 
ATOM   1206 O O   . ARG A 1 157 ? -8.664  9.729   9.654   1.00 19.47 ? 173 ARG A O   1 
ATOM   1207 C CB  . ARG A 1 157 ? -8.279  12.995  9.304   1.00 21.41 ? 173 ARG A CB  1 
ATOM   1208 C CG  . ARG A 1 157 ? -8.706  12.498  7.922   1.00 22.31 ? 173 ARG A CG  1 
ATOM   1209 C CD  . ARG A 1 157 ? -8.780  13.642  6.921   1.00 26.48 ? 173 ARG A CD  1 
ATOM   1210 N NE  . ARG A 1 157 ? -7.437  14.102  6.566   1.00 28.41 ? 173 ARG A NE  1 
ATOM   1211 C CZ  . ARG A 1 157 ? -7.171  15.213  5.886   1.00 30.88 ? 173 ARG A CZ  1 
ATOM   1212 N NH1 . ARG A 1 157 ? -8.158  15.999  5.477   1.00 33.54 ? 173 ARG A NH1 1 
ATOM   1213 N NH2 . ARG A 1 157 ? -5.912  15.540  5.619   1.00 29.63 ? 173 ARG A NH2 1 
ATOM   1214 N N   . THR A 1 158 ? -9.888  10.950  11.090  1.00 20.52 ? 174 THR A N   1 
ATOM   1215 C CA  . THR A 1 158 ? -10.991 9.992   11.052  1.00 20.99 ? 174 THR A CA  1 
ATOM   1216 C C   . THR A 1 158 ? -11.595 10.040  9.656   1.00 23.09 ? 174 THR A C   1 
ATOM   1217 O O   . THR A 1 158 ? -11.818 11.121  9.105   1.00 25.19 ? 174 THR A O   1 
ATOM   1218 C CB  . THR A 1 158 ? -12.070 10.310  12.094  1.00 24.47 ? 174 THR A CB  1 
ATOM   1219 O OG1 . THR A 1 158 ? -11.513 10.191  13.406  1.00 28.72 ? 174 THR A OG1 1 
ATOM   1220 C CG2 . THR A 1 158 ? -13.220 9.336   11.964  1.00 29.35 ? 174 THR A CG2 1 
ATOM   1221 N N   . ASP A 1 159 ? -11.846 8.878   9.063   1.00 20.32 ? 175 ASP A N   1 
ATOM   1222 C CA  . ASP A 1 159 ? -12.345 8.868   7.697   1.00 23.23 ? 175 ASP A CA  1 
ATOM   1223 C C   . ASP A 1 159 ? -13.843 9.111   7.666   1.00 28.65 ? 175 ASP A C   1 
ATOM   1224 O O   . ASP A 1 159 ? -14.584 8.562   8.476   1.00 31.38 ? 175 ASP A O   1 
ATOM   1225 C CB  . ASP A 1 159 ? -12.024 7.556   6.994   1.00 22.93 ? 175 ASP A CB  1 
ATOM   1226 C CG  . ASP A 1 159 ? -12.382 7.592   5.521   1.00 27.88 ? 175 ASP A CG  1 
ATOM   1227 O OD1 . ASP A 1 159 ? -12.004 8.569   4.834   1.00 29.79 ? 175 ASP A OD1 1 
ATOM   1228 O OD2 . ASP A 1 159 ? -13.037 6.649   5.043   1.00 29.14 ? 175 ASP A OD2 1 
ATOM   1229 N N   . THR A 1 160 ? -14.272 9.929   6.710   1.00 35.13 ? 176 THR A N   1 
ATOM   1230 C CA  . THR A 1 160 ? -15.674 10.305  6.558   1.00 39.06 ? 176 THR A CA  1 
ATOM   1231 C C   . THR A 1 160 ? -16.346 9.549   5.410   1.00 40.47 ? 176 THR A C   1 
ATOM   1232 O O   . THR A 1 160 ? -17.574 9.569   5.268   1.00 42.34 ? 176 THR A O   1 
ATOM   1233 C CB  . THR A 1 160 ? -15.799 11.818  6.297   1.00 40.65 ? 176 THR A CB  1 
ATOM   1234 O OG1 . THR A 1 160 ? -15.014 12.171  5.148   1.00 43.61 ? 176 THR A OG1 1 
ATOM   1235 C CG2 . THR A 1 160 ? -15.301 12.596  7.493   1.00 40.91 ? 176 THR A CG2 1 
ATOM   1236 N N   . GLY A 1 161 ? -15.533 8.877   4.601   1.00 35.76 ? 177 GLY A N   1 
ATOM   1237 C CA  . GLY A 1 161 ? -16.013 8.212   3.403   1.00 37.84 ? 177 GLY A CA  1 
ATOM   1238 C C   . GLY A 1 161 ? -16.841 6.968   3.651   1.00 31.87 ? 177 GLY A C   1 
ATOM   1239 O O   . GLY A 1 161 ? -17.340 6.738   4.756   1.00 31.17 ? 177 GLY A O   1 
ATOM   1240 N N   . GLU A 1 162 ? -16.988 6.158   2.610   1.00 34.53 ? 178 GLU A N   1 
ATOM   1241 C CA  . GLU A 1 162 ? -17.762 4.932   2.709   1.00 35.06 ? 178 GLU A CA  1 
ATOM   1242 C C   . GLU A 1 162 ? -17.137 3.974   3.714   1.00 31.54 ? 178 GLU A C   1 
ATOM   1243 O O   . GLU A 1 162 ? -15.932 3.744   3.678   1.00 27.75 ? 178 GLU A O   1 
ATOM   1244 C CB  . GLU A 1 162 ? -17.869 4.265   1.333   1.00 35.97 ? 178 GLU A CB  1 
ATOM   1245 C CG  . GLU A 1 162 ? -18.650 5.092   0.323   1.00 36.15 ? 178 GLU A CG  1 
ATOM   1246 C CD  . GLU A 1 162 ? -20.053 5.388   0.807   1.00 34.27 ? 178 GLU A CD  1 
ATOM   1247 O OE1 . GLU A 1 162 ? -20.774 4.422   1.139   1.00 35.50 ? 178 GLU A OE1 1 
ATOM   1248 O OE2 . GLU A 1 162 ? -20.424 6.580   0.880   1.00 38.11 ? 178 GLU A OE2 1 
ATOM   1249 N N   . PRO A 1 163 ? -17.957 3.445   4.636   1.00 30.34 ? 179 PRO A N   1 
ATOM   1250 C CA  . PRO A 1 163 ? -17.575 2.365   5.554   1.00 29.63 ? 179 PRO A CA  1 
ATOM   1251 C C   . PRO A 1 163 ? -16.946 1.193   4.800   1.00 31.43 ? 179 PRO A C   1 
ATOM   1252 O O   . PRO A 1 163 ? -17.493 0.756   3.784   1.00 33.65 ? 179 PRO A O   1 
ATOM   1253 C CB  . PRO A 1 163 ? -18.918 1.942   6.156   1.00 35.50 ? 179 PRO A CB  1 
ATOM   1254 C CG  . PRO A 1 163 ? -19.719 3.202   6.163   1.00 36.92 ? 179 PRO A CG  1 
ATOM   1255 C CD  . PRO A 1 163 ? -19.313 3.955   4.914   1.00 37.10 ? 179 PRO A CD  1 
ATOM   1256 N N   . MET A 1 164 ? -15.813 0.694   5.284   1.00 25.58 ? 180 MET A N   1 
ATOM   1257 C CA  . MET A 1 164 ? -15.118 -0.391  4.605   1.00 28.47 ? 180 MET A CA  1 
ATOM   1258 C C   . MET A 1 164 ? -15.358 -1.772  5.188   1.00 29.36 ? 180 MET A C   1 
ATOM   1259 O O   . MET A 1 164 ? -14.978 -2.780  4.580   1.00 28.51 ? 180 MET A O   1 
ATOM   1260 C CB  . MET A 1 164 ? -13.626 -0.134  4.623   1.00 27.64 ? 180 MET A CB  1 
ATOM   1261 C CG  . MET A 1 164 ? -13.210 1.080   3.869   1.00 34.50 ? 180 MET A CG  1 
ATOM   1262 S SD  . MET A 1 164 ? -11.486 1.298   4.257   1.00 37.48 ? 180 MET A SD  1 
ATOM   1263 C CE  . MET A 1 164 ? -10.806 -0.208  3.551   1.00 27.58 ? 180 MET A CE  1 
ATOM   1264 N N   . GLY A 1 165 ? -15.950 -1.823  6.371   1.00 25.60 ? 181 GLY A N   1 
ATOM   1265 C CA  . GLY A 1 165 ? -16.142 -3.095  7.045   1.00 24.41 ? 181 GLY A CA  1 
ATOM   1266 C C   . GLY A 1 165 ? -14.875 -3.530  7.759   1.00 21.30 ? 181 GLY A C   1 
ATOM   1267 O O   . GLY A 1 165 ? -14.809 -3.515  8.987   1.00 20.49 ? 181 GLY A O   1 
ATOM   1268 N N   . ARG A 1 166 ? -13.873 -3.921  6.975   1.00 19.79 ? 182 ARG A N   1 
ATOM   1269 C CA  . ARG A 1 166 ? -12.558 -4.283  7.498   1.00 18.09 ? 182 ARG A CA  1 
ATOM   1270 C C   . ARG A 1 166 ? -11.585 -4.358  6.334   1.00 19.02 ? 182 ARG A C   1 
ATOM   1271 O O   . ARG A 1 166 ? -11.916 -4.895  5.283   1.00 19.60 ? 182 ARG A O   1 
ATOM   1272 C CB  . ARG A 1 166 ? -12.603 -5.650  8.192   1.00 16.14 ? 182 ARG A CB  1 
ATOM   1273 C CG  . ARG A 1 166 ? -11.286 -6.031  8.874   1.00 18.34 ? 182 ARG A CG  1 
ATOM   1274 C CD  . ARG A 1 166 ? -11.179 -7.535  9.116   1.00 16.41 ? 182 ARG A CD  1 
ATOM   1275 N NE  . ARG A 1 166 ? -11.194 -8.299  7.866   1.00 16.69 ? 182 ARG A NE  1 
ATOM   1276 C CZ  . ARG A 1 166 ? -12.222 -9.035  7.442   1.00 17.68 ? 182 ARG A CZ  1 
ATOM   1277 N NH1 . ARG A 1 166 ? -13.332 -9.106  8.164   1.00 18.20 ? 182 ARG A NH1 1 
ATOM   1278 N NH2 . ARG A 1 166 ? -12.140 -9.694  6.294   1.00 17.64 ? 182 ARG A NH2 1 
ATOM   1279 N N   . GLY A 1 167 ? -10.386 -3.814  6.521   1.00 15.79 ? 183 GLY A N   1 
ATOM   1280 C CA  . GLY A 1 167 ? -9.358  -3.919  5.505   1.00 16.56 ? 183 GLY A CA  1 
ATOM   1281 C C   . GLY A 1 167 ? -8.710  -2.587  5.212   1.00 17.36 ? 183 GLY A C   1 
ATOM   1282 O O   . GLY A 1 167 ? -8.798  -1.650  6.007   1.00 16.02 ? 183 GLY A O   1 
ATOM   1283 N N   . THR A 1 168 ? -8.067  -2.507  4.053   1.00 15.12 ? 184 THR A N   1 
ATOM   1284 C CA  . THR A 1 168 ? -7.254  -1.347  3.712   1.00 13.63 ? 184 THR A CA  1 
ATOM   1285 C C   . THR A 1 168 ? -7.462  -0.974  2.259   1.00 16.67 ? 184 THR A C   1 
ATOM   1286 O O   . THR A 1 168 ? -7.575  -1.840  1.384   1.00 14.12 ? 184 THR A O   1 
ATOM   1287 C CB  . THR A 1 168 ? -5.768  -1.654  3.988   1.00 14.96 ? 184 THR A CB  1 
ATOM   1288 O OG1 . THR A 1 168 ? -5.613  -1.927  5.387   1.00 16.17 ? 184 THR A OG1 1 
ATOM   1289 C CG2 . THR A 1 168 ? -4.857  -0.479  3.620   1.00 17.93 ? 184 THR A CG2 1 
ATOM   1290 N N   . LYS A 1 169 ? -7.517  0.330   2.011   1.00 13.85 ? 185 LYS A N   1 
ATOM   1291 C CA  . LYS A 1 169 ? -7.664  0.862   0.669   1.00 14.57 ? 185 LYS A CA  1 
ATOM   1292 C C   . LYS A 1 169 ? -6.508  1.824   0.440   1.00 15.95 ? 185 LYS A C   1 
ATOM   1293 O O   . LYS A 1 169 ? -6.348  2.780   1.183   1.00 15.47 ? 185 LYS A O   1 
ATOM   1294 C CB  . LYS A 1 169 ? -9.017  1.581   0.564   1.00 19.55 ? 185 LYS A CB  1 
ATOM   1295 C CG  . LYS A 1 169 ? -9.202  2.494   -0.630  1.00 21.21 ? 185 LYS A CG  1 
ATOM   1296 C CD  . LYS A 1 169 ? -10.680 2.869   -0.817  1.00 28.82 ? 185 LYS A CD  1 
ATOM   1297 C CE  . LYS A 1 169 ? -11.294 3.438   0.455   1.00 32.38 ? 185 LYS A CE  1 
ATOM   1298 N NZ  . LYS A 1 169 ? -12.715 3.886   0.248   1.00 34.07 ? 185 LYS A NZ  1 
ATOM   1299 N N   . VAL A 1 170 ? -5.688  1.552   -0.569  1.00 13.43 ? 186 VAL A N   1 
ATOM   1300 C CA  . VAL A 1 170 ? -4.572  2.437   -0.898  1.00 12.86 ? 186 VAL A CA  1 
ATOM   1301 C C   . VAL A 1 170 ? -4.936  3.167   -2.183  1.00 14.86 ? 186 VAL A C   1 
ATOM   1302 O O   . VAL A 1 170 ? -5.145  2.542   -3.218  1.00 14.07 ? 186 VAL A O   1 
ATOM   1303 C CB  . VAL A 1 170 ? -3.262  1.653   -1.104  1.00 13.98 ? 186 VAL A CB  1 
ATOM   1304 C CG1 . VAL A 1 170 ? -2.125  2.609   -1.533  1.00 13.63 ? 186 VAL A CG1 1 
ATOM   1305 C CG2 . VAL A 1 170 ? -2.869  0.914   0.176   1.00 14.01 ? 186 VAL A CG2 1 
ATOM   1306 N N   . ILE A 1 171 ? -5.040  4.489   -2.104  1.00 14.25 ? 187 ILE A N   1 
ATOM   1307 C CA  . ILE A 1 171 ? -5.399  5.298   -3.254  1.00 13.18 ? 187 ILE A CA  1 
ATOM   1308 C C   . ILE A 1 171 ? -4.168  6.005   -3.788  1.00 13.55 ? 187 ILE A C   1 
ATOM   1309 O O   . ILE A 1 171 ? -3.559  6.815   -3.089  1.00 13.91 ? 187 ILE A O   1 
ATOM   1310 C CB  . ILE A 1 171 ? -6.460  6.370   -2.900  1.00 14.88 ? 187 ILE A CB  1 
ATOM   1311 C CG1 . ILE A 1 171 ? -7.687  5.718   -2.254  1.00 18.24 ? 187 ILE A CG1 1 
ATOM   1312 C CG2 . ILE A 1 171 ? -6.860  7.130   -4.156  1.00 15.97 ? 187 ILE A CG2 1 
ATOM   1313 C CD1 . ILE A 1 171 ? -8.708  6.715   -1.742  1.00 21.44 ? 187 ILE A CD1 1 
ATOM   1314 N N   . LEU A 1 172 ? -3.789  5.687   -5.021  1.00 13.97 ? 188 LEU A N   1 
ATOM   1315 C CA  . LEU A 1 172 ? -2.605  6.285   -5.626  1.00 14.10 ? 188 LEU A CA  1 
ATOM   1316 C C   . LEU A 1 172 ? -3.034  7.412   -6.549  1.00 15.25 ? 188 LEU A C   1 
ATOM   1317 O O   . LEU A 1 172 ? -3.692  7.174   -7.559  1.00 15.66 ? 188 LEU A O   1 
ATOM   1318 C CB  . LEU A 1 172 ? -1.835  5.235   -6.435  1.00 15.11 ? 188 LEU A CB  1 
ATOM   1319 C CG  . LEU A 1 172 ? -1.450  3.974   -5.664  1.00 16.12 ? 188 LEU A CG  1 
ATOM   1320 C CD1 . LEU A 1 172 ? -0.813  2.961   -6.605  1.00 19.04 ? 188 LEU A CD1 1 
ATOM   1321 C CD2 . LEU A 1 172 ? -0.515  4.296   -4.514  1.00 16.00 ? 188 LEU A CD2 1 
ATOM   1322 N N   . HIS A 1 173 ? -2.662  8.640   -6.206  1.00 17.31 ? 189 HIS A N   1 
ATOM   1323 C CA  . HIS A 1 173 ? -2.973  9.779   -7.059  1.00 17.80 ? 189 HIS A CA  1 
ATOM   1324 C C   . HIS A 1 173 ? -1.791  9.886   -8.002  1.00 18.78 ? 189 HIS A C   1 
ATOM   1325 O O   . HIS A 1 173 ? -0.718  10.318  -7.592  1.00 17.13 ? 189 HIS A O   1 
ATOM   1326 C CB  . HIS A 1 173 ? -3.149  11.045  -6.209  1.00 18.17 ? 189 HIS A CB  1 
ATOM   1327 C CG  . HIS A 1 173 ? -4.141  10.880  -5.097  1.00 19.09 ? 189 HIS A CG  1 
ATOM   1328 N ND1 . HIS A 1 173 ? -5.457  11.276  -5.210  1.00 22.51 ? 189 HIS A ND1 1 
ATOM   1329 C CD2 . HIS A 1 173 ? -4.018  10.335  -3.862  1.00 17.95 ? 189 HIS A CD2 1 
ATOM   1330 C CE1 . HIS A 1 173 ? -6.101  10.986  -4.092  1.00 20.26 ? 189 HIS A CE1 1 
ATOM   1331 N NE2 . HIS A 1 173 ? -5.248  10.420  -3.255  1.00 22.59 ? 189 HIS A NE2 1 
ATOM   1332 N N   . LEU A 1 174 ? -1.972  9.440   -9.247  1.00 16.98 ? 190 LEU A N   1 
ATOM   1333 C CA  . LEU A 1 174 ? -0.827  9.197   -10.125 1.00 16.86 ? 190 LEU A CA  1 
ATOM   1334 C C   . LEU A 1 174 ? -0.172  10.477  -10.635 1.00 18.99 ? 190 LEU A C   1 
ATOM   1335 O O   . LEU A 1 174 ? -0.843  11.494  -10.843 1.00 23.19 ? 190 LEU A O   1 
ATOM   1336 C CB  . LEU A 1 174 ? -1.226  8.322   -11.315 1.00 18.76 ? 190 LEU A CB  1 
ATOM   1337 C CG  . LEU A 1 174 ? -1.666  6.893   -10.988 1.00 17.53 ? 190 LEU A CG  1 
ATOM   1338 C CD1 . LEU A 1 174 ? -2.032  6.141   -12.264 1.00 18.04 ? 190 LEU A CD1 1 
ATOM   1339 C CD2 . LEU A 1 174 ? -0.566  6.163   -10.253 1.00 19.11 ? 190 LEU A CD2 1 
ATOM   1340 N N   . LYS A 1 175 ? 1.137   10.410  -10.842 1.00 21.18 ? 191 LYS A N   1 
ATOM   1341 C CA  . LYS A 1 175 ? 1.850   11.463  -11.549 1.00 21.39 ? 191 LYS A CA  1 
ATOM   1342 C C   . LYS A 1 175 ? 1.323   11.551  -12.979 1.00 22.98 ? 191 LYS A C   1 
ATOM   1343 O O   . LYS A 1 175 ? 0.885   10.551  -13.553 1.00 22.46 ? 191 LYS A O   1 
ATOM   1344 C CB  . LYS A 1 175 ? 3.354   11.186  -11.544 1.00 21.92 ? 191 LYS A CB  1 
ATOM   1345 C CG  . LYS A 1 175 ? 3.975   11.163  -10.156 1.00 21.47 ? 191 LYS A CG  1 
ATOM   1346 C CD  . LYS A 1 175 ? 5.419   10.673  -10.222 1.00 23.62 ? 191 LYS A CD  1 
ATOM   1347 C CE  . LYS A 1 175 ? 6.027   10.510  -8.836  1.00 29.27 ? 191 LYS A CE  1 
ATOM   1348 N NZ  . LYS A 1 175 ? 7.423   9.973   -8.899  1.00 31.15 ? 191 LYS A NZ  1 
ATOM   1349 N N   . GLU A 1 176 ? 1.368   12.757  -13.535 1.00 26.84 ? 192 GLU A N   1 
ATOM   1350 C CA  . GLU A 1 176 ? 0.828   13.055  -14.858 1.00 30.04 ? 192 GLU A CA  1 
ATOM   1351 C C   . GLU A 1 176 ? 1.380   12.121  -15.935 1.00 26.62 ? 192 GLU A C   1 
ATOM   1352 O O   . GLU A 1 176 ? 0.665   11.737  -16.861 1.00 28.92 ? 192 GLU A O   1 
ATOM   1353 C CB  . GLU A 1 176 ? 1.167   14.509  -15.202 1.00 34.64 ? 192 GLU A CB  1 
ATOM   1354 C CG  . GLU A 1 176 ? 0.193   15.218  -16.113 1.00 44.19 ? 192 GLU A CG  1 
ATOM   1355 C CD  . GLU A 1 176 ? 0.530   16.693  -16.254 1.00 50.65 ? 192 GLU A CD  1 
ATOM   1356 O OE1 . GLU A 1 176 ? 1.637   17.098  -15.829 1.00 51.10 ? 192 GLU A OE1 1 
ATOM   1357 O OE2 . GLU A 1 176 ? -0.313  17.448  -16.783 1.00 57.88 ? 192 GLU A OE2 1 
ATOM   1358 N N   . ASP A 1 177 ? 2.649   11.747  -15.806 1.00 26.71 ? 193 ASP A N   1 
ATOM   1359 C CA  . ASP A 1 177 ? 3.293   10.913  -16.813 1.00 25.78 ? 193 ASP A CA  1 
ATOM   1360 C C   . ASP A 1 177 ? 3.248   9.411   -16.506 1.00 26.91 ? 193 ASP A C   1 
ATOM   1361 O O   . ASP A 1 177 ? 3.940   8.619   -17.153 1.00 23.26 ? 193 ASP A O   1 
ATOM   1362 C CB  . ASP A 1 177 ? 4.736   11.374  -17.047 1.00 28.31 ? 193 ASP A CB  1 
ATOM   1363 C CG  . ASP A 1 177 ? 5.629   11.153  -15.841 1.00 32.38 ? 193 ASP A CG  1 
ATOM   1364 O OD1 . ASP A 1 177 ? 5.122   11.174  -14.700 1.00 34.69 ? 193 ASP A OD1 1 
ATOM   1365 O OD2 . ASP A 1 177 ? 6.850   10.968  -16.032 1.00 40.45 ? 193 ASP A OD2 1 
ATOM   1366 N N   . GLN A 1 178 ? 2.430   9.022   -15.531 1.00 21.74 ? 194 GLN A N   1 
ATOM   1367 C CA  . GLN A 1 178 ? 2.344   7.618   -15.134 1.00 19.44 ? 194 GLN A CA  1 
ATOM   1368 C C   . GLN A 1 178 ? 0.943   7.038   -15.315 1.00 24.54 ? 194 GLN A C   1 
ATOM   1369 O O   . GLN A 1 178 ? 0.553   6.106   -14.609 1.00 21.30 ? 194 GLN A O   1 
ATOM   1370 C CB  . GLN A 1 178 ? 2.822   7.451   -13.683 1.00 20.20 ? 194 GLN A CB  1 
ATOM   1371 C CG  . GLN A 1 178 ? 4.262   7.913   -13.466 1.00 22.57 ? 194 GLN A CG  1 
ATOM   1372 C CD  . GLN A 1 178 ? 5.266   7.092   -14.259 1.00 22.65 ? 194 GLN A CD  1 
ATOM   1373 O OE1 . GLN A 1 178 ? 5.064   5.901   -14.498 1.00 23.96 ? 194 GLN A OE1 1 
ATOM   1374 N NE2 . GLN A 1 178 ? 6.357   7.730   -14.675 1.00 25.29 ? 194 GLN A NE2 1 
ATOM   1375 N N   . THR A 1 179 ? 0.190   7.568   -16.274 1.00 23.77 ? 195 THR A N   1 
ATOM   1376 C CA  . THR A 1 179 ? -1.196  7.131   -16.459 1.00 21.39 ? 195 THR A CA  1 
ATOM   1377 C C   . THR A 1 179 ? -1.343  5.769   -17.136 1.00 22.05 ? 195 THR A C   1 
ATOM   1378 O O   . THR A 1 179 ? -2.457  5.268   -17.269 1.00 23.44 ? 195 THR A O   1 
ATOM   1379 C CB  . THR A 1 179 ? -2.054  8.162   -17.241 1.00 27.77 ? 195 THR A CB  1 
ATOM   1380 O OG1 . THR A 1 179 ? -1.448  8.433   -18.512 1.00 30.22 ? 195 THR A OG1 1 
ATOM   1381 C CG2 . THR A 1 179 ? -2.204  9.452   -16.453 1.00 25.78 ? 195 THR A CG2 1 
ATOM   1382 N N   . GLU A 1 180 ? -0.229  5.173   -17.561 1.00 24.14 ? 196 GLU A N   1 
ATOM   1383 C CA  . GLU A 1 180 ? -0.279  3.839   -18.159 1.00 22.95 ? 196 GLU A CA  1 
ATOM   1384 C C   . GLU A 1 180 ? -0.823  2.822   -17.163 1.00 21.20 ? 196 GLU A C   1 
ATOM   1385 O O   . GLU A 1 180 ? -1.387  1.804   -17.549 1.00 19.84 ? 196 GLU A O   1 
ATOM   1386 C CB  . GLU A 1 180 ? 1.101   3.397   -18.663 1.00 20.58 ? 196 GLU A CB  1 
ATOM   1387 C CG  . GLU A 1 180 ? 2.111   3.106   -17.563 1.00 19.74 ? 196 GLU A CG  1 
ATOM   1388 C CD  . GLU A 1 180 ? 3.522   2.921   -18.090 1.00 25.34 ? 196 GLU A CD  1 
ATOM   1389 O OE1 . GLU A 1 180 ? 4.223   3.938   -18.289 1.00 28.08 ? 196 GLU A OE1 1 
ATOM   1390 O OE2 . GLU A 1 180 ? 3.940   1.761   -18.289 1.00 25.16 ? 196 GLU A OE2 1 
ATOM   1391 N N   . TYR A 1 181 ? -0.664  3.120   -15.877 1.00 21.67 ? 197 TYR A N   1 
ATOM   1392 C CA  . TYR A 1 181 ? -1.107  2.218   -14.817 1.00 18.82 ? 197 TYR A CA  1 
ATOM   1393 C C   . TYR A 1 181 ? -2.608  2.306   -14.554 1.00 20.93 ? 197 TYR A C   1 
ATOM   1394 O O   . TYR A 1 181 ? -3.113  1.697   -13.611 1.00 22.01 ? 197 TYR A O   1 
ATOM   1395 C CB  . TYR A 1 181 ? -0.275  2.443   -13.549 1.00 18.02 ? 197 TYR A CB  1 
ATOM   1396 C CG  . TYR A 1 181 ? 1.183   2.225   -13.847 1.00 17.55 ? 197 TYR A CG  1 
ATOM   1397 C CD1 . TYR A 1 181 ? 1.653   0.961   -14.167 1.00 18.44 ? 197 TYR A CD1 1 
ATOM   1398 C CD2 . TYR A 1 181 ? 2.082   3.282   -13.854 1.00 18.61 ? 197 TYR A CD2 1 
ATOM   1399 C CE1 . TYR A 1 181 ? 2.976   0.747   -14.473 1.00 19.88 ? 197 TYR A CE1 1 
ATOM   1400 C CE2 . TYR A 1 181 ? 3.411   3.076   -14.157 1.00 20.03 ? 197 TYR A CE2 1 
ATOM   1401 C CZ  . TYR A 1 181 ? 3.850   1.803   -14.472 1.00 20.69 ? 197 TYR A CZ  1 
ATOM   1402 O OH  . TYR A 1 181 ? 5.178   1.571   -14.779 1.00 22.86 ? 197 TYR A OH  1 
ATOM   1403 N N   . LEU A 1 182 ? -3.311  3.061   -15.397 1.00 19.39 ? 198 LEU A N   1 
ATOM   1404 C CA  . LEU A 1 182 ? -4.772  3.078   -15.381 1.00 20.15 ? 198 LEU A CA  1 
ATOM   1405 C C   . LEU A 1 182 ? -5.354  2.247   -16.523 1.00 23.33 ? 198 LEU A C   1 
ATOM   1406 O O   . LEU A 1 182 ? -6.564  2.059   -16.594 1.00 23.20 ? 198 LEU A O   1 
ATOM   1407 C CB  . LEU A 1 182 ? -5.289  4.512   -15.487 1.00 20.22 ? 198 LEU A CB  1 
ATOM   1408 C CG  . LEU A 1 182 ? -4.828  5.453   -14.375 1.00 20.21 ? 198 LEU A CG  1 
ATOM   1409 C CD1 . LEU A 1 182 ? -5.326  6.864   -14.613 1.00 24.99 ? 198 LEU A CD1 1 
ATOM   1410 C CD2 . LEU A 1 182 ? -5.294  4.937   -13.012 1.00 22.83 ? 198 LEU A CD2 1 
ATOM   1411 N N   . GLU A 1 183 ? -4.495  1.762   -17.416 1.00 24.07 ? 199 GLU A N   1 
ATOM   1412 C CA  . GLU A 1 183 ? -4.949  1.012   -18.591 1.00 23.63 ? 199 GLU A CA  1 
ATOM   1413 C C   . GLU A 1 183 ? -5.125  -0.464  -18.254 1.00 21.86 ? 199 GLU A C   1 
ATOM   1414 O O   . GLU A 1 183 ? -4.228  -1.081  -17.670 1.00 20.12 ? 199 GLU A O   1 
ATOM   1415 C CB  . GLU A 1 183 ? -3.950  1.163   -19.745 1.00 26.63 ? 199 GLU A CB  1 
ATOM   1416 C CG  . GLU A 1 183 ? -3.742  2.597   -20.228 1.00 26.98 ? 199 GLU A CG  1 
ATOM   1417 C CD  . GLU A 1 183 ? -4.961  3.170   -20.931 1.00 36.64 ? 199 GLU A CD  1 
ATOM   1418 O OE1 . GLU A 1 183 ? -5.786  2.382   -21.447 1.00 39.29 ? 199 GLU A OE1 1 
ATOM   1419 O OE2 . GLU A 1 183 ? -5.091  4.414   -20.974 1.00 43.93 ? 199 GLU A OE2 1 
ATOM   1420 N N   . GLU A 1 184 ? -6.283  -1.025  -18.607 1.00 20.63 ? 200 GLU A N   1 
ATOM   1421 C CA  . GLU A 1 184 ? -6.585  -2.419  -18.277 1.00 20.87 ? 200 GLU A CA  1 
ATOM   1422 C C   . GLU A 1 184 ? -5.494  -3.407  -18.699 1.00 20.42 ? 200 GLU A C   1 
ATOM   1423 O O   . GLU A 1 184 ? -5.090  -4.261  -17.914 1.00 19.52 ? 200 GLU A O   1 
ATOM   1424 C CB  . GLU A 1 184 ? -7.946  -2.859  -18.865 1.00 22.86 ? 200 GLU A CB  1 
ATOM   1425 C CG  . GLU A 1 184 ? -8.341  -4.284  -18.467 1.00 25.81 ? 200 GLU A CG  1 
ATOM   1426 C CD  . GLU A 1 184 ? -9.660  -4.756  -19.077 1.00 33.97 ? 200 GLU A CD  1 
ATOM   1427 O OE1 . GLU A 1 184 ? -10.135 -4.125  -20.043 1.00 34.19 ? 200 GLU A OE1 1 
ATOM   1428 O OE2 . GLU A 1 184 ? -10.218 -5.766  -18.587 1.00 29.45 ? 200 GLU A OE2 1 
ATOM   1429 N N   . ARG A 1 185 ? -5.005  -3.304  -19.933 1.00 22.93 ? 201 ARG A N   1 
ATOM   1430 C CA  . ARG A 1 185 ? -4.059  -4.312  -20.394 1.00 22.14 ? 201 ARG A CA  1 
ATOM   1431 C C   . ARG A 1 185 ? -2.712  -4.182  -19.694 1.00 17.49 ? 201 ARG A C   1 
ATOM   1432 O O   . ARG A 1 185 ? -2.028  -5.179  -19.486 1.00 20.87 ? 201 ARG A O   1 
ATOM   1433 C CB  . ARG A 1 185 ? -3.911  -4.304  -21.917 1.00 27.40 ? 201 ARG A CB  1 
ATOM   1434 C CG  . ARG A 1 185 ? -3.509  -2.977  -22.483 1.00 30.26 ? 201 ARG A CG  1 
ATOM   1435 C CD  . ARG A 1 185 ? -3.522  -3.029  -23.999 1.00 34.97 ? 201 ARG A CD  1 
ATOM   1436 N NE  . ARG A 1 185 ? -2.901  -1.840  -24.564 1.00 41.57 ? 201 ARG A NE  1 
ATOM   1437 C CZ  . ARG A 1 185 ? -2.752  -1.626  -25.865 1.00 39.18 ? 201 ARG A CZ  1 
ATOM   1438 N NH1 . ARG A 1 185 ? -3.178  -2.524  -26.739 1.00 38.84 ? 201 ARG A NH1 1 
ATOM   1439 N NH2 . ARG A 1 185 ? -2.172  -0.513  -26.289 1.00 42.90 ? 201 ARG A NH2 1 
ATOM   1440 N N   . ARG A 1 186 ? -2.352  -2.956  -19.313 1.00 19.25 ? 202 ARG A N   1 
ATOM   1441 C CA  . ARG A 1 186 ? -1.111  -2.723  -18.578 1.00 18.68 ? 202 ARG A CA  1 
ATOM   1442 C C   . ARG A 1 186 ? -1.206  -3.327  -17.181 1.00 18.08 ? 202 ARG A C   1 
ATOM   1443 O O   . ARG A 1 186 ? -0.287  -4.002  -16.725 1.00 17.83 ? 202 ARG A O   1 
ATOM   1444 C CB  . ARG A 1 186 ? -0.809  -1.229  -18.489 1.00 18.30 ? 202 ARG A CB  1 
ATOM   1445 C CG  . ARG A 1 186 ? 0.521   -0.894  -17.808 1.00 18.12 ? 202 ARG A CG  1 
ATOM   1446 C CD  . ARG A 1 186 ? 1.730   -1.351  -18.634 1.00 22.21 ? 202 ARG A CD  1 
ATOM   1447 N NE  . ARG A 1 186 ? 2.973   -0.857  -18.044 1.00 20.96 ? 202 ARG A NE  1 
ATOM   1448 C CZ  . ARG A 1 186 ? 3.928   -1.624  -17.524 1.00 20.57 ? 202 ARG A CZ  1 
ATOM   1449 N NH1 . ARG A 1 186 ? 3.816   -2.942  -17.537 1.00 23.38 ? 202 ARG A NH1 1 
ATOM   1450 N NH2 . ARG A 1 186 ? 5.010   -1.063  -17.003 1.00 23.95 ? 202 ARG A NH2 1 
ATOM   1451 N N   . ILE A 1 187 ? -2.328  -3.099  -16.506 1.00 17.43 ? 203 ILE A N   1 
ATOM   1452 C CA  . ILE A 1 187 ? -2.512  -3.668  -15.172 1.00 17.75 ? 203 ILE A CA  1 
ATOM   1453 C C   . ILE A 1 187 ? -2.507  -5.199  -15.221 1.00 16.92 ? 203 ILE A C   1 
ATOM   1454 O O   . ILE A 1 187 ? -1.826  -5.845  -14.424 1.00 17.73 ? 203 ILE A O   1 
ATOM   1455 C CB  . ILE A 1 187 ? -3.796  -3.146  -14.488 1.00 17.16 ? 203 ILE A CB  1 
ATOM   1456 C CG1 . ILE A 1 187 ? -3.712  -1.626  -14.286 1.00 16.84 ? 203 ILE A CG1 1 
ATOM   1457 C CG2 . ILE A 1 187 ? -3.992  -3.846  -13.150 1.00 17.23 ? 203 ILE A CG2 1 
ATOM   1458 C CD1 . ILE A 1 187 ? -5.064  -0.952  -14.009 1.00 19.14 ? 203 ILE A CD1 1 
ATOM   1459 N N   . LYS A 1 188 ? -3.247  -5.776  -16.169 1.00 16.45 ? 204 LYS A N   1 
ATOM   1460 C CA  . LYS A 1 188 ? -3.287  -7.229  -16.334 1.00 16.33 ? 204 LYS A CA  1 
ATOM   1461 C C   . LYS A 1 188 ? -1.890  -7.796  -16.547 1.00 17.73 ? 204 LYS A C   1 
ATOM   1462 O O   . LYS A 1 188 ? -1.529  -8.806  -15.955 1.00 19.46 ? 204 LYS A O   1 
ATOM   1463 C CB  . LYS A 1 188 ? -4.163  -7.613  -17.532 1.00 18.79 ? 204 LYS A CB  1 
ATOM   1464 C CG  . LYS A 1 188 ? -5.636  -7.568  -17.273 1.00 24.08 ? 204 LYS A CG  1 
ATOM   1465 C CD  . LYS A 1 188 ? -6.391  -7.939  -18.538 1.00 25.18 ? 204 LYS A CD  1 
ATOM   1466 C CE  . LYS A 1 188 ? -7.895  -7.900  -18.315 1.00 34.99 ? 204 LYS A CE  1 
ATOM   1467 N NZ  . LYS A 1 188 ? -8.636  -7.948  -19.609 1.00 36.18 ? 204 LYS A NZ  1 
ATOM   1468 N N   . GLU A 1 189 ? -1.116  -7.132  -17.404 1.00 15.30 ? 205 GLU A N   1 
ATOM   1469 C CA  . GLU A 1 189 ? 0.249   -7.555  -17.698 1.00 19.23 ? 205 GLU A CA  1 
ATOM   1470 C C   . GLU A 1 189 ? 1.098   -7.617  -16.433 1.00 18.96 ? 205 GLU A C   1 
ATOM   1471 O O   . GLU A 1 189 ? 1.808   -8.589  -16.195 1.00 21.06 ? 205 GLU A O   1 
ATOM   1472 C CB  . GLU A 1 189 ? 0.884   -6.596  -18.701 1.00 19.26 ? 205 GLU A CB  1 
ATOM   1473 C CG  . GLU A 1 189 ? 2.307   -6.936  -19.064 1.00 21.95 ? 205 GLU A CG  1 
ATOM   1474 C CD  . GLU A 1 189 ? 2.922   -5.885  -19.957 1.00 26.24 ? 205 GLU A CD  1 
ATOM   1475 O OE1 . GLU A 1 189 ? 2.676   -4.684  -19.701 1.00 22.95 ? 205 GLU A OE1 1 
ATOM   1476 O OE2 . GLU A 1 189 ? 3.637   -6.261  -20.916 1.00 23.49 ? 205 GLU A OE2 1 
ATOM   1477 N N   . ILE A 1 190 ? 1.002   -6.575  -15.616 1.00 17.86 ? 206 ILE A N   1 
ATOM   1478 C CA  . ILE A 1 190 ? 1.797   -6.478  -14.398 1.00 17.18 ? 206 ILE A CA  1 
ATOM   1479 C C   . ILE A 1 190 ? 1.375   -7.532  -13.368 1.00 19.51 ? 206 ILE A C   1 
ATOM   1480 O O   . ILE A 1 190 ? 2.213   -8.137  -12.699 1.00 18.61 ? 206 ILE A O   1 
ATOM   1481 C CB  . ILE A 1 190 ? 1.689   -5.055  -13.786 1.00 16.99 ? 206 ILE A CB  1 
ATOM   1482 C CG1 . ILE A 1 190 ? 2.171   -4.009  -14.804 1.00 18.63 ? 206 ILE A CG1 1 
ATOM   1483 C CG2 . ILE A 1 190 ? 2.494   -4.956  -12.501 1.00 19.40 ? 206 ILE A CG2 1 
ATOM   1484 C CD1 . ILE A 1 190 ? 1.847   -2.583  -14.418 1.00 20.40 ? 206 ILE A CD1 1 
ATOM   1485 N N   . VAL A 1 191 ? 0.072   -7.750  -13.233 1.00 18.19 ? 207 VAL A N   1 
ATOM   1486 C CA  . VAL A 1 191 ? -0.418  -8.746  -12.285 1.00 18.34 ? 207 VAL A CA  1 
ATOM   1487 C C   . VAL A 1 191 ? 0.017   -10.152 -12.688 1.00 18.29 ? 207 VAL A C   1 
ATOM   1488 O O   . VAL A 1 191 ? 0.437   -10.944 -11.849 1.00 20.62 ? 207 VAL A O   1 
ATOM   1489 C CB  . VAL A 1 191 ? -1.948  -8.681  -12.169 1.00 17.41 ? 207 VAL A CB  1 
ATOM   1490 C CG1 . VAL A 1 191 ? -2.488  -9.840  -11.330 1.00 22.14 ? 207 VAL A CG1 1 
ATOM   1491 C CG2 . VAL A 1 191 ? -2.361  -7.345  -11.581 1.00 18.03 ? 207 VAL A CG2 1 
ATOM   1492 N N   . LYS A 1 192 ? -0.085  -10.458 -13.982 1.00 18.43 ? 208 LYS A N   1 
ATOM   1493 C CA  . LYS A 1 192 ? 0.324   -11.773 -14.477 1.00 21.70 ? 208 LYS A CA  1 
ATOM   1494 C C   . LYS A 1 192 ? 1.835   -11.978 -14.327 1.00 22.98 ? 208 LYS A C   1 
ATOM   1495 O O   . LYS A 1 192 ? 2.297   -13.075 -14.009 1.00 25.36 ? 208 LYS A O   1 
ATOM   1496 C CB  . LYS A 1 192 ? -0.098  -11.958 -15.938 1.00 23.83 ? 208 LYS A CB  1 
ATOM   1497 C CG  . LYS A 1 192 ? 0.198   -13.349 -16.485 1.00 29.79 ? 208 LYS A CG  1 
ATOM   1498 C CD  . LYS A 1 192 ? 0.160   -13.379 -18.003 1.00 33.35 ? 208 LYS A CD  1 
ATOM   1499 C CE  . LYS A 1 192 ? 0.500   -14.767 -18.532 1.00 41.24 ? 208 LYS A CE  1 
ATOM   1500 N NZ  . LYS A 1 192 ? 1.825   -15.241 -18.038 1.00 45.92 ? 208 LYS A NZ  1 
ATOM   1501 N N   . LYS A 1 193 ? 2.604   -10.915 -14.539 1.00 21.65 ? 209 LYS A N   1 
ATOM   1502 C CA  . LYS A 1 193 ? 4.058   -11.010 -14.450 1.00 20.81 ? 209 LYS A CA  1 
ATOM   1503 C C   . LYS A 1 193 ? 4.556   -11.220 -13.021 1.00 24.17 ? 209 LYS A C   1 
ATOM   1504 O O   . LYS A 1 193 ? 5.416   -12.070 -12.777 1.00 23.71 ? 209 LYS A O   1 
ATOM   1505 C CB  . LYS A 1 193 ? 4.711   -9.762  -15.042 1.00 23.21 ? 209 LYS A CB  1 
ATOM   1506 C CG  . LYS A 1 193 ? 6.233   -9.783  -15.005 1.00 24.99 ? 209 LYS A CG  1 
ATOM   1507 C CD  . LYS A 1 193 ? 6.788   -8.590  -15.759 1.00 28.40 ? 209 LYS A CD  1 
ATOM   1508 C CE  . LYS A 1 193 ? 8.302   -8.615  -15.844 1.00 37.33 ? 209 LYS A CE  1 
ATOM   1509 N NZ  . LYS A 1 193 ? 8.801   -7.469  -16.665 1.00 39.57 ? 209 LYS A NZ  1 
ATOM   1510 N N   . HIS A 1 194 ? 4.005   -10.454 -12.079 1.00 22.01 ? 210 HIS A N   1 
ATOM   1511 C CA  . HIS A 1 194 ? 4.564   -10.368 -10.727 1.00 23.26 ? 210 HIS A CA  1 
ATOM   1512 C C   . HIS A 1 194 ? 3.725   -10.972 -9.607  1.00 22.94 ? 210 HIS A C   1 
ATOM   1513 O O   . HIS A 1 194 ? 4.248   -11.203 -8.519  1.00 24.59 ? 210 HIS A O   1 
ATOM   1514 C CB  . HIS A 1 194 ? 4.831   -8.908  -10.354 1.00 21.75 ? 210 HIS A CB  1 
ATOM   1515 C CG  . HIS A 1 194 ? 5.886   -8.253  -11.185 1.00 26.94 ? 210 HIS A CG  1 
ATOM   1516 N ND1 . HIS A 1 194 ? 7.212   -8.615  -11.117 1.00 29.33 ? 210 HIS A ND1 1 
ATOM   1517 C CD2 . HIS A 1 194 ? 5.809   -7.256  -12.099 1.00 28.42 ? 210 HIS A CD2 1 
ATOM   1518 C CE1 . HIS A 1 194 ? 7.911   -7.870  -11.959 1.00 29.79 ? 210 HIS A CE1 1 
ATOM   1519 N NE2 . HIS A 1 194 ? 7.083   -7.041  -12.566 1.00 30.15 ? 210 HIS A NE2 1 
ATOM   1520 N N   . SER A 1 195 ? 2.436   -11.194 -9.854  1.00 22.52 ? 211 SER A N   1 
ATOM   1521 C CA  . SER A 1 195 ? 1.508   -11.564 -8.788  1.00 23.05 ? 211 SER A CA  1 
ATOM   1522 C C   . SER A 1 195 ? 0.637   -12.758 -9.171  1.00 25.45 ? 211 SER A C   1 
ATOM   1523 O O   . SER A 1 195 ? -0.481  -12.912 -8.677  1.00 24.44 ? 211 SER A O   1 
ATOM   1524 C CB  . SER A 1 195 ? 0.617   -10.367 -8.432  1.00 23.83 ? 211 SER A CB  1 
ATOM   1525 O OG  . SER A 1 195 ? 1.405   -9.237  -8.083  1.00 23.58 ? 211 SER A OG  1 
ATOM   1526 N N   . GLN A 1 196 ? 1.174   -13.611 -10.036 1.00 26.33 ? 212 GLN A N   1 
ATOM   1527 C CA  . GLN A 1 196 ? 0.405   -14.692 -10.639 1.00 29.72 ? 212 GLN A CA  1 
ATOM   1528 C C   . GLN A 1 196 ? -0.097  -15.704 -9.612  1.00 30.76 ? 212 GLN A C   1 
ATOM   1529 O O   . GLN A 1 196 ? -1.170  -16.289 -9.778  1.00 31.39 ? 212 GLN A O   1 
ATOM   1530 C CB  . GLN A 1 196 ? 1.267   -15.394 -11.693 1.00 33.84 ? 212 GLN A CB  1 
ATOM   1531 C CG  . GLN A 1 196 ? 0.535   -16.416 -12.537 1.00 39.77 ? 212 GLN A CG  1 
ATOM   1532 C CD  . GLN A 1 196 ? 1.475   -17.176 -13.455 1.00 44.85 ? 212 GLN A CD  1 
ATOM   1533 O OE1 . GLN A 1 196 ? 2.657   -16.842 -13.566 1.00 46.53 ? 212 GLN A OE1 1 
ATOM   1534 N NE2 . GLN A 1 196 ? 0.959   -18.208 -14.109 1.00 50.18 ? 212 GLN A NE2 1 
ATOM   1535 N N   . PHE A 1 197 ? 0.671   -15.897 -8.543  1.00 27.28 ? 213 PHE A N   1 
ATOM   1536 C CA  . PHE A 1 197 ? 0.351   -16.942 -7.576  1.00 30.32 ? 213 PHE A CA  1 
ATOM   1537 C C   . PHE A 1 197 ? -0.141  -16.444 -6.214  1.00 28.22 ? 213 PHE A C   1 
ATOM   1538 O O   . PHE A 1 197 ? -0.186  -17.212 -5.254  1.00 28.92 ? 213 PHE A O   1 
ATOM   1539 C CB  . PHE A 1 197 ? 1.541   -17.894 -7.414  1.00 34.75 ? 213 PHE A CB  1 
ATOM   1540 C CG  . PHE A 1 197 ? 1.984   -18.520 -8.707  1.00 35.34 ? 213 PHE A CG  1 
ATOM   1541 C CD1 . PHE A 1 197 ? 1.153   -19.400 -9.384  1.00 40.53 ? 213 PHE A CD1 1 
ATOM   1542 C CD2 . PHE A 1 197 ? 3.223   -18.218 -9.253  1.00 38.99 ? 213 PHE A CD2 1 
ATOM   1543 C CE1 . PHE A 1 197 ? 1.549   -19.971 -10.580 1.00 43.96 ? 213 PHE A CE1 1 
ATOM   1544 C CE2 . PHE A 1 197 ? 3.626   -18.790 -10.448 1.00 41.67 ? 213 PHE A CE2 1 
ATOM   1545 C CZ  . PHE A 1 197 ? 2.786   -19.665 -11.112 1.00 40.59 ? 213 PHE A CZ  1 
ATOM   1546 N N   . ILE A 1 198 ? -0.515  -15.167 -6.135  1.00 22.76 ? 214 ILE A N   1 
ATOM   1547 C CA  . ILE A 1 198 ? -1.156  -14.637 -4.933  1.00 19.98 ? 214 ILE A CA  1 
ATOM   1548 C C   . ILE A 1 198 ? -2.407  -15.467 -4.618  1.00 21.91 ? 214 ILE A C   1 
ATOM   1549 O O   . ILE A 1 198 ? -3.219  -15.756 -5.506  1.00 22.10 ? 214 ILE A O   1 
ATOM   1550 C CB  . ILE A 1 198 ? -1.521  -13.147 -5.123  1.00 21.85 ? 214 ILE A CB  1 
ATOM   1551 C CG1 . ILE A 1 198 ? -0.243  -12.316 -5.257  1.00 20.82 ? 214 ILE A CG1 1 
ATOM   1552 C CG2 . ILE A 1 198 ? -2.398  -12.624 -3.987  1.00 21.58 ? 214 ILE A CG2 1 
ATOM   1553 C CD1 . ILE A 1 198 ? 0.554   -12.205 -3.976  1.00 22.73 ? 214 ILE A CD1 1 
ATOM   1554 N N   . GLY A 1 199 ? -2.550  -15.866 -3.359  1.00 19.33 ? 215 GLY A N   1 
ATOM   1555 C CA  . GLY A 1 199 ? -3.583  -16.813 -2.970  1.00 22.82 ? 215 GLY A CA  1 
ATOM   1556 C C   . GLY A 1 199 ? -4.949  -16.234 -2.640  1.00 23.00 ? 215 GLY A C   1 
ATOM   1557 O O   . GLY A 1 199 ? -5.714  -16.819 -1.861  1.00 20.75 ? 215 GLY A O   1 
ATOM   1558 N N   . TYR A 1 200 ? -5.259  -15.084 -3.231  1.00 19.28 ? 216 TYR A N   1 
ATOM   1559 C CA  . TYR A 1 200 ? -6.554  -14.446 -3.040  1.00 19.60 ? 216 TYR A CA  1 
ATOM   1560 C C   . TYR A 1 200 ? -7.011  -13.929 -4.388  1.00 17.41 ? 216 TYR A C   1 
ATOM   1561 O O   . TYR A 1 200 ? -6.176  -13.575 -5.219  1.00 18.53 ? 216 TYR A O   1 
ATOM   1562 C CB  . TYR A 1 200 ? -6.437  -13.293 -2.027  1.00 18.28 ? 216 TYR A CB  1 
ATOM   1563 C CG  . TYR A 1 200 ? -5.963  -13.770 -0.683  1.00 17.08 ? 216 TYR A CG  1 
ATOM   1564 C CD1 . TYR A 1 200 ? -6.854  -14.333 0.220   1.00 18.99 ? 216 TYR A CD1 1 
ATOM   1565 C CD2 . TYR A 1 200 ? -4.617  -13.703 -0.331  1.00 18.83 ? 216 TYR A CD2 1 
ATOM   1566 C CE1 . TYR A 1 200 ? -6.423  -14.802 1.444   1.00 20.90 ? 216 TYR A CE1 1 
ATOM   1567 C CE2 . TYR A 1 200 ? -4.178  -14.170 0.897   1.00 17.87 ? 216 TYR A CE2 1 
ATOM   1568 C CZ  . TYR A 1 200 ? -5.095  -14.718 1.777   1.00 19.96 ? 216 TYR A CZ  1 
ATOM   1569 O OH  . TYR A 1 200 ? -4.685  -15.191 2.996   1.00 22.65 ? 216 TYR A OH  1 
ATOM   1570 N N   . PRO A 1 201 ? -8.329  -13.893 -4.618  1.00 18.17 ? 217 PRO A N   1 
ATOM   1571 C CA  . PRO A 1 201 ? -8.854  -13.409 -5.899  1.00 15.96 ? 217 PRO A CA  1 
ATOM   1572 C C   . PRO A 1 201 ? -8.483  -11.953 -6.091  1.00 17.76 ? 217 PRO A C   1 
ATOM   1573 O O   . PRO A 1 201 ? -8.715  -11.143 -5.188  1.00 20.23 ? 217 PRO A O   1 
ATOM   1574 C CB  . PRO A 1 201 ? -10.376 -13.516 -5.730  1.00 22.02 ? 217 PRO A CB  1 
ATOM   1575 C CG  . PRO A 1 201 ? -10.596 -14.396 -4.565  1.00 25.82 ? 217 PRO A CG  1 
ATOM   1576 C CD  . PRO A 1 201 ? -9.403  -14.276 -3.681  1.00 19.73 ? 217 PRO A CD  1 
ATOM   1577 N N   . ILE A 1 202 ? -7.901  -11.632 -7.239  1.00 16.23 ? 218 ILE A N   1 
ATOM   1578 C CA  . ILE A 1 202 ? -7.616  -10.251 -7.588  1.00 14.79 ? 218 ILE A CA  1 
ATOM   1579 C C   . ILE A 1 202 ? -8.556  -9.897  -8.727  1.00 17.29 ? 218 ILE A C   1 
ATOM   1580 O O   . ILE A 1 202 ? -8.503  -10.503 -9.800  1.00 20.86 ? 218 ILE A O   1 
ATOM   1581 C CB  . ILE A 1 202 ? -6.165  -10.072 -8.057  1.00 16.70 ? 218 ILE A CB  1 
ATOM   1582 C CG1 . ILE A 1 202 ? -5.196  -10.461 -6.934  1.00 16.77 ? 218 ILE A CG1 1 
ATOM   1583 C CG2 . ILE A 1 202 ? -5.925  -8.636  -8.478  1.00 17.30 ? 218 ILE A CG2 1 
ATOM   1584 C CD1 . ILE A 1 202 ? -3.749  -10.509 -7.378  1.00 18.35 ? 218 ILE A CD1 1 
ATOM   1585 N N   . THR A 1 203 ? -9.430  -8.932  -8.480  1.00 16.45 ? 219 THR A N   1 
ATOM   1586 C CA  . THR A 1 203 ? -10.398 -8.498  -9.477  1.00 14.27 ? 219 THR A CA  1 
ATOM   1587 C C   . THR A 1 203 ? -10.013 -7.124  -10.010 1.00 14.64 ? 219 THR A C   1 
ATOM   1588 O O   . THR A 1 203 ? -9.890  -6.162  -9.245  1.00 14.76 ? 219 THR A O   1 
ATOM   1589 C CB  . THR A 1 203 ? -11.803 -8.435  -8.869  1.00 16.77 ? 219 THR A CB  1 
ATOM   1590 O OG1 . THR A 1 203 ? -12.175 -9.741  -8.395  1.00 18.25 ? 219 THR A OG1 1 
ATOM   1591 C CG2 . THR A 1 203 ? -12.827 -7.970  -9.912  1.00 19.10 ? 219 THR A CG2 1 
ATOM   1592 N N   . LEU A 1 204 ? -9.800  -7.034  -11.319 1.00 15.86 ? 220 LEU A N   1 
ATOM   1593 C CA  . LEU A 1 204 ? -9.503  -5.754  -11.949 1.00 14.20 ? 220 LEU A CA  1 
ATOM   1594 C C   . LEU A 1 204 ? -10.809 -5.153  -12.478 1.00 16.46 ? 220 LEU A C   1 
ATOM   1595 O O   . LEU A 1 204 ? -11.415 -5.684  -13.425 1.00 17.34 ? 220 LEU A O   1 
ATOM   1596 C CB  . LEU A 1 204 ? -8.467  -5.926  -13.074 1.00 16.99 ? 220 LEU A CB  1 
ATOM   1597 C CG  . LEU A 1 204 ? -8.178  -4.729  -13.980 1.00 17.66 ? 220 LEU A CG  1 
ATOM   1598 C CD1 . LEU A 1 204 ? -7.692  -3.513  -13.191 1.00 18.58 ? 220 LEU A CD1 1 
ATOM   1599 C CD2 . LEU A 1 204 ? -7.146  -5.135  -15.038 1.00 20.75 ? 220 LEU A CD2 1 
ATOM   1600 N N   . PHE A 1 205 ? -11.249 -4.064  -11.849 1.00 14.12 ? 221 PHE A N   1 
ATOM   1601 C CA  . PHE A 1 205 ? -12.475 -3.380  -12.251 1.00 16.59 ? 221 PHE A CA  1 
ATOM   1602 C C   . PHE A 1 205 ? -12.255 -2.699  -13.592 1.00 17.76 ? 221 PHE A C   1 
ATOM   1603 O O   . PHE A 1 205 ? -11.139 -2.292  -13.919 1.00 18.69 ? 221 PHE A O   1 
ATOM   1604 C CB  . PHE A 1 205 ? -12.866 -2.301  -11.230 1.00 16.63 ? 221 PHE A CB  1 
ATOM   1605 C CG  . PHE A 1 205 ? -13.457 -2.828  -9.939  1.00 15.21 ? 221 PHE A CG  1 
ATOM   1606 C CD1 . PHE A 1 205 ? -13.107 -4.070  -9.420  1.00 15.19 ? 221 PHE A CD1 1 
ATOM   1607 C CD2 . PHE A 1 205 ? -14.367 -2.050  -9.235  1.00 14.19 ? 221 PHE A CD2 1 
ATOM   1608 C CE1 . PHE A 1 205 ? -13.658 -4.525  -8.219  1.00 14.80 ? 221 PHE A CE1 1 
ATOM   1609 C CE2 . PHE A 1 205 ? -14.918 -2.492  -8.034  1.00 14.86 ? 221 PHE A CE2 1 
ATOM   1610 C CZ  . PHE A 1 205 ? -14.566 -3.737  -7.528  1.00 15.69 ? 221 PHE A CZ  1 
ATOM   1611 N N   . VAL A 1 206 ? -13.319 -2.559  -14.376 1.00 18.68 ? 222 VAL A N   1 
ATOM   1612 C CA  . VAL A 1 206 ? -13.217 -1.788  -15.611 1.00 21.35 ? 222 VAL A CA  1 
ATOM   1613 C C   . VAL A 1 206 ? -14.017 -0.491  -15.506 1.00 20.74 ? 222 VAL A C   1 
ATOM   1614 O O   . VAL A 1 206 ? -14.736 -0.275  -14.531 1.00 19.73 ? 222 VAL A O   1 
ATOM   1615 C CB  . VAL A 1 206 ? -13.650 -2.605  -16.824 1.00 27.34 ? 222 VAL A CB  1 
ATOM   1616 C CG1 . VAL A 1 206 ? -12.617 -3.696  -17.120 1.00 28.85 ? 222 VAL A CG1 1 
ATOM   1617 C CG2 . VAL A 1 206 ? -14.991 -3.204  -16.567 1.00 20.74 ? 222 VAL A CG2 1 
ATOM   1618 N N   . GLU A 1 207 ? -13.871 0.386   -16.493 1.00 24.48 ? 223 GLU A N   1 
ATOM   1619 C CA  . GLU A 1 207 ? -14.516 1.693   -16.420 1.00 24.87 ? 223 GLU A CA  1 
ATOM   1620 C C   . GLU A 1 207 ? -15.567 1.876   -17.507 1.00 28.27 ? 223 GLU A C   1 
ATOM   1621 O O   . GLU A 1 207 ? -15.378 1.421   -18.626 1.00 31.36 ? 223 GLU A O   1 
ATOM   1622 C CB  . GLU A 1 207 ? -13.469 2.800   -16.508 1.00 29.02 ? 223 GLU A CB  1 
ATOM   1623 C CG  . GLU A 1 207 ? -12.295 2.595   -15.571 1.00 28.63 ? 223 GLU A CG  1 
ATOM   1624 C CD  . GLU A 1 207 ? -11.333 3.759   -15.594 1.00 29.17 ? 223 GLU A CD  1 
ATOM   1625 O OE1 . GLU A 1 207 ? -10.127 3.527   -15.826 1.00 32.79 ? 223 GLU A OE1 1 
ATOM   1626 O OE2 . GLU A 1 207 ? -11.786 4.900   -15.370 1.00 27.57 ? 223 GLU A OE2 1 
HETATM 1627 C C01 . FJ6 B 2 .   ? -1.768  -3.122  4.715   1.00 15.35 ? 301 FJ6 A C01 1 
HETATM 1628 C C02 . FJ6 B 2 .   ? -0.741  -2.181  4.672   1.00 15.76 ? 301 FJ6 A C02 1 
HETATM 1629 C C03 . FJ6 B 2 .   ? -0.367  -1.682  3.461   1.00 14.15 ? 301 FJ6 A C03 1 
HETATM 1630 C C04 . FJ6 B 2 .   ? -1.044  -2.110  2.274   1.00 15.53 ? 301 FJ6 A C04 1 
HETATM 1631 C C05 . FJ6 B 2 .   ? -2.057  -3.041  2.323   1.00 14.76 ? 301 FJ6 A C05 1 
HETATM 1632 C C06 . FJ6 B 2 .   ? -2.438  -3.565  3.540   1.00 15.67 ? 301 FJ6 A C06 1 
HETATM 1633 O O07 . FJ6 B 2 .   ? -3.488  -4.518  3.647   1.00 15.74 ? 301 FJ6 A O07 1 
HETATM 1634 O O08 . FJ6 B 2 .   ? -0.678  -1.601  1.047   1.00 14.22 ? 301 FJ6 A O08 1 
HETATM 1635 C C09 . FJ6 B 2 .   ? 0.710   -0.631  3.398   1.00 15.43 ? 301 FJ6 A C09 1 
HETATM 1636 C C10 . FJ6 B 2 .   ? -2.113  -3.685  6.116   1.00 16.20 ? 301 FJ6 A C10 1 
HETATM 1637 C C11 . FJ6 B 2 .   ? 0.019   0.715   3.542   1.00 16.13 ? 301 FJ6 A C11 1 
HETATM 1638 C C12 . FJ6 B 2 .   ? 1.819   -0.804  4.378   1.00 17.24 ? 301 FJ6 A C12 1 
HETATM 1639 N N13 . FJ6 B 2 .   ? -3.323  -3.790  6.815   1.00 20.22 ? 301 FJ6 A N13 1 
HETATM 1640 O O14 . FJ6 B 2 .   ? -3.101  -4.346  7.999   1.00 25.61 ? 301 FJ6 A O14 1 
HETATM 1641 C C15 . FJ6 B 2 .   ? -1.775  -4.685  8.185   1.00 20.52 ? 301 FJ6 A C15 1 
HETATM 1642 C C16 . FJ6 B 2 .   ? -1.051  -4.266  6.978   1.00 14.92 ? 301 FJ6 A C16 1 
HETATM 1643 C C17 . FJ6 B 2 .   ? 0.390   -4.379  6.648   1.00 18.55 ? 301 FJ6 A C17 1 
HETATM 1644 C C18 . FJ6 B 2 .   ? 0.803   -5.117  5.559   1.00 14.92 ? 301 FJ6 A C18 1 
HETATM 1645 C C19 . FJ6 B 2 .   ? 2.167   -5.226  5.256   1.00 16.11 ? 301 FJ6 A C19 1 
HETATM 1646 C C20 . FJ6 B 2 .   ? 3.112   -4.558  6.098   1.00 20.41 ? 301 FJ6 A C20 1 
HETATM 1647 C C21 . FJ6 B 2 .   ? 2.697   -3.835  7.172   1.00 21.29 ? 301 FJ6 A C21 1 
HETATM 1648 C C22 . FJ6 B 2 .   ? 1.317   -3.727  7.472   1.00 20.35 ? 301 FJ6 A C22 1 
HETATM 1649 O O23 . FJ6 B 2 .   ? 4.463   -4.634  5.846   1.00 22.42 ? 301 FJ6 A O23 1 
HETATM 1650 C C24 . FJ6 B 2 .   ? 4.956   -5.469  4.886   1.00 21.51 ? 301 FJ6 A C24 1 
HETATM 1651 N N25 . FJ6 B 2 .   ? -1.202  -5.238  9.316   1.00 22.32 ? 301 FJ6 A N25 1 
HETATM 1652 C C26 . FJ6 B 2 .   ? -0.324  -6.420  9.505   1.00 25.68 ? 301 FJ6 A C26 1 
HETATM 1653 O O27 . FJ6 B 2 .   ? 0.044   -6.647  10.584  1.00 28.88 ? 301 FJ6 A O27 1 
HETATM 1654 C C28 . FJ6 B 2 .   ? 0.162   -7.385  8.468   1.00 22.61 ? 301 FJ6 A C28 1 
HETATM 1655 C C29 . FJ6 B 2 .   ? 0.075   -8.606  7.845   1.00 27.15 ? 301 FJ6 A C29 1 
HETATM 1656 C C30 . FJ6 B 2 .   ? 1.138   -7.767  7.570   1.00 24.17 ? 301 FJ6 A C30 1 
HETATM 1657 O O   . HOH C 3 .   ? 12.052  -0.727  13.146  1.00 15.66 ? 401 HOH A O   1 
HETATM 1658 O O   . HOH C 3 .   ? -5.793  -4.692  5.552   1.00 16.66 ? 402 HOH A O   1 
HETATM 1659 O O   . HOH C 3 .   ? -2.199  -2.503  -0.929  1.00 14.10 ? 403 HOH A O   1 
HETATM 1660 O O   . HOH C 3 .   ? -4.829  -2.129  -0.039  1.00 15.02 ? 404 HOH A O   1 
HETATM 1661 O O   . HOH C 3 .   ? -9.313  4.677   -8.137  1.00 16.82 ? 405 HOH A O   1 
HETATM 1662 O O   . HOH C 3 .   ? -8.736  0.782   12.401  1.00 16.91 ? 406 HOH A O   1 
HETATM 1663 O O   . HOH C 3 .   ? 5.482   6.323   7.534   1.00 18.40 ? 407 HOH A O   1 
HETATM 1664 O O   . HOH C 3 .   ? 8.534   12.472  2.820   1.00 19.12 ? 408 HOH A O   1 
HETATM 1665 O O   . HOH C 3 .   ? -13.939 -2.666  -3.209  1.00 20.85 ? 409 HOH A O   1 
HETATM 1666 O O   . HOH C 3 .   ? -5.341  12.133  6.352   1.00 20.14 ? 410 HOH A O   1 
HETATM 1667 O O   . HOH C 3 .   ? -9.367  -6.637  12.134  1.00 20.53 ? 411 HOH A O   1 
HETATM 1668 O O   . HOH C 3 .   ? 0.986   -13.197 1.806   1.00 23.68 ? 412 HOH A O   1 
HETATM 1669 O O   . HOH C 3 .   ? 10.997  12.998  1.968   1.00 22.29 ? 413 HOH A O   1 
HETATM 1670 O O   . HOH C 3 .   ? 5.630   -2.358  2.929   1.00 18.86 ? 414 HOH A O   1 
HETATM 1671 O O   . HOH C 3 .   ? -11.403 -9.710  -5.846  1.00 18.25 ? 415 HOH A O   1 
HETATM 1672 O O   . HOH C 3 .   ? -9.211  -8.671  14.510  1.00 20.48 ? 416 HOH A O   1 
HETATM 1673 O O   . HOH C 3 .   ? 2.374   -9.391  -5.474  1.00 20.83 ? 417 HOH A O   1 
HETATM 1674 O O   . HOH C 3 .   ? -13.887 -6.516  -14.388 1.00 21.29 ? 418 HOH A O   1 
HETATM 1675 O O   . HOH C 3 .   ? 3.055   6.848   9.033   1.00 19.34 ? 419 HOH A O   1 
HETATM 1676 O O   . HOH C 3 .   ? 0.817   -12.084 7.390   1.00 22.79 ? 420 HOH A O   1 
HETATM 1677 O O   . HOH C 3 .   ? 5.837   -4.937  -0.275  1.00 20.39 ? 421 HOH A O   1 
HETATM 1678 O O   . HOH C 3 .   ? 2.662   15.520  2.360   1.00 22.03 ? 422 HOH A O   1 
HETATM 1679 O O   . HOH C 3 .   ? -13.846 4.547   -9.381  1.00 25.27 ? 423 HOH A O   1 
HETATM 1680 O O   . HOH C 3 .   ? -0.657  -15.068 -1.315  1.00 22.00 ? 424 HOH A O   1 
HETATM 1681 O O   . HOH C 3 .   ? -13.554 3.205   -11.660 1.00 24.31 ? 425 HOH A O   1 
HETATM 1682 O O   . HOH C 3 .   ? 10.390  1.612   12.668  1.00 22.18 ? 426 HOH A O   1 
HETATM 1683 O O   . HOH C 3 .   ? 7.782   8.099   10.463  1.00 21.26 ? 427 HOH A O   1 
HETATM 1684 O O   . HOH C 3 .   ? 10.658  -6.388  -3.540  1.00 25.08 ? 428 HOH A O   1 
HETATM 1685 O O   . HOH C 3 .   ? 7.904   -0.521  -15.312 1.00 24.51 ? 429 HOH A O   1 
HETATM 1686 O O   . HOH C 3 .   ? 1.255   16.272  5.052   1.00 24.93 ? 430 HOH A O   1 
HETATM 1687 O O   . HOH C 3 .   ? -2.671  -4.313  11.539  1.00 22.74 ? 431 HOH A O   1 
HETATM 1688 O O   . HOH C 3 .   ? -15.080 0.940   -12.242 1.00 23.18 ? 432 HOH A O   1 
HETATM 1689 O O   . HOH C 3 .   ? -14.917 -8.932  3.641   1.00 24.30 ? 433 HOH A O   1 
HETATM 1690 O O   . HOH C 3 .   ? -2.729  19.419  11.378  1.00 23.08 ? 434 HOH A O   1 
HETATM 1691 O O   . HOH C 3 .   ? 7.759   1.620   12.456  1.00 22.61 ? 435 HOH A O   1 
HETATM 1692 O O   . HOH C 3 .   ? -13.587 -3.787  11.324  1.00 25.73 ? 436 HOH A O   1 
HETATM 1693 O O   . HOH C 3 .   ? 10.232  13.847  -0.605  1.00 27.36 ? 437 HOH A O   1 
HETATM 1694 O O   . HOH C 3 .   ? 2.545   -10.306 -18.187 1.00 25.39 ? 438 HOH A O   1 
HETATM 1695 O O   . HOH C 3 .   ? -10.557 -15.838 -0.853  1.00 24.46 ? 439 HOH A O   1 
HETATM 1696 O O   . HOH C 3 .   ? 2.476   6.296   -18.319 1.00 24.85 ? 440 HOH A O   1 
HETATM 1697 O O   . HOH C 3 .   ? -11.850 -3.279  2.777   1.00 23.22 ? 441 HOH A O   1 
HETATM 1698 O O   . HOH C 3 .   ? -14.265 -6.734  5.051   1.00 23.04 ? 442 HOH A O   1 
HETATM 1699 O O   . HOH C 3 .   ? 2.029   -4.673  11.774  1.00 29.47 ? 443 HOH A O   1 
HETATM 1700 O O   . HOH C 3 .   ? -6.057  10.011  -16.197 1.00 29.54 ? 444 HOH A O   1 
HETATM 1701 O O   . HOH C 3 .   ? -10.113 -9.417  -13.022 1.00 24.95 ? 445 HOH A O   1 
HETATM 1702 O O   . HOH C 3 .   ? 6.436   3.751   -15.636 1.00 27.20 ? 446 HOH A O   1 
HETATM 1703 O O   . HOH C 3 .   ? -11.791 5.098   -7.781  1.00 27.63 ? 447 HOH A O   1 
HETATM 1704 O O   . HOH C 3 .   ? -1.248  19.325  7.311   1.00 28.49 ? 448 HOH A O   1 
HETATM 1705 O O   . HOH C 3 .   ? 10.383  14.461  8.109   1.00 26.73 ? 449 HOH A O   1 
HETATM 1706 O O   . HOH C 3 .   ? 0.794   9.482   -18.631 1.00 29.25 ? 450 HOH A O   1 
HETATM 1707 O O   . HOH C 3 .   ? -8.246  -17.372 -0.817  1.00 26.50 ? 451 HOH A O   1 
HETATM 1708 O O   . HOH C 3 .   ? -4.980  -14.350 -7.435  1.00 31.12 ? 452 HOH A O   1 
HETATM 1709 O O   . HOH C 3 .   ? -5.053  2.767   17.637  1.00 22.90 ? 453 HOH A O   1 
HETATM 1710 O O   . HOH C 3 .   ? 7.664   -7.975  -1.761  1.00 32.30 ? 454 HOH A O   1 
HETATM 1711 O O   . HOH C 3 .   ? -13.915 -3.184  1.302   1.00 32.92 ? 455 HOH A O   1 
HETATM 1712 O O   . HOH C 3 .   ? -10.759 5.135   -4.384  1.00 26.16 ? 456 HOH A O   1 
HETATM 1713 O O   . HOH C 3 .   ? -8.225  0.769   -20.003 1.00 28.17 ? 457 HOH A O   1 
HETATM 1714 O O   . HOH C 3 .   ? 18.140  -3.052  10.132  1.00 27.62 ? 458 HOH A O   1 
HETATM 1715 O O   . HOH C 3 .   ? 13.081  5.894   -8.425  1.00 27.25 ? 459 HOH A O   1 
HETATM 1716 O O   . HOH C 3 .   ? -4.546  5.850   -18.960 1.00 30.73 ? 460 HOH A O   1 
HETATM 1717 O O   . HOH C 3 .   ? 4.444   14.679  -4.238  1.00 26.32 ? 461 HOH A O   1 
HETATM 1718 O O   . HOH C 3 .   ? -4.526  5.084   19.093  1.00 30.11 ? 462 HOH A O   1 
HETATM 1719 O O   . HOH C 3 .   ? -2.639  15.045  3.754   1.00 26.86 ? 463 HOH A O   1 
HETATM 1720 O O   . HOH C 3 .   ? -6.357  12.196  13.474  1.00 27.89 ? 464 HOH A O   1 
HETATM 1721 O O   . HOH C 3 .   ? -0.705  16.049  0.610   1.00 29.51 ? 465 HOH A O   1 
HETATM 1722 O O   . HOH C 3 .   ? -2.478  -7.460  -21.020 1.00 25.40 ? 466 HOH A O   1 
HETATM 1723 O O   . HOH C 3 .   ? 5.667   10.723  13.362  1.00 29.47 ? 467 HOH A O   1 
HETATM 1724 O O   . HOH C 3 .   ? -16.966 -2.851  10.590  1.00 31.27 ? 468 HOH A O   1 
HETATM 1725 O O   . HOH C 3 .   ? -3.629  -10.589 -15.116 1.00 25.87 ? 469 HOH A O   1 
HETATM 1726 O O   . HOH C 3 .   ? -9.617  -1.726  -16.184 1.00 28.53 ? 470 HOH A O   1 
HETATM 1727 O O   . HOH C 3 .   ? 2.599   -8.369  -22.180 1.00 28.74 ? 471 HOH A O   1 
HETATM 1728 O O   . HOH C 3 .   ? 6.197   -6.616  -20.245 1.00 28.35 ? 472 HOH A O   1 
HETATM 1729 O O   . HOH C 3 .   ? 2.294   14.969  -11.716 1.00 33.24 ? 473 HOH A O   1 
HETATM 1730 O O   . HOH C 3 .   ? -6.434  -1.308  -21.993 1.00 31.86 ? 474 HOH A O   1 
HETATM 1731 O O   . HOH C 3 .   ? -8.971  1.162   -16.838 1.00 29.69 ? 475 HOH A O   1 
HETATM 1732 O O   . HOH C 3 .   ? -14.746 -11.777 -2.878  1.00 31.66 ? 476 HOH A O   1 
HETATM 1733 O O   . HOH C 3 .   ? -3.425  9.116   18.603  1.00 32.03 ? 477 HOH A O   1 
HETATM 1734 O O   . HOH C 3 .   ? -0.795  -16.312 0.884   1.00 30.53 ? 478 HOH A O   1 
HETATM 1735 O O   . HOH C 3 .   ? -6.427  -10.885 -11.971 1.00 32.92 ? 479 HOH A O   1 
HETATM 1736 O O   . HOH C 3 .   ? -8.366  9.918   16.726  1.00 32.96 ? 480 HOH A O   1 
HETATM 1737 O O   . HOH C 3 .   ? 1.749   4.814   16.928  1.00 29.11 ? 481 HOH A O   1 
HETATM 1738 O O   . HOH C 3 .   ? 2.032   -13.700 5.507   1.00 26.98 ? 482 HOH A O   1 
HETATM 1739 O O   . HOH C 3 .   ? 2.825   -14.381 -7.398  1.00 30.31 ? 483 HOH A O   1 
HETATM 1740 O O   . HOH C 3 .   ? -0.436  15.072  3.147   1.00 28.08 ? 484 HOH A O   1 
HETATM 1741 O O   . HOH C 3 .   ? -10.964 11.357  5.118   1.00 36.73 ? 485 HOH A O   1 
HETATM 1742 O O   . HOH C 3 .   ? -4.966  12.303  -8.980  1.00 30.18 ? 486 HOH A O   1 
HETATM 1743 O O   . HOH C 3 .   ? 1.927   -7.097  -9.957  1.00 26.40 ? 487 HOH A O   1 
HETATM 1744 O O   . HOH C 3 .   ? 5.895   7.985   12.950  1.00 30.96 ? 488 HOH A O   1 
HETATM 1745 O O   . HOH C 3 .   ? 12.542  5.951   -17.754 1.00 32.21 ? 489 HOH A O   1 
HETATM 1746 O O   . HOH C 3 .   ? -5.639  8.639   -18.482 1.00 34.96 ? 490 HOH A O   1 
HETATM 1747 O O   . HOH C 3 .   ? 9.652   9.865   -11.769 1.00 35.75 ? 491 HOH A O   1 
HETATM 1748 O O   . HOH C 3 .   ? -2.520  -1.020  17.540  1.00 31.73 ? 492 HOH A O   1 
HETATM 1749 O O   . HOH C 3 .   ? -13.753 5.139   2.406   1.00 34.53 ? 493 HOH A O   1 
HETATM 1750 O O   . HOH C 3 .   ? -2.638  13.114  -9.172  1.00 30.94 ? 494 HOH A O   1 
HETATM 1751 O O   . HOH C 3 .   ? -15.806 -6.893  -4.471  1.00 32.70 ? 495 HOH A O   1 
HETATM 1752 O O   . HOH C 3 .   ? -14.220 -4.631  -1.041  1.00 26.96 ? 496 HOH A O   1 
HETATM 1753 O O   . HOH C 3 .   ? 11.625  7.271   -15.421 1.00 33.60 ? 497 HOH A O   1 
HETATM 1754 O O   . HOH C 3 .   ? 10.184  7.999   -8.911  1.00 29.31 ? 498 HOH A O   1 
HETATM 1755 O O   . HOH C 3 .   ? 14.681  -10.150 4.008   1.00 32.85 ? 499 HOH A O   1 
HETATM 1756 O O   . HOH C 3 .   ? 15.994  -11.065 1.909   1.00 35.66 ? 500 HOH A O   1 
HETATM 1757 O O   . HOH C 3 .   ? -15.304 3.865   11.985  1.00 32.10 ? 501 HOH A O   1 
HETATM 1758 O O   . HOH C 3 .   ? 14.726  -5.207  12.012  1.00 32.86 ? 502 HOH A O   1 
HETATM 1759 O O   . HOH C 3 .   ? 12.990  7.429   -12.864 1.00 30.73 ? 503 HOH A O   1 
HETATM 1760 O O   . HOH C 3 .   ? -12.977 -15.495 0.937   1.00 30.00 ? 504 HOH A O   1 
HETATM 1761 O O   . HOH C 3 .   ? 12.205  15.468  6.498   1.00 32.24 ? 505 HOH A O   1 
HETATM 1762 O O   . HOH C 3 .   ? -2.969  -13.585 -9.201  1.00 32.06 ? 506 HOH A O   1 
HETATM 1763 O O   . HOH C 3 .   ? -7.920  -14.951 16.807  1.00 33.68 ? 507 HOH A O   1 
HETATM 1764 O O   . HOH C 3 .   ? 0.037   6.444   18.525  1.00 36.60 ? 508 HOH A O   1 
HETATM 1765 O O   . HOH C 3 .   ? -13.642 -11.573 -5.123  1.00 33.77 ? 509 HOH A O   1 
HETATM 1766 O O   . HOH C 3 .   ? -5.691  -18.244 15.134  1.00 30.39 ? 510 HOH A O   1 
# 
loop_
_pdbx_poly_seq_scheme.asym_id 
_pdbx_poly_seq_scheme.entity_id 
_pdbx_poly_seq_scheme.seq_id 
_pdbx_poly_seq_scheme.mon_id 
_pdbx_poly_seq_scheme.ndb_seq_num 
_pdbx_poly_seq_scheme.pdb_seq_num 
_pdbx_poly_seq_scheme.auth_seq_num 
_pdbx_poly_seq_scheme.pdb_mon_id 
_pdbx_poly_seq_scheme.auth_mon_id 
_pdbx_poly_seq_scheme.pdb_strand_id 
_pdbx_poly_seq_scheme.pdb_ins_code 
_pdbx_poly_seq_scheme.hetero 
A 1 1   VAL 1   17  17  VAL VAL A . n 
A 1 2   GLU 2   18  18  GLU GLU A . n 
A 1 3   THR 3   19  19  THR THR A . n 
A 1 4   PHE 4   20  20  PHE PHE A . n 
A 1 5   ALA 5   21  21  ALA ALA A . n 
A 1 6   PHE 6   22  22  PHE PHE A . n 
A 1 7   GLN 7   23  23  GLN GLN A . n 
A 1 8   ALA 8   24  24  ALA ALA A . n 
A 1 9   GLU 9   25  25  GLU GLU A . n 
A 1 10  ILE 10  26  26  ILE ILE A . n 
A 1 11  ALA 11  27  27  ALA ALA A . n 
A 1 12  GLN 12  28  28  GLN GLN A . n 
A 1 13  LEU 13  29  29  LEU LEU A . n 
A 1 14  MET 14  30  30  MET MET A . n 
A 1 15  SER 15  31  31  SER SER A . n 
A 1 16  LEU 16  32  32  LEU LEU A . n 
A 1 17  ILE 17  33  33  ILE ILE A . n 
A 1 18  ILE 18  34  34  ILE ILE A . n 
A 1 19  ASN 19  35  35  ASN ASN A . n 
A 1 20  THR 20  36  36  THR THR A . n 
A 1 21  PHE 21  37  37  PHE PHE A . n 
A 1 22  TYR 22  38  38  TYR TYR A . n 
A 1 23  SER 23  39  39  SER SER A . n 
A 1 24  ASN 24  40  40  ASN ASN A . n 
A 1 25  LYS 25  41  41  LYS LYS A . n 
A 1 26  GLU 26  42  42  GLU GLU A . n 
A 1 27  ILE 27  43  43  ILE ILE A . n 
A 1 28  PHE 28  44  44  PHE PHE A . n 
A 1 29  LEU 29  45  45  LEU LEU A . n 
A 1 30  ARG 30  46  46  ARG ARG A . n 
A 1 31  GLU 31  47  47  GLU GLU A . n 
A 1 32  LEU 32  48  48  LEU LEU A . n 
A 1 33  ILE 33  49  49  ILE ILE A . n 
A 1 34  SER 34  50  50  SER SER A . n 
A 1 35  ASN 35  51  51  ASN ASN A . n 
A 1 36  SER 36  52  52  SER SER A . n 
A 1 37  SER 37  53  53  SER SER A . n 
A 1 38  ASP 38  54  54  ASP ASP A . n 
A 1 39  ALA 39  55  55  ALA ALA A . n 
A 1 40  LEU 40  56  56  LEU LEU A . n 
A 1 41  ASP 41  57  57  ASP ASP A . n 
A 1 42  LYS 42  58  58  LYS LYS A . n 
A 1 43  ILE 43  59  59  ILE ILE A . n 
A 1 44  ARG 44  60  60  ARG ARG A . n 
A 1 45  TYR 45  61  61  TYR TYR A . n 
A 1 46  GLU 46  62  62  GLU GLU A . n 
A 1 47  SER 47  63  63  SER SER A . n 
A 1 48  LEU 48  64  64  LEU LEU A . n 
A 1 49  THR 49  65  65  THR THR A . n 
A 1 50  ASP 50  66  66  ASP ASP A . n 
A 1 51  PRO 51  67  67  PRO PRO A . n 
A 1 52  SER 52  68  68  SER SER A . n 
A 1 53  LYS 53  69  69  LYS LYS A . n 
A 1 54  LEU 54  70  70  LEU LEU A . n 
A 1 55  ASP 55  71  71  ASP ASP A . n 
A 1 56  SER 56  72  72  SER SER A . n 
A 1 57  GLY 57  73  73  GLY GLY A . n 
A 1 58  LYS 58  74  74  LYS LYS A . n 
A 1 59  GLU 59  75  75  GLU GLU A . n 
A 1 60  LEU 60  76  76  LEU LEU A . n 
A 1 61  HIS 61  77  77  HIS HIS A . n 
A 1 62  ILE 62  78  78  ILE ILE A . n 
A 1 63  ASN 63  79  79  ASN ASN A . n 
A 1 64  LEU 64  80  80  LEU LEU A . n 
A 1 65  ILE 65  81  81  ILE ILE A . n 
A 1 66  PRO 66  82  82  PRO PRO A . n 
A 1 67  ASN 67  83  83  ASN ASN A . n 
A 1 68  LYS 68  84  84  LYS LYS A . n 
A 1 69  GLN 69  85  85  GLN GLN A . n 
A 1 70  ASP 70  86  86  ASP ASP A . n 
A 1 71  ARG 71  87  87  ARG ARG A . n 
A 1 72  THR 72  88  88  THR THR A . n 
A 1 73  LEU 73  89  89  LEU LEU A . n 
A 1 74  THR 74  90  90  THR THR A . n 
A 1 75  ILE 75  91  91  ILE ILE A . n 
A 1 76  VAL 76  92  92  VAL VAL A . n 
A 1 77  ASP 77  93  93  ASP ASP A . n 
A 1 78  THR 78  94  94  THR THR A . n 
A 1 79  GLY 79  95  95  GLY GLY A . n 
A 1 80  ILE 80  96  96  ILE ILE A . n 
A 1 81  GLY 81  97  97  GLY GLY A . n 
A 1 82  MET 82  98  98  MET MET A . n 
A 1 83  THR 83  99  99  THR THR A . n 
A 1 84  LYS 84  100 100 LYS LYS A . n 
A 1 85  ALA 85  101 101 ALA ALA A . n 
A 1 86  ASP 86  102 102 ASP ASP A . n 
A 1 87  LEU 87  103 103 LEU LEU A . n 
A 1 88  ILE 88  104 104 ILE ILE A . n 
A 1 89  ASN 89  105 105 ASN ASN A . n 
A 1 90  ASN 90  106 106 ASN ASN A . n 
A 1 91  LEU 91  107 107 LEU LEU A . n 
A 1 92  GLY 92  108 108 GLY GLY A . n 
A 1 93  THR 93  109 109 THR THR A . n 
A 1 94  ILE 94  110 110 ILE ILE A . n 
A 1 95  ALA 95  111 111 ALA ALA A . n 
A 1 96  LYS 96  112 112 LYS LYS A . n 
A 1 97  SER 97  113 113 SER SER A . n 
A 1 98  GLY 98  114 114 GLY GLY A . n 
A 1 99  THR 99  115 115 THR THR A . n 
A 1 100 LYS 100 116 116 LYS LYS A . n 
A 1 101 ALA 101 117 117 ALA ALA A . n 
A 1 102 PHE 102 118 118 PHE PHE A . n 
A 1 103 MET 103 119 119 MET MET A . n 
A 1 104 GLU 104 120 120 GLU GLU A . n 
A 1 105 ALA 105 121 121 ALA ALA A . n 
A 1 106 LEU 106 122 122 LEU LEU A . n 
A 1 107 GLN 107 123 123 GLN GLN A . n 
A 1 108 ALA 108 124 124 ALA ALA A . n 
A 1 109 GLY 109 125 125 GLY GLY A . n 
A 1 110 ALA 110 126 126 ALA ALA A . n 
A 1 111 ASP 111 127 127 ASP ASP A . n 
A 1 112 ILE 112 128 128 ILE ILE A . n 
A 1 113 SER 113 129 129 SER SER A . n 
A 1 114 MET 114 130 130 MET MET A . n 
A 1 115 ILE 115 131 131 ILE ILE A . n 
A 1 116 GLY 116 132 132 GLY GLY A . n 
A 1 117 GLN 117 133 133 GLN GLN A . n 
A 1 118 PHE 118 134 134 PHE PHE A . n 
A 1 119 GLY 119 135 135 GLY GLY A . n 
A 1 120 VAL 120 136 136 VAL VAL A . n 
A 1 121 GLY 121 137 137 GLY GLY A . n 
A 1 122 PHE 122 138 138 PHE PHE A . n 
A 1 123 TYR 123 139 139 TYR TYR A . n 
A 1 124 SER 124 140 140 SER SER A . n 
A 1 125 ALA 125 141 141 ALA ALA A . n 
A 1 126 TYR 126 142 142 TYR TYR A . n 
A 1 127 LEU 127 143 143 LEU LEU A . n 
A 1 128 VAL 128 144 144 VAL VAL A . n 
A 1 129 ALA 129 145 145 ALA ALA A . n 
A 1 130 GLU 130 146 146 GLU GLU A . n 
A 1 131 LYS 131 147 147 LYS LYS A . n 
A 1 132 VAL 132 148 148 VAL VAL A . n 
A 1 133 THR 133 149 149 THR THR A . n 
A 1 134 VAL 134 150 150 VAL VAL A . n 
A 1 135 ILE 135 151 151 ILE ILE A . n 
A 1 136 THR 136 152 152 THR THR A . n 
A 1 137 LYS 137 153 153 LYS LYS A . n 
A 1 138 HIS 138 154 154 HIS HIS A . n 
A 1 139 ASN 139 155 155 ASN ASN A . n 
A 1 140 ASP 140 156 156 ASP ASP A . n 
A 1 141 ASP 141 157 157 ASP ASP A . n 
A 1 142 GLU 142 158 158 GLU GLU A . n 
A 1 143 GLN 143 159 159 GLN GLN A . n 
A 1 144 TYR 144 160 160 TYR TYR A . n 
A 1 145 ALA 145 161 161 ALA ALA A . n 
A 1 146 TRP 146 162 162 TRP TRP A . n 
A 1 147 GLU 147 163 163 GLU GLU A . n 
A 1 148 SER 148 164 164 SER SER A . n 
A 1 149 SER 149 165 165 SER SER A . n 
A 1 150 ALA 150 166 166 ALA ALA A . n 
A 1 151 GLY 151 167 167 GLY GLY A . n 
A 1 152 GLY 152 168 168 GLY GLY A . n 
A 1 153 SER 153 169 169 SER SER A . n 
A 1 154 PHE 154 170 170 PHE PHE A . n 
A 1 155 THR 155 171 171 THR THR A . n 
A 1 156 VAL 156 172 172 VAL VAL A . n 
A 1 157 ARG 157 173 173 ARG ARG A . n 
A 1 158 THR 158 174 174 THR THR A . n 
A 1 159 ASP 159 175 175 ASP ASP A . n 
A 1 160 THR 160 176 176 THR THR A . n 
A 1 161 GLY 161 177 177 GLY GLY A . n 
A 1 162 GLU 162 178 178 GLU GLU A . n 
A 1 163 PRO 163 179 179 PRO PRO A . n 
A 1 164 MET 164 180 180 MET MET A . n 
A 1 165 GLY 165 181 181 GLY GLY A . n 
A 1 166 ARG 166 182 182 ARG ARG A . n 
A 1 167 GLY 167 183 183 GLY GLY A . n 
A 1 168 THR 168 184 184 THR THR A . n 
A 1 169 LYS 169 185 185 LYS LYS A . n 
A 1 170 VAL 170 186 186 VAL VAL A . n 
A 1 171 ILE 171 187 187 ILE ILE A . n 
A 1 172 LEU 172 188 188 LEU LEU A . n 
A 1 173 HIS 173 189 189 HIS HIS A . n 
A 1 174 LEU 174 190 190 LEU LEU A . n 
A 1 175 LYS 175 191 191 LYS LYS A . n 
A 1 176 GLU 176 192 192 GLU GLU A . n 
A 1 177 ASP 177 193 193 ASP ASP A . n 
A 1 178 GLN 178 194 194 GLN GLN A . n 
A 1 179 THR 179 195 195 THR THR A . n 
A 1 180 GLU 180 196 196 GLU GLU A . n 
A 1 181 TYR 181 197 197 TYR TYR A . n 
A 1 182 LEU 182 198 198 LEU LEU A . n 
A 1 183 GLU 183 199 199 GLU GLU A . n 
A 1 184 GLU 184 200 200 GLU GLU A . n 
A 1 185 ARG 185 201 201 ARG ARG A . n 
A 1 186 ARG 186 202 202 ARG ARG A . n 
A 1 187 ILE 187 203 203 ILE ILE A . n 
A 1 188 LYS 188 204 204 LYS LYS A . n 
A 1 189 GLU 189 205 205 GLU GLU A . n 
A 1 190 ILE 190 206 206 ILE ILE A . n 
A 1 191 VAL 191 207 207 VAL VAL A . n 
A 1 192 LYS 192 208 208 LYS LYS A . n 
A 1 193 LYS 193 209 209 LYS LYS A . n 
A 1 194 HIS 194 210 210 HIS HIS A . n 
A 1 195 SER 195 211 211 SER SER A . n 
A 1 196 GLN 196 212 212 GLN GLN A . n 
A 1 197 PHE 197 213 213 PHE PHE A . n 
A 1 198 ILE 198 214 214 ILE ILE A . n 
A 1 199 GLY 199 215 215 GLY GLY A . n 
A 1 200 TYR 200 216 216 TYR TYR A . n 
A 1 201 PRO 201 217 217 PRO PRO A . n 
A 1 202 ILE 202 218 218 ILE ILE A . n 
A 1 203 THR 203 219 219 THR THR A . n 
A 1 204 LEU 204 220 220 LEU LEU A . n 
A 1 205 PHE 205 221 221 PHE PHE A . n 
A 1 206 VAL 206 222 222 VAL VAL A . n 
A 1 207 GLU 207 223 223 GLU GLU A . n 
A 1 208 LYS 208 224 ?   ?   ?   A . n 
# 
loop_
_pdbx_nonpoly_scheme.asym_id 
_pdbx_nonpoly_scheme.entity_id 
_pdbx_nonpoly_scheme.mon_id 
_pdbx_nonpoly_scheme.ndb_seq_num 
_pdbx_nonpoly_scheme.pdb_seq_num 
_pdbx_nonpoly_scheme.auth_seq_num 
_pdbx_nonpoly_scheme.pdb_mon_id 
_pdbx_nonpoly_scheme.auth_mon_id 
_pdbx_nonpoly_scheme.pdb_strand_id 
_pdbx_nonpoly_scheme.pdb_ins_code 
B 2 FJ6 1   301 1   FJ6 FJ6 A . 
C 3 HOH 1   401 1   HOH HOH A . 
C 3 HOH 2   402 2   HOH HOH A . 
C 3 HOH 3   403 3   HOH HOH A . 
C 3 HOH 4   404 4   HOH HOH A . 
C 3 HOH 5   405 5   HOH HOH A . 
C 3 HOH 6   406 6   HOH HOH A . 
C 3 HOH 7   407 7   HOH HOH A . 
C 3 HOH 8   408 8   HOH HOH A . 
C 3 HOH 9   409 9   HOH HOH A . 
C 3 HOH 10  410 10  HOH HOH A . 
C 3 HOH 11  411 11  HOH HOH A . 
C 3 HOH 12  412 12  HOH HOH A . 
C 3 HOH 13  413 13  HOH HOH A . 
C 3 HOH 14  414 14  HOH HOH A . 
C 3 HOH 15  415 15  HOH HOH A . 
C 3 HOH 16  416 16  HOH HOH A . 
C 3 HOH 17  417 17  HOH HOH A . 
C 3 HOH 18  418 18  HOH HOH A . 
C 3 HOH 19  419 19  HOH HOH A . 
C 3 HOH 20  420 20  HOH HOH A . 
C 3 HOH 21  421 21  HOH HOH A . 
C 3 HOH 22  422 22  HOH HOH A . 
C 3 HOH 23  423 23  HOH HOH A . 
C 3 HOH 24  424 24  HOH HOH A . 
C 3 HOH 25  425 25  HOH HOH A . 
C 3 HOH 26  426 26  HOH HOH A . 
C 3 HOH 27  427 27  HOH HOH A . 
C 3 HOH 28  428 28  HOH HOH A . 
C 3 HOH 29  429 29  HOH HOH A . 
C 3 HOH 30  430 30  HOH HOH A . 
C 3 HOH 31  431 31  HOH HOH A . 
C 3 HOH 32  432 32  HOH HOH A . 
C 3 HOH 33  433 33  HOH HOH A . 
C 3 HOH 34  434 34  HOH HOH A . 
C 3 HOH 35  435 35  HOH HOH A . 
C 3 HOH 36  436 36  HOH HOH A . 
C 3 HOH 37  437 37  HOH HOH A . 
C 3 HOH 38  438 38  HOH HOH A . 
C 3 HOH 39  439 39  HOH HOH A . 
C 3 HOH 40  440 40  HOH HOH A . 
C 3 HOH 41  441 41  HOH HOH A . 
C 3 HOH 42  442 42  HOH HOH A . 
C 3 HOH 43  443 43  HOH HOH A . 
C 3 HOH 44  444 44  HOH HOH A . 
C 3 HOH 45  445 45  HOH HOH A . 
C 3 HOH 46  446 46  HOH HOH A . 
C 3 HOH 47  447 47  HOH HOH A . 
C 3 HOH 48  448 48  HOH HOH A . 
C 3 HOH 49  449 49  HOH HOH A . 
C 3 HOH 50  450 50  HOH HOH A . 
C 3 HOH 51  451 51  HOH HOH A . 
C 3 HOH 52  452 52  HOH HOH A . 
C 3 HOH 53  453 53  HOH HOH A . 
C 3 HOH 54  454 54  HOH HOH A . 
C 3 HOH 55  455 55  HOH HOH A . 
C 3 HOH 56  456 56  HOH HOH A . 
C 3 HOH 57  457 57  HOH HOH A . 
C 3 HOH 58  458 58  HOH HOH A . 
C 3 HOH 59  459 59  HOH HOH A . 
C 3 HOH 60  460 60  HOH HOH A . 
C 3 HOH 61  461 61  HOH HOH A . 
C 3 HOH 62  462 62  HOH HOH A . 
C 3 HOH 63  463 63  HOH HOH A . 
C 3 HOH 64  464 64  HOH HOH A . 
C 3 HOH 65  465 65  HOH HOH A . 
C 3 HOH 66  466 66  HOH HOH A . 
C 3 HOH 67  467 67  HOH HOH A . 
C 3 HOH 68  468 68  HOH HOH A . 
C 3 HOH 69  469 69  HOH HOH A . 
C 3 HOH 70  470 70  HOH HOH A . 
C 3 HOH 71  471 71  HOH HOH A . 
C 3 HOH 72  472 72  HOH HOH A . 
C 3 HOH 73  473 73  HOH HOH A . 
C 3 HOH 74  474 74  HOH HOH A . 
C 3 HOH 75  475 75  HOH HOH A . 
C 3 HOH 76  476 76  HOH HOH A . 
C 3 HOH 77  477 77  HOH HOH A . 
C 3 HOH 78  478 78  HOH HOH A . 
C 3 HOH 79  479 79  HOH HOH A . 
C 3 HOH 80  480 80  HOH HOH A . 
C 3 HOH 81  481 81  HOH HOH A . 
C 3 HOH 82  482 82  HOH HOH A . 
C 3 HOH 83  483 83  HOH HOH A . 
C 3 HOH 84  484 84  HOH HOH A . 
C 3 HOH 85  485 85  HOH HOH A . 
C 3 HOH 86  486 86  HOH HOH A . 
C 3 HOH 87  487 87  HOH HOH A . 
C 3 HOH 88  488 88  HOH HOH A . 
C 3 HOH 89  489 89  HOH HOH A . 
C 3 HOH 90  490 90  HOH HOH A . 
C 3 HOH 91  491 91  HOH HOH A . 
C 3 HOH 92  492 92  HOH HOH A . 
C 3 HOH 93  493 93  HOH HOH A . 
C 3 HOH 94  494 94  HOH HOH A . 
C 3 HOH 95  495 95  HOH HOH A . 
C 3 HOH 96  496 96  HOH HOH A . 
C 3 HOH 97  497 97  HOH HOH A . 
C 3 HOH 98  498 98  HOH HOH A . 
C 3 HOH 99  499 99  HOH HOH A . 
C 3 HOH 100 500 100 HOH HOH A . 
C 3 HOH 101 501 101 HOH HOH A . 
C 3 HOH 102 502 102 HOH HOH A . 
C 3 HOH 103 503 103 HOH HOH A . 
C 3 HOH 104 504 104 HOH HOH A . 
C 3 HOH 105 505 105 HOH HOH A . 
C 3 HOH 106 506 106 HOH HOH A . 
C 3 HOH 107 507 107 HOH HOH A . 
C 3 HOH 108 508 108 HOH HOH A . 
C 3 HOH 109 509 109 HOH HOH A . 
C 3 HOH 110 510 110 HOH HOH A . 
# 
_pdbx_struct_assembly.id                   1 
_pdbx_struct_assembly.details              author_defined_assembly 
_pdbx_struct_assembly.method_details       ? 
_pdbx_struct_assembly.oligomeric_details   monomeric 
_pdbx_struct_assembly.oligomeric_count     1 
# 
_pdbx_struct_assembly_gen.assembly_id       1 
_pdbx_struct_assembly_gen.oper_expression   1 
_pdbx_struct_assembly_gen.asym_id_list      A,B,C 
# 
_pdbx_struct_oper_list.id                   1 
_pdbx_struct_oper_list.type                 'identity operation' 
_pdbx_struct_oper_list.name                 1_555 
_pdbx_struct_oper_list.symmetry_operation   x,y,z 
_pdbx_struct_oper_list.matrix[1][1]         1.0000000000 
_pdbx_struct_oper_list.matrix[1][2]         0.0000000000 
_pdbx_struct_oper_list.matrix[1][3]         0.0000000000 
_pdbx_struct_oper_list.vector[1]            0.0000000000 
_pdbx_struct_oper_list.matrix[2][1]         0.0000000000 
_pdbx_struct_oper_list.matrix[2][2]         1.0000000000 
_pdbx_struct_oper_list.matrix[2][3]         0.0000000000 
_pdbx_struct_oper_list.vector[2]            0.0000000000 
_pdbx_struct_oper_list.matrix[3][1]         0.0000000000 
_pdbx_struct_oper_list.matrix[3][2]         0.0000000000 
_pdbx_struct_oper_list.matrix[3][3]         1.0000000000 
_pdbx_struct_oper_list.vector[3]            0.0000000000 
# 
loop_
_pdbx_audit_revision_history.ordinal 
_pdbx_audit_revision_history.data_content_type 
_pdbx_audit_revision_history.major_revision 
_pdbx_audit_revision_history.minor_revision 
_pdbx_audit_revision_history.revision_date 
1 'Structure model' 1 0 2014-07-30 
2 'Structure model' 1 1 2016-10-12 
3 'Structure model' 1 2 2023-11-08 
# 
_pdbx_audit_revision_details.ordinal             1 
_pdbx_audit_revision_details.revision_ordinal    1 
_pdbx_audit_revision_details.data_content_type   'Structure model' 
_pdbx_audit_revision_details.provider            repository 
_pdbx_audit_revision_details.type                'Initial release' 
_pdbx_audit_revision_details.description         ? 
_pdbx_audit_revision_details.details             ? 
# 
loop_
_pdbx_audit_revision_group.ordinal 
_pdbx_audit_revision_group.revision_ordinal 
_pdbx_audit_revision_group.data_content_type 
_pdbx_audit_revision_group.group 
1 2 'Structure model' 'Database references'    
2 3 'Structure model' 'Data collection'        
3 3 'Structure model' 'Database references'    
4 3 'Structure model' 'Derived calculations'   
5 3 'Structure model' 'Refinement description' 
# 
loop_
_pdbx_audit_revision_category.ordinal 
_pdbx_audit_revision_category.revision_ordinal 
_pdbx_audit_revision_category.data_content_type 
_pdbx_audit_revision_category.category 
1 3 'Structure model' chem_comp_atom                
2 3 'Structure model' chem_comp_bond                
3 3 'Structure model' database_2                    
4 3 'Structure model' pdbx_initial_refinement_model 
5 3 'Structure model' struct_site                   
# 
loop_
_pdbx_audit_revision_item.ordinal 
_pdbx_audit_revision_item.revision_ordinal 
_pdbx_audit_revision_item.data_content_type 
_pdbx_audit_revision_item.item 
1 3 'Structure model' '_database_2.pdbx_DOI'                
2 3 'Structure model' '_database_2.pdbx_database_accession' 
3 3 'Structure model' '_struct_site.pdbx_auth_asym_id'      
4 3 'Structure model' '_struct_site.pdbx_auth_comp_id'      
5 3 'Structure model' '_struct_site.pdbx_auth_seq_id'       
# 
loop_
_software.name 
_software.classification 
_software.version 
_software.citation_id 
_software.pdbx_ordinal 
HKL-2000 'data collection' .                             ? 1 
PHENIX   'model building'  .                             ? 2 
PHENIX   refinement        '(phenix.refine: 1.8.1_1168)' ? 3 
HKL-2000 'data reduction'  .                             ? 4 
HKL-2000 'data scaling'    .                             ? 5 
PHENIX   phasing           .                             ? 6 
# 
loop_
_pdbx_validate_torsion.id 
_pdbx_validate_torsion.PDB_model_num 
_pdbx_validate_torsion.auth_comp_id 
_pdbx_validate_torsion.auth_asym_id 
_pdbx_validate_torsion.auth_seq_id 
_pdbx_validate_torsion.PDB_ins_code 
_pdbx_validate_torsion.label_alt_id 
_pdbx_validate_torsion.phi 
_pdbx_validate_torsion.psi 
1 1 THR A 94  ? ? -109.02 40.55   
2 1 ILE A 110 ? ? -90.76  58.13   
3 1 ALA A 166 ? ? 64.72   -145.23 
# 
_pdbx_unobs_or_zero_occ_residues.id               1 
_pdbx_unobs_or_zero_occ_residues.PDB_model_num    1 
_pdbx_unobs_or_zero_occ_residues.polymer_flag     Y 
_pdbx_unobs_or_zero_occ_residues.occupancy_flag   1 
_pdbx_unobs_or_zero_occ_residues.auth_asym_id     A 
_pdbx_unobs_or_zero_occ_residues.auth_comp_id     LYS 
_pdbx_unobs_or_zero_occ_residues.auth_seq_id      224 
_pdbx_unobs_or_zero_occ_residues.PDB_ins_code     ? 
_pdbx_unobs_or_zero_occ_residues.label_asym_id    A 
_pdbx_unobs_or_zero_occ_residues.label_comp_id    LYS 
_pdbx_unobs_or_zero_occ_residues.label_seq_id     208 
# 
loop_
_chem_comp_atom.comp_id 
_chem_comp_atom.atom_id 
_chem_comp_atom.type_symbol 
_chem_comp_atom.pdbx_aromatic_flag 
_chem_comp_atom.pdbx_stereo_config 
_chem_comp_atom.pdbx_ordinal 
ALA N    N N N 1   
ALA CA   C N S 2   
ALA C    C N N 3   
ALA O    O N N 4   
ALA CB   C N N 5   
ALA OXT  O N N 6   
ALA H    H N N 7   
ALA H2   H N N 8   
ALA HA   H N N 9   
ALA HB1  H N N 10  
ALA HB2  H N N 11  
ALA HB3  H N N 12  
ALA HXT  H N N 13  
ARG N    N N N 14  
ARG CA   C N S 15  
ARG C    C N N 16  
ARG O    O N N 17  
ARG CB   C N N 18  
ARG CG   C N N 19  
ARG CD   C N N 20  
ARG NE   N N N 21  
ARG CZ   C N N 22  
ARG NH1  N N N 23  
ARG NH2  N N N 24  
ARG OXT  O N N 25  
ARG H    H N N 26  
ARG H2   H N N 27  
ARG HA   H N N 28  
ARG HB2  H N N 29  
ARG HB3  H N N 30  
ARG HG2  H N N 31  
ARG HG3  H N N 32  
ARG HD2  H N N 33  
ARG HD3  H N N 34  
ARG HE   H N N 35  
ARG HH11 H N N 36  
ARG HH12 H N N 37  
ARG HH21 H N N 38  
ARG HH22 H N N 39  
ARG HXT  H N N 40  
ASN N    N N N 41  
ASN CA   C N S 42  
ASN C    C N N 43  
ASN O    O N N 44  
ASN CB   C N N 45  
ASN CG   C N N 46  
ASN OD1  O N N 47  
ASN ND2  N N N 48  
ASN OXT  O N N 49  
ASN H    H N N 50  
ASN H2   H N N 51  
ASN HA   H N N 52  
ASN HB2  H N N 53  
ASN HB3  H N N 54  
ASN HD21 H N N 55  
ASN HD22 H N N 56  
ASN HXT  H N N 57  
ASP N    N N N 58  
ASP CA   C N S 59  
ASP C    C N N 60  
ASP O    O N N 61  
ASP CB   C N N 62  
ASP CG   C N N 63  
ASP OD1  O N N 64  
ASP OD2  O N N 65  
ASP OXT  O N N 66  
ASP H    H N N 67  
ASP H2   H N N 68  
ASP HA   H N N 69  
ASP HB2  H N N 70  
ASP HB3  H N N 71  
ASP HD2  H N N 72  
ASP HXT  H N N 73  
FJ6 C01  C Y N 74  
FJ6 C02  C Y N 75  
FJ6 C03  C Y N 76  
FJ6 C04  C Y N 77  
FJ6 C05  C Y N 78  
FJ6 C06  C Y N 79  
FJ6 O07  O N N 80  
FJ6 O08  O N N 81  
FJ6 C09  C N N 82  
FJ6 C10  C Y N 83  
FJ6 C11  C N N 84  
FJ6 C12  C N N 85  
FJ6 N13  N Y N 86  
FJ6 O14  O Y N 87  
FJ6 C15  C Y N 88  
FJ6 C16  C Y N 89  
FJ6 C17  C Y N 90  
FJ6 C18  C Y N 91  
FJ6 C19  C Y N 92  
FJ6 C20  C Y N 93  
FJ6 C21  C Y N 94  
FJ6 C22  C Y N 95  
FJ6 O23  O N N 96  
FJ6 C24  C N N 97  
FJ6 N25  N N N 98  
FJ6 C26  C N N 99  
FJ6 O27  O N N 100 
FJ6 C28  C N N 101 
FJ6 C29  C N N 102 
FJ6 C30  C N N 103 
FJ6 H1   H N N 104 
FJ6 H2   H N N 105 
FJ6 H3   H N N 106 
FJ6 H4   H N N 107 
FJ6 H5   H N N 108 
FJ6 H6   H N N 109 
FJ6 H7   H N N 110 
FJ6 H8   H N N 111 
FJ6 H9   H N N 112 
FJ6 H10  H N N 113 
FJ6 H11  H N N 114 
FJ6 H12  H N N 115 
FJ6 H13  H N N 116 
FJ6 H14  H N N 117 
FJ6 H15  H N N 118 
FJ6 H16  H N N 119 
FJ6 H17  H N N 120 
FJ6 H18  H N N 121 
FJ6 H19  H N N 122 
FJ6 H20  H N N 123 
FJ6 H21  H N N 124 
FJ6 H22  H N N 125 
FJ6 H23  H N N 126 
FJ6 H24  H N N 127 
GLN N    N N N 128 
GLN CA   C N S 129 
GLN C    C N N 130 
GLN O    O N N 131 
GLN CB   C N N 132 
GLN CG   C N N 133 
GLN CD   C N N 134 
GLN OE1  O N N 135 
GLN NE2  N N N 136 
GLN OXT  O N N 137 
GLN H    H N N 138 
GLN H2   H N N 139 
GLN HA   H N N 140 
GLN HB2  H N N 141 
GLN HB3  H N N 142 
GLN HG2  H N N 143 
GLN HG3  H N N 144 
GLN HE21 H N N 145 
GLN HE22 H N N 146 
GLN HXT  H N N 147 
GLU N    N N N 148 
GLU CA   C N S 149 
GLU C    C N N 150 
GLU O    O N N 151 
GLU CB   C N N 152 
GLU CG   C N N 153 
GLU CD   C N N 154 
GLU OE1  O N N 155 
GLU OE2  O N N 156 
GLU OXT  O N N 157 
GLU H    H N N 158 
GLU H2   H N N 159 
GLU HA   H N N 160 
GLU HB2  H N N 161 
GLU HB3  H N N 162 
GLU HG2  H N N 163 
GLU HG3  H N N 164 
GLU HE2  H N N 165 
GLU HXT  H N N 166 
GLY N    N N N 167 
GLY CA   C N N 168 
GLY C    C N N 169 
GLY O    O N N 170 
GLY OXT  O N N 171 
GLY H    H N N 172 
GLY H2   H N N 173 
GLY HA2  H N N 174 
GLY HA3  H N N 175 
GLY HXT  H N N 176 
HIS N    N N N 177 
HIS CA   C N S 178 
HIS C    C N N 179 
HIS O    O N N 180 
HIS CB   C N N 181 
HIS CG   C Y N 182 
HIS ND1  N Y N 183 
HIS CD2  C Y N 184 
HIS CE1  C Y N 185 
HIS NE2  N Y N 186 
HIS OXT  O N N 187 
HIS H    H N N 188 
HIS H2   H N N 189 
HIS HA   H N N 190 
HIS HB2  H N N 191 
HIS HB3  H N N 192 
HIS HD1  H N N 193 
HIS HD2  H N N 194 
HIS HE1  H N N 195 
HIS HE2  H N N 196 
HIS HXT  H N N 197 
HOH O    O N N 198 
HOH H1   H N N 199 
HOH H2   H N N 200 
ILE N    N N N 201 
ILE CA   C N S 202 
ILE C    C N N 203 
ILE O    O N N 204 
ILE CB   C N S 205 
ILE CG1  C N N 206 
ILE CG2  C N N 207 
ILE CD1  C N N 208 
ILE OXT  O N N 209 
ILE H    H N N 210 
ILE H2   H N N 211 
ILE HA   H N N 212 
ILE HB   H N N 213 
ILE HG12 H N N 214 
ILE HG13 H N N 215 
ILE HG21 H N N 216 
ILE HG22 H N N 217 
ILE HG23 H N N 218 
ILE HD11 H N N 219 
ILE HD12 H N N 220 
ILE HD13 H N N 221 
ILE HXT  H N N 222 
LEU N    N N N 223 
LEU CA   C N S 224 
LEU C    C N N 225 
LEU O    O N N 226 
LEU CB   C N N 227 
LEU CG   C N N 228 
LEU CD1  C N N 229 
LEU CD2  C N N 230 
LEU OXT  O N N 231 
LEU H    H N N 232 
LEU H2   H N N 233 
LEU HA   H N N 234 
LEU HB2  H N N 235 
LEU HB3  H N N 236 
LEU HG   H N N 237 
LEU HD11 H N N 238 
LEU HD12 H N N 239 
LEU HD13 H N N 240 
LEU HD21 H N N 241 
LEU HD22 H N N 242 
LEU HD23 H N N 243 
LEU HXT  H N N 244 
LYS N    N N N 245 
LYS CA   C N S 246 
LYS C    C N N 247 
LYS O    O N N 248 
LYS CB   C N N 249 
LYS CG   C N N 250 
LYS CD   C N N 251 
LYS CE   C N N 252 
LYS NZ   N N N 253 
LYS OXT  O N N 254 
LYS H    H N N 255 
LYS H2   H N N 256 
LYS HA   H N N 257 
LYS HB2  H N N 258 
LYS HB3  H N N 259 
LYS HG2  H N N 260 
LYS HG3  H N N 261 
LYS HD2  H N N 262 
LYS HD3  H N N 263 
LYS HE2  H N N 264 
LYS HE3  H N N 265 
LYS HZ1  H N N 266 
LYS HZ2  H N N 267 
LYS HZ3  H N N 268 
LYS HXT  H N N 269 
MET N    N N N 270 
MET CA   C N S 271 
MET C    C N N 272 
MET O    O N N 273 
MET CB   C N N 274 
MET CG   C N N 275 
MET SD   S N N 276 
MET CE   C N N 277 
MET OXT  O N N 278 
MET H    H N N 279 
MET H2   H N N 280 
MET HA   H N N 281 
MET HB2  H N N 282 
MET HB3  H N N 283 
MET HG2  H N N 284 
MET HG3  H N N 285 
MET HE1  H N N 286 
MET HE2  H N N 287 
MET HE3  H N N 288 
MET HXT  H N N 289 
PHE N    N N N 290 
PHE CA   C N S 291 
PHE C    C N N 292 
PHE O    O N N 293 
PHE CB   C N N 294 
PHE CG   C Y N 295 
PHE CD1  C Y N 296 
PHE CD2  C Y N 297 
PHE CE1  C Y N 298 
PHE CE2  C Y N 299 
PHE CZ   C Y N 300 
PHE OXT  O N N 301 
PHE H    H N N 302 
PHE H2   H N N 303 
PHE HA   H N N 304 
PHE HB2  H N N 305 
PHE HB3  H N N 306 
PHE HD1  H N N 307 
PHE HD2  H N N 308 
PHE HE1  H N N 309 
PHE HE2  H N N 310 
PHE HZ   H N N 311 
PHE HXT  H N N 312 
PRO N    N N N 313 
PRO CA   C N S 314 
PRO C    C N N 315 
PRO O    O N N 316 
PRO CB   C N N 317 
PRO CG   C N N 318 
PRO CD   C N N 319 
PRO OXT  O N N 320 
PRO H    H N N 321 
PRO HA   H N N 322 
PRO HB2  H N N 323 
PRO HB3  H N N 324 
PRO HG2  H N N 325 
PRO HG3  H N N 326 
PRO HD2  H N N 327 
PRO HD3  H N N 328 
PRO HXT  H N N 329 
SER N    N N N 330 
SER CA   C N S 331 
SER C    C N N 332 
SER O    O N N 333 
SER CB   C N N 334 
SER OG   O N N 335 
SER OXT  O N N 336 
SER H    H N N 337 
SER H2   H N N 338 
SER HA   H N N 339 
SER HB2  H N N 340 
SER HB3  H N N 341 
SER HG   H N N 342 
SER HXT  H N N 343 
THR N    N N N 344 
THR CA   C N S 345 
THR C    C N N 346 
THR O    O N N 347 
THR CB   C N R 348 
THR OG1  O N N 349 
THR CG2  C N N 350 
THR OXT  O N N 351 
THR H    H N N 352 
THR H2   H N N 353 
THR HA   H N N 354 
THR HB   H N N 355 
THR HG1  H N N 356 
THR HG21 H N N 357 
THR HG22 H N N 358 
THR HG23 H N N 359 
THR HXT  H N N 360 
TRP N    N N N 361 
TRP CA   C N S 362 
TRP C    C N N 363 
TRP O    O N N 364 
TRP CB   C N N 365 
TRP CG   C Y N 366 
TRP CD1  C Y N 367 
TRP CD2  C Y N 368 
TRP NE1  N Y N 369 
TRP CE2  C Y N 370 
TRP CE3  C Y N 371 
TRP CZ2  C Y N 372 
TRP CZ3  C Y N 373 
TRP CH2  C Y N 374 
TRP OXT  O N N 375 
TRP H    H N N 376 
TRP H2   H N N 377 
TRP HA   H N N 378 
TRP HB2  H N N 379 
TRP HB3  H N N 380 
TRP HD1  H N N 381 
TRP HE1  H N N 382 
TRP HE3  H N N 383 
TRP HZ2  H N N 384 
TRP HZ3  H N N 385 
TRP HH2  H N N 386 
TRP HXT  H N N 387 
TYR N    N N N 388 
TYR CA   C N S 389 
TYR C    C N N 390 
TYR O    O N N 391 
TYR CB   C N N 392 
TYR CG   C Y N 393 
TYR CD1  C Y N 394 
TYR CD2  C Y N 395 
TYR CE1  C Y N 396 
TYR CE2  C Y N 397 
TYR CZ   C Y N 398 
TYR OH   O N N 399 
TYR OXT  O N N 400 
TYR H    H N N 401 
TYR H2   H N N 402 
TYR HA   H N N 403 
TYR HB2  H N N 404 
TYR HB3  H N N 405 
TYR HD1  H N N 406 
TYR HD2  H N N 407 
TYR HE1  H N N 408 
TYR HE2  H N N 409 
TYR HH   H N N 410 
TYR HXT  H N N 411 
VAL N    N N N 412 
VAL CA   C N S 413 
VAL C    C N N 414 
VAL O    O N N 415 
VAL CB   C N N 416 
VAL CG1  C N N 417 
VAL CG2  C N N 418 
VAL OXT  O N N 419 
VAL H    H N N 420 
VAL H2   H N N 421 
VAL HA   H N N 422 
VAL HB   H N N 423 
VAL HG11 H N N 424 
VAL HG12 H N N 425 
VAL HG13 H N N 426 
VAL HG21 H N N 427 
VAL HG22 H N N 428 
VAL HG23 H N N 429 
VAL HXT  H N N 430 
# 
loop_
_chem_comp_bond.comp_id 
_chem_comp_bond.atom_id_1 
_chem_comp_bond.atom_id_2 
_chem_comp_bond.value_order 
_chem_comp_bond.pdbx_aromatic_flag 
_chem_comp_bond.pdbx_stereo_config 
_chem_comp_bond.pdbx_ordinal 
ALA N   CA   sing N N 1   
ALA N   H    sing N N 2   
ALA N   H2   sing N N 3   
ALA CA  C    sing N N 4   
ALA CA  CB   sing N N 5   
ALA CA  HA   sing N N 6   
ALA C   O    doub N N 7   
ALA C   OXT  sing N N 8   
ALA CB  HB1  sing N N 9   
ALA CB  HB2  sing N N 10  
ALA CB  HB3  sing N N 11  
ALA OXT HXT  sing N N 12  
ARG N   CA   sing N N 13  
ARG N   H    sing N N 14  
ARG N   H2   sing N N 15  
ARG CA  C    sing N N 16  
ARG CA  CB   sing N N 17  
ARG CA  HA   sing N N 18  
ARG C   O    doub N N 19  
ARG C   OXT  sing N N 20  
ARG CB  CG   sing N N 21  
ARG CB  HB2  sing N N 22  
ARG CB  HB3  sing N N 23  
ARG CG  CD   sing N N 24  
ARG CG  HG2  sing N N 25  
ARG CG  HG3  sing N N 26  
ARG CD  NE   sing N N 27  
ARG CD  HD2  sing N N 28  
ARG CD  HD3  sing N N 29  
ARG NE  CZ   sing N N 30  
ARG NE  HE   sing N N 31  
ARG CZ  NH1  sing N N 32  
ARG CZ  NH2  doub N N 33  
ARG NH1 HH11 sing N N 34  
ARG NH1 HH12 sing N N 35  
ARG NH2 HH21 sing N N 36  
ARG NH2 HH22 sing N N 37  
ARG OXT HXT  sing N N 38  
ASN N   CA   sing N N 39  
ASN N   H    sing N N 40  
ASN N   H2   sing N N 41  
ASN CA  C    sing N N 42  
ASN CA  CB   sing N N 43  
ASN CA  HA   sing N N 44  
ASN C   O    doub N N 45  
ASN C   OXT  sing N N 46  
ASN CB  CG   sing N N 47  
ASN CB  HB2  sing N N 48  
ASN CB  HB3  sing N N 49  
ASN CG  OD1  doub N N 50  
ASN CG  ND2  sing N N 51  
ASN ND2 HD21 sing N N 52  
ASN ND2 HD22 sing N N 53  
ASN OXT HXT  sing N N 54  
ASP N   CA   sing N N 55  
ASP N   H    sing N N 56  
ASP N   H2   sing N N 57  
ASP CA  C    sing N N 58  
ASP CA  CB   sing N N 59  
ASP CA  HA   sing N N 60  
ASP C   O    doub N N 61  
ASP C   OXT  sing N N 62  
ASP CB  CG   sing N N 63  
ASP CB  HB2  sing N N 64  
ASP CB  HB3  sing N N 65  
ASP CG  OD1  doub N N 66  
ASP CG  OD2  sing N N 67  
ASP OD2 HD2  sing N N 68  
ASP OXT HXT  sing N N 69  
FJ6 O27 C26  doub N N 70  
FJ6 N25 C15  sing N N 71  
FJ6 N25 C26  sing N N 72  
FJ6 O14 C15  sing Y N 73  
FJ6 O14 N13  sing Y N 74  
FJ6 C15 C16  doub Y N 75  
FJ6 C26 C28  sing N N 76  
FJ6 N13 C10  doub Y N 77  
FJ6 C28 C29  sing N N 78  
FJ6 C28 C30  sing N N 79  
FJ6 C16 C10  sing Y N 80  
FJ6 C16 C17  sing N N 81  
FJ6 C29 C30  sing N N 82  
FJ6 C10 C01  sing N N 83  
FJ6 C22 C17  doub Y N 84  
FJ6 C22 C21  sing Y N 85  
FJ6 C17 C18  sing Y N 86  
FJ6 C01 C02  doub Y N 87  
FJ6 C01 C06  sing Y N 88  
FJ6 C21 C20  doub Y N 89  
FJ6 O07 C06  sing N N 90  
FJ6 C02 C03  sing Y N 91  
FJ6 C06 C05  doub Y N 92  
FJ6 C18 C19  doub Y N 93  
FJ6 C11 C09  sing N N 94  
FJ6 C20 C19  sing Y N 95  
FJ6 C20 O23  sing N N 96  
FJ6 C03 C09  sing N N 97  
FJ6 C03 C04  doub Y N 98  
FJ6 C12 C09  sing N N 99  
FJ6 C05 C04  sing Y N 100 
FJ6 C04 O08  sing N N 101 
FJ6 O23 C24  sing N N 102 
FJ6 C02 H1   sing N N 103 
FJ6 C05 H2   sing N N 104 
FJ6 O07 H3   sing N N 105 
FJ6 O08 H4   sing N N 106 
FJ6 C09 H5   sing N N 107 
FJ6 C11 H6   sing N N 108 
FJ6 C11 H7   sing N N 109 
FJ6 C11 H8   sing N N 110 
FJ6 C12 H9   sing N N 111 
FJ6 C12 H10  sing N N 112 
FJ6 C12 H11  sing N N 113 
FJ6 C18 H12  sing N N 114 
FJ6 C19 H13  sing N N 115 
FJ6 C21 H14  sing N N 116 
FJ6 C22 H15  sing N N 117 
FJ6 C24 H16  sing N N 118 
FJ6 C24 H17  sing N N 119 
FJ6 C24 H18  sing N N 120 
FJ6 N25 H19  sing N N 121 
FJ6 C28 H20  sing N N 122 
FJ6 C29 H21  sing N N 123 
FJ6 C29 H22  sing N N 124 
FJ6 C30 H23  sing N N 125 
FJ6 C30 H24  sing N N 126 
GLN N   CA   sing N N 127 
GLN N   H    sing N N 128 
GLN N   H2   sing N N 129 
GLN CA  C    sing N N 130 
GLN CA  CB   sing N N 131 
GLN CA  HA   sing N N 132 
GLN C   O    doub N N 133 
GLN C   OXT  sing N N 134 
GLN CB  CG   sing N N 135 
GLN CB  HB2  sing N N 136 
GLN CB  HB3  sing N N 137 
GLN CG  CD   sing N N 138 
GLN CG  HG2  sing N N 139 
GLN CG  HG3  sing N N 140 
GLN CD  OE1  doub N N 141 
GLN CD  NE2  sing N N 142 
GLN NE2 HE21 sing N N 143 
GLN NE2 HE22 sing N N 144 
GLN OXT HXT  sing N N 145 
GLU N   CA   sing N N 146 
GLU N   H    sing N N 147 
GLU N   H2   sing N N 148 
GLU CA  C    sing N N 149 
GLU CA  CB   sing N N 150 
GLU CA  HA   sing N N 151 
GLU C   O    doub N N 152 
GLU C   OXT  sing N N 153 
GLU CB  CG   sing N N 154 
GLU CB  HB2  sing N N 155 
GLU CB  HB3  sing N N 156 
GLU CG  CD   sing N N 157 
GLU CG  HG2  sing N N 158 
GLU CG  HG3  sing N N 159 
GLU CD  OE1  doub N N 160 
GLU CD  OE2  sing N N 161 
GLU OE2 HE2  sing N N 162 
GLU OXT HXT  sing N N 163 
GLY N   CA   sing N N 164 
GLY N   H    sing N N 165 
GLY N   H2   sing N N 166 
GLY CA  C    sing N N 167 
GLY CA  HA2  sing N N 168 
GLY CA  HA3  sing N N 169 
GLY C   O    doub N N 170 
GLY C   OXT  sing N N 171 
GLY OXT HXT  sing N N 172 
HIS N   CA   sing N N 173 
HIS N   H    sing N N 174 
HIS N   H2   sing N N 175 
HIS CA  C    sing N N 176 
HIS CA  CB   sing N N 177 
HIS CA  HA   sing N N 178 
HIS C   O    doub N N 179 
HIS C   OXT  sing N N 180 
HIS CB  CG   sing N N 181 
HIS CB  HB2  sing N N 182 
HIS CB  HB3  sing N N 183 
HIS CG  ND1  sing Y N 184 
HIS CG  CD2  doub Y N 185 
HIS ND1 CE1  doub Y N 186 
HIS ND1 HD1  sing N N 187 
HIS CD2 NE2  sing Y N 188 
HIS CD2 HD2  sing N N 189 
HIS CE1 NE2  sing Y N 190 
HIS CE1 HE1  sing N N 191 
HIS NE2 HE2  sing N N 192 
HIS OXT HXT  sing N N 193 
HOH O   H1   sing N N 194 
HOH O   H2   sing N N 195 
ILE N   CA   sing N N 196 
ILE N   H    sing N N 197 
ILE N   H2   sing N N 198 
ILE CA  C    sing N N 199 
ILE CA  CB   sing N N 200 
ILE CA  HA   sing N N 201 
ILE C   O    doub N N 202 
ILE C   OXT  sing N N 203 
ILE CB  CG1  sing N N 204 
ILE CB  CG2  sing N N 205 
ILE CB  HB   sing N N 206 
ILE CG1 CD1  sing N N 207 
ILE CG1 HG12 sing N N 208 
ILE CG1 HG13 sing N N 209 
ILE CG2 HG21 sing N N 210 
ILE CG2 HG22 sing N N 211 
ILE CG2 HG23 sing N N 212 
ILE CD1 HD11 sing N N 213 
ILE CD1 HD12 sing N N 214 
ILE CD1 HD13 sing N N 215 
ILE OXT HXT  sing N N 216 
LEU N   CA   sing N N 217 
LEU N   H    sing N N 218 
LEU N   H2   sing N N 219 
LEU CA  C    sing N N 220 
LEU CA  CB   sing N N 221 
LEU CA  HA   sing N N 222 
LEU C   O    doub N N 223 
LEU C   OXT  sing N N 224 
LEU CB  CG   sing N N 225 
LEU CB  HB2  sing N N 226 
LEU CB  HB3  sing N N 227 
LEU CG  CD1  sing N N 228 
LEU CG  CD2  sing N N 229 
LEU CG  HG   sing N N 230 
LEU CD1 HD11 sing N N 231 
LEU CD1 HD12 sing N N 232 
LEU CD1 HD13 sing N N 233 
LEU CD2 HD21 sing N N 234 
LEU CD2 HD22 sing N N 235 
LEU CD2 HD23 sing N N 236 
LEU OXT HXT  sing N N 237 
LYS N   CA   sing N N 238 
LYS N   H    sing N N 239 
LYS N   H2   sing N N 240 
LYS CA  C    sing N N 241 
LYS CA  CB   sing N N 242 
LYS CA  HA   sing N N 243 
LYS C   O    doub N N 244 
LYS C   OXT  sing N N 245 
LYS CB  CG   sing N N 246 
LYS CB  HB2  sing N N 247 
LYS CB  HB3  sing N N 248 
LYS CG  CD   sing N N 249 
LYS CG  HG2  sing N N 250 
LYS CG  HG3  sing N N 251 
LYS CD  CE   sing N N 252 
LYS CD  HD2  sing N N 253 
LYS CD  HD3  sing N N 254 
LYS CE  NZ   sing N N 255 
LYS CE  HE2  sing N N 256 
LYS CE  HE3  sing N N 257 
LYS NZ  HZ1  sing N N 258 
LYS NZ  HZ2  sing N N 259 
LYS NZ  HZ3  sing N N 260 
LYS OXT HXT  sing N N 261 
MET N   CA   sing N N 262 
MET N   H    sing N N 263 
MET N   H2   sing N N 264 
MET CA  C    sing N N 265 
MET CA  CB   sing N N 266 
MET CA  HA   sing N N 267 
MET C   O    doub N N 268 
MET C   OXT  sing N N 269 
MET CB  CG   sing N N 270 
MET CB  HB2  sing N N 271 
MET CB  HB3  sing N N 272 
MET CG  SD   sing N N 273 
MET CG  HG2  sing N N 274 
MET CG  HG3  sing N N 275 
MET SD  CE   sing N N 276 
MET CE  HE1  sing N N 277 
MET CE  HE2  sing N N 278 
MET CE  HE3  sing N N 279 
MET OXT HXT  sing N N 280 
PHE N   CA   sing N N 281 
PHE N   H    sing N N 282 
PHE N   H2   sing N N 283 
PHE CA  C    sing N N 284 
PHE CA  CB   sing N N 285 
PHE CA  HA   sing N N 286 
PHE C   O    doub N N 287 
PHE C   OXT  sing N N 288 
PHE CB  CG   sing N N 289 
PHE CB  HB2  sing N N 290 
PHE CB  HB3  sing N N 291 
PHE CG  CD1  doub Y N 292 
PHE CG  CD2  sing Y N 293 
PHE CD1 CE1  sing Y N 294 
PHE CD1 HD1  sing N N 295 
PHE CD2 CE2  doub Y N 296 
PHE CD2 HD2  sing N N 297 
PHE CE1 CZ   doub Y N 298 
PHE CE1 HE1  sing N N 299 
PHE CE2 CZ   sing Y N 300 
PHE CE2 HE2  sing N N 301 
PHE CZ  HZ   sing N N 302 
PHE OXT HXT  sing N N 303 
PRO N   CA   sing N N 304 
PRO N   CD   sing N N 305 
PRO N   H    sing N N 306 
PRO CA  C    sing N N 307 
PRO CA  CB   sing N N 308 
PRO CA  HA   sing N N 309 
PRO C   O    doub N N 310 
PRO C   OXT  sing N N 311 
PRO CB  CG   sing N N 312 
PRO CB  HB2  sing N N 313 
PRO CB  HB3  sing N N 314 
PRO CG  CD   sing N N 315 
PRO CG  HG2  sing N N 316 
PRO CG  HG3  sing N N 317 
PRO CD  HD2  sing N N 318 
PRO CD  HD3  sing N N 319 
PRO OXT HXT  sing N N 320 
SER N   CA   sing N N 321 
SER N   H    sing N N 322 
SER N   H2   sing N N 323 
SER CA  C    sing N N 324 
SER CA  CB   sing N N 325 
SER CA  HA   sing N N 326 
SER C   O    doub N N 327 
SER C   OXT  sing N N 328 
SER CB  OG   sing N N 329 
SER CB  HB2  sing N N 330 
SER CB  HB3  sing N N 331 
SER OG  HG   sing N N 332 
SER OXT HXT  sing N N 333 
THR N   CA   sing N N 334 
THR N   H    sing N N 335 
THR N   H2   sing N N 336 
THR CA  C    sing N N 337 
THR CA  CB   sing N N 338 
THR CA  HA   sing N N 339 
THR C   O    doub N N 340 
THR C   OXT  sing N N 341 
THR CB  OG1  sing N N 342 
THR CB  CG2  sing N N 343 
THR CB  HB   sing N N 344 
THR OG1 HG1  sing N N 345 
THR CG2 HG21 sing N N 346 
THR CG2 HG22 sing N N 347 
THR CG2 HG23 sing N N 348 
THR OXT HXT  sing N N 349 
TRP N   CA   sing N N 350 
TRP N   H    sing N N 351 
TRP N   H2   sing N N 352 
TRP CA  C    sing N N 353 
TRP CA  CB   sing N N 354 
TRP CA  HA   sing N N 355 
TRP C   O    doub N N 356 
TRP C   OXT  sing N N 357 
TRP CB  CG   sing N N 358 
TRP CB  HB2  sing N N 359 
TRP CB  HB3  sing N N 360 
TRP CG  CD1  doub Y N 361 
TRP CG  CD2  sing Y N 362 
TRP CD1 NE1  sing Y N 363 
TRP CD1 HD1  sing N N 364 
TRP CD2 CE2  doub Y N 365 
TRP CD2 CE3  sing Y N 366 
TRP NE1 CE2  sing Y N 367 
TRP NE1 HE1  sing N N 368 
TRP CE2 CZ2  sing Y N 369 
TRP CE3 CZ3  doub Y N 370 
TRP CE3 HE3  sing N N 371 
TRP CZ2 CH2  doub Y N 372 
TRP CZ2 HZ2  sing N N 373 
TRP CZ3 CH2  sing Y N 374 
TRP CZ3 HZ3  sing N N 375 
TRP CH2 HH2  sing N N 376 
TRP OXT HXT  sing N N 377 
TYR N   CA   sing N N 378 
TYR N   H    sing N N 379 
TYR N   H2   sing N N 380 
TYR CA  C    sing N N 381 
TYR CA  CB   sing N N 382 
TYR CA  HA   sing N N 383 
TYR C   O    doub N N 384 
TYR C   OXT  sing N N 385 
TYR CB  CG   sing N N 386 
TYR CB  HB2  sing N N 387 
TYR CB  HB3  sing N N 388 
TYR CG  CD1  doub Y N 389 
TYR CG  CD2  sing Y N 390 
TYR CD1 CE1  sing Y N 391 
TYR CD1 HD1  sing N N 392 
TYR CD2 CE2  doub Y N 393 
TYR CD2 HD2  sing N N 394 
TYR CE1 CZ   doub Y N 395 
TYR CE1 HE1  sing N N 396 
TYR CE2 CZ   sing Y N 397 
TYR CE2 HE2  sing N N 398 
TYR CZ  OH   sing N N 399 
TYR OH  HH   sing N N 400 
TYR OXT HXT  sing N N 401 
VAL N   CA   sing N N 402 
VAL N   H    sing N N 403 
VAL N   H2   sing N N 404 
VAL CA  C    sing N N 405 
VAL CA  CB   sing N N 406 
VAL CA  HA   sing N N 407 
VAL C   O    doub N N 408 
VAL C   OXT  sing N N 409 
VAL CB  CG1  sing N N 410 
VAL CB  CG2  sing N N 411 
VAL CB  HB   sing N N 412 
VAL CG1 HG11 sing N N 413 
VAL CG1 HG12 sing N N 414 
VAL CG1 HG13 sing N N 415 
VAL CG2 HG21 sing N N 416 
VAL CG2 HG22 sing N N 417 
VAL CG2 HG23 sing N N 418 
VAL OXT HXT  sing N N 419 
# 
loop_
_pdbx_entity_nonpoly.entity_id 
_pdbx_entity_nonpoly.name 
_pdbx_entity_nonpoly.comp_id 
2 'N-{3-[2,4-dihydroxy-5-(propan-2-yl)phenyl]-4-(4-methoxyphenyl)-1,2-oxazol-5-yl}cyclopropanecarboxamide' FJ6 
3 water                                                                                                    HOH 
# 
_pdbx_initial_refinement_model.id               1 
_pdbx_initial_refinement_model.entity_id_list   ? 
_pdbx_initial_refinement_model.type             'experimental model' 
_pdbx_initial_refinement_model.source_name      PDB 
_pdbx_initial_refinement_model.accession_code   3T0Z 
_pdbx_initial_refinement_model.details          ? 
# 
